data_1UCA
# 
_entry.id   1UCA 
# 
_audit_conform.dict_name       mmcif_pdbx.dic 
_audit_conform.dict_version    5.397 
_audit_conform.dict_location   http://mmcif.pdb.org/dictionaries/ascii/mmcif_pdbx.dic 
# 
loop_
_database_2.database_id 
_database_2.database_code 
_database_2.pdbx_database_accession 
_database_2.pdbx_DOI 
PDB   1UCA         pdb_00001uca 10.2210/pdb1uca/pdb 
RCSB  RCSB005670   ?            ?                   
WWPDB D_1000005670 ?            ?                   
# 
loop_
_pdbx_audit_revision_history.ordinal 
_pdbx_audit_revision_history.data_content_type 
_pdbx_audit_revision_history.major_revision 
_pdbx_audit_revision_history.minor_revision 
_pdbx_audit_revision_history.revision_date 
1 'Structure model' 1 0 2003-04-29 
2 'Structure model' 1 1 2008-04-27 
3 'Structure model' 1 2 2011-07-13 
4 'Structure model' 1 3 2023-10-25 
5 'Structure model' 1 4 2024-10-30 
# 
_pdbx_audit_revision_details.ordinal             1 
_pdbx_audit_revision_details.revision_ordinal    1 
_pdbx_audit_revision_details.data_content_type   'Structure model' 
_pdbx_audit_revision_details.provider            repository 
_pdbx_audit_revision_details.type                'Initial release' 
_pdbx_audit_revision_details.description         ? 
_pdbx_audit_revision_details.details             ? 
# 
loop_
_pdbx_audit_revision_group.ordinal 
_pdbx_audit_revision_group.revision_ordinal 
_pdbx_audit_revision_group.data_content_type 
_pdbx_audit_revision_group.group 
1 2 'Structure model' 'Version format compliance' 
2 3 'Structure model' 'Version format compliance' 
3 4 'Structure model' 'Data collection'           
4 4 'Structure model' 'Database references'       
5 4 'Structure model' 'Derived calculations'      
6 4 'Structure model' 'Refinement description'    
7 5 'Structure model' 'Structure summary'         
# 
loop_
_pdbx_audit_revision_category.ordinal 
_pdbx_audit_revision_category.revision_ordinal 
_pdbx_audit_revision_category.data_content_type 
_pdbx_audit_revision_category.category 
1 4 'Structure model' chem_comp_atom                
2 4 'Structure model' chem_comp_bond                
3 4 'Structure model' database_2                    
4 4 'Structure model' pdbx_initial_refinement_model 
5 4 'Structure model' struct_site                   
6 5 'Structure model' pdbx_entry_details            
7 5 'Structure model' pdbx_modification_feature     
# 
loop_
_pdbx_audit_revision_item.ordinal 
_pdbx_audit_revision_item.revision_ordinal 
_pdbx_audit_revision_item.data_content_type 
_pdbx_audit_revision_item.item 
1 4 'Structure model' '_database_2.pdbx_DOI'                
2 4 'Structure model' '_database_2.pdbx_database_accession' 
3 4 'Structure model' '_struct_site.pdbx_auth_asym_id'      
4 4 'Structure model' '_struct_site.pdbx_auth_comp_id'      
5 4 'Structure model' '_struct_site.pdbx_auth_seq_id'       
# 
_pdbx_database_status.status_code                     REL 
_pdbx_database_status.entry_id                        1UCA 
_pdbx_database_status.recvd_initial_deposition_date   2003-04-10 
_pdbx_database_status.deposit_site                    PDBJ 
_pdbx_database_status.process_site                    PDBJ 
_pdbx_database_status.SG_entry                        . 
_pdbx_database_status.pdb_format_compatible           Y 
_pdbx_database_status.status_code_mr                  ? 
_pdbx_database_status.status_code_sf                  ? 
_pdbx_database_status.status_code_cs                  ? 
_pdbx_database_status.status_code_nmr_data            ? 
_pdbx_database_status.methods_development_category    ? 
# 
loop_
_pdbx_database_related.db_name 
_pdbx_database_related.db_id 
_pdbx_database_related.details 
_pdbx_database_related.content_type 
PDB 1BK7 'Substrate-free form'                    unspecified 
PDB 1UCC 
;the same protein complexed with 3'-UMP
;
unspecified 
# 
loop_
_audit_author.name 
_audit_author.pdbx_ordinal 
'Suzuki, A.'   1 
'Yao, M.'      2 
'Tanaka, I.'   3 
'Numata, T.'   4 
'Kikukawa, S.' 5 
'Yamasaki, N.' 6 
'Kimura, M.'   7 
# 
_citation.id                        primary 
_citation.title                     
;Crystal structures of the ribonuclease MC1 from bitter gourd seeds, complexed with 2'-UMP or 3'-UMP, reveal structural basis for uridine specificity
;
_citation.journal_abbrev            Biochem.Biophys.Res.Commun. 
_citation.journal_volume            275 
_citation.page_first                572 
_citation.page_last                 576 
_citation.year                      2000 
_citation.journal_id_ASTM           BBRCA9 
_citation.country                   US 
_citation.journal_id_ISSN           0006-291X 
_citation.journal_id_CSD            0146 
_citation.book_publisher            ? 
_citation.pdbx_database_id_PubMed   10964705 
_citation.pdbx_database_id_DOI      10.1006/bbrc.2000.3318 
# 
loop_
_citation_author.citation_id 
_citation_author.name 
_citation_author.ordinal 
_citation_author.identifier_ORCID 
primary 'Suzuki, A.'   1 ? 
primary 'Yao, M.'      2 ? 
primary 'Tanaka, I.'   3 ? 
primary 'Numata, T.'   4 ? 
primary 'Kikukawa, S.' 5 ? 
primary 'Yamasaki, N.' 6 ? 
primary 'Kimura, M.'   7 ? 
# 
loop_
_entity.id 
_entity.type 
_entity.src_method 
_entity.pdbx_description 
_entity.formula_weight 
_entity.pdbx_number_of_molecules 
_entity.pdbx_ec 
_entity.pdbx_mutation 
_entity.pdbx_fragment 
_entity.details 
1 polymer     nat 'Ribonuclease MC' 21227.010 1   3.1.27.1 ? ? ? 
2 non-polymer syn 
'PHOSPHORIC ACID MONO-[2-(2,4-DIOXO-3,4-DIHYDRO-2H-PYRIMIDIN-1-YL)-4-HYDROXY-5-HYDROXYMETHYL-TETRAHYDRO-FURAN-3-YL] ESTER' 324.181 
1   ?        ? ? ? 
3 water       nat water 18.015    139 ?        ? ? ? 
# 
_entity_name_com.entity_id   1 
_entity_name_com.name        'Ribonuclease MC1' 
# 
_entity_poly.entity_id                      1 
_entity_poly.type                           'polypeptide(L)' 
_entity_poly.nstd_linkage                   no 
_entity_poly.nstd_monomer                   no 
_entity_poly.pdbx_seq_one_letter_code       
;FDSFWFVQQWPPAVCSFQKSGSCPGSGLRTFTIHGLWPQQSGTSLTNCPGSPFDITKISHLQSQLNTLWPNVLRANNQQF
WSHEWTKHGTCSESTFNQAAYFKLAVDMRNNYDIIGALRPHAAGPNGRTKSRQAIKGFLKAKFGKFPGLRCRTDPQTKVS
YLVQVVACFAQDGSTLIDCTRDTCGANFIF
;
_entity_poly.pdbx_seq_one_letter_code_can   
;FDSFWFVQQWPPAVCSFQKSGSCPGSGLRTFTIHGLWPQQSGTSLTNCPGSPFDITKISHLQSQLNTLWPNVLRANNQQF
WSHEWTKHGTCSESTFNQAAYFKLAVDMRNNYDIIGALRPHAAGPNGRTKSRQAIKGFLKAKFGKFPGLRCRTDPQTKVS
YLVQVVACFAQDGSTLIDCTRDTCGANFIF
;
_entity_poly.pdbx_strand_id                 A 
_entity_poly.pdbx_target_identifier         ? 
# 
loop_
_pdbx_entity_nonpoly.entity_id 
_pdbx_entity_nonpoly.name 
_pdbx_entity_nonpoly.comp_id 
2 'PHOSPHORIC ACID MONO-[2-(2,4-DIOXO-3,4-DIHYDRO-2H-PYRIMIDIN-1-YL)-4-HYDROXY-5-HYDROXYMETHYL-TETRAHYDRO-FURAN-3-YL] ESTER' U2P 
3 water                                                                                                                      HOH 
# 
loop_
_entity_poly_seq.entity_id 
_entity_poly_seq.num 
_entity_poly_seq.mon_id 
_entity_poly_seq.hetero 
1 1   PHE n 
1 2   ASP n 
1 3   SER n 
1 4   PHE n 
1 5   TRP n 
1 6   PHE n 
1 7   VAL n 
1 8   GLN n 
1 9   GLN n 
1 10  TRP n 
1 11  PRO n 
1 12  PRO n 
1 13  ALA n 
1 14  VAL n 
1 15  CYS n 
1 16  SER n 
1 17  PHE n 
1 18  GLN n 
1 19  LYS n 
1 20  SER n 
1 21  GLY n 
1 22  SER n 
1 23  CYS n 
1 24  PRO n 
1 25  GLY n 
1 26  SER n 
1 27  GLY n 
1 28  LEU n 
1 29  ARG n 
1 30  THR n 
1 31  PHE n 
1 32  THR n 
1 33  ILE n 
1 34  HIS n 
1 35  GLY n 
1 36  LEU n 
1 37  TRP n 
1 38  PRO n 
1 39  GLN n 
1 40  GLN n 
1 41  SER n 
1 42  GLY n 
1 43  THR n 
1 44  SER n 
1 45  LEU n 
1 46  THR n 
1 47  ASN n 
1 48  CYS n 
1 49  PRO n 
1 50  GLY n 
1 51  SER n 
1 52  PRO n 
1 53  PHE n 
1 54  ASP n 
1 55  ILE n 
1 56  THR n 
1 57  LYS n 
1 58  ILE n 
1 59  SER n 
1 60  HIS n 
1 61  LEU n 
1 62  GLN n 
1 63  SER n 
1 64  GLN n 
1 65  LEU n 
1 66  ASN n 
1 67  THR n 
1 68  LEU n 
1 69  TRP n 
1 70  PRO n 
1 71  ASN n 
1 72  VAL n 
1 73  LEU n 
1 74  ARG n 
1 75  ALA n 
1 76  ASN n 
1 77  ASN n 
1 78  GLN n 
1 79  GLN n 
1 80  PHE n 
1 81  TRP n 
1 82  SER n 
1 83  HIS n 
1 84  GLU n 
1 85  TRP n 
1 86  THR n 
1 87  LYS n 
1 88  HIS n 
1 89  GLY n 
1 90  THR n 
1 91  CYS n 
1 92  SER n 
1 93  GLU n 
1 94  SER n 
1 95  THR n 
1 96  PHE n 
1 97  ASN n 
1 98  GLN n 
1 99  ALA n 
1 100 ALA n 
1 101 TYR n 
1 102 PHE n 
1 103 LYS n 
1 104 LEU n 
1 105 ALA n 
1 106 VAL n 
1 107 ASP n 
1 108 MET n 
1 109 ARG n 
1 110 ASN n 
1 111 ASN n 
1 112 TYR n 
1 113 ASP n 
1 114 ILE n 
1 115 ILE n 
1 116 GLY n 
1 117 ALA n 
1 118 LEU n 
1 119 ARG n 
1 120 PRO n 
1 121 HIS n 
1 122 ALA n 
1 123 ALA n 
1 124 GLY n 
1 125 PRO n 
1 126 ASN n 
1 127 GLY n 
1 128 ARG n 
1 129 THR n 
1 130 LYS n 
1 131 SER n 
1 132 ARG n 
1 133 GLN n 
1 134 ALA n 
1 135 ILE n 
1 136 LYS n 
1 137 GLY n 
1 138 PHE n 
1 139 LEU n 
1 140 LYS n 
1 141 ALA n 
1 142 LYS n 
1 143 PHE n 
1 144 GLY n 
1 145 LYS n 
1 146 PHE n 
1 147 PRO n 
1 148 GLY n 
1 149 LEU n 
1 150 ARG n 
1 151 CYS n 
1 152 ARG n 
1 153 THR n 
1 154 ASP n 
1 155 PRO n 
1 156 GLN n 
1 157 THR n 
1 158 LYS n 
1 159 VAL n 
1 160 SER n 
1 161 TYR n 
1 162 LEU n 
1 163 VAL n 
1 164 GLN n 
1 165 VAL n 
1 166 VAL n 
1 167 ALA n 
1 168 CYS n 
1 169 PHE n 
1 170 ALA n 
1 171 GLN n 
1 172 ASP n 
1 173 GLY n 
1 174 SER n 
1 175 THR n 
1 176 LEU n 
1 177 ILE n 
1 178 ASP n 
1 179 CYS n 
1 180 THR n 
1 181 ARG n 
1 182 ASP n 
1 183 THR n 
1 184 CYS n 
1 185 GLY n 
1 186 ALA n 
1 187 ASN n 
1 188 PHE n 
1 189 ILE n 
1 190 PHE n 
# 
_entity_src_nat.entity_id                  1 
_entity_src_nat.pdbx_src_id                1 
_entity_src_nat.pdbx_alt_source_flag       sample 
_entity_src_nat.pdbx_beg_seq_num           ? 
_entity_src_nat.pdbx_end_seq_num           ? 
_entity_src_nat.common_name                'balsam pear' 
_entity_src_nat.pdbx_organism_scientific   'Momordica charantia' 
_entity_src_nat.pdbx_ncbi_taxonomy_id      3673 
_entity_src_nat.genus                      Momordica 
_entity_src_nat.species                    ? 
_entity_src_nat.strain                     ? 
_entity_src_nat.tissue                     seed 
_entity_src_nat.tissue_fraction            ? 
_entity_src_nat.pdbx_secretion             ? 
_entity_src_nat.pdbx_fragment              ? 
_entity_src_nat.pdbx_variant               ? 
_entity_src_nat.pdbx_cell_line             ? 
_entity_src_nat.pdbx_atcc                  ? 
_entity_src_nat.pdbx_cellular_location     ? 
_entity_src_nat.pdbx_organ                 ? 
_entity_src_nat.pdbx_organelle             ? 
_entity_src_nat.pdbx_cell                  ? 
_entity_src_nat.pdbx_plasmid_name          ? 
_entity_src_nat.pdbx_plasmid_details       ? 
_entity_src_nat.details                    ? 
# 
loop_
_chem_comp.id 
_chem_comp.type 
_chem_comp.mon_nstd_flag 
_chem_comp.name 
_chem_comp.pdbx_synonyms 
_chem_comp.formula 
_chem_comp.formula_weight 
ALA 'L-peptide linking' y ALANINE ?                                               'C3 H7 N O2'     89.093  
ARG 'L-peptide linking' y ARGININE ?                                               'C6 H15 N4 O2 1' 175.209 
ASN 'L-peptide linking' y ASPARAGINE ?                                               'C4 H8 N2 O3'    132.118 
ASP 'L-peptide linking' y 'ASPARTIC ACID' ?                                               'C4 H7 N O4'     133.103 
CYS 'L-peptide linking' y CYSTEINE ?                                               'C3 H7 N O2 S'   121.158 
GLN 'L-peptide linking' y GLUTAMINE ?                                               'C5 H10 N2 O3'   146.144 
GLU 'L-peptide linking' y 'GLUTAMIC ACID' ?                                               'C5 H9 N O4'     147.129 
GLY 'peptide linking'   y GLYCINE ?                                               'C2 H5 N O2'     75.067  
HIS 'L-peptide linking' y HISTIDINE ?                                               'C6 H10 N3 O2 1' 156.162 
HOH non-polymer         . WATER ?                                               'H2 O'           18.015  
ILE 'L-peptide linking' y ISOLEUCINE ?                                               'C6 H13 N O2'    131.173 
LEU 'L-peptide linking' y LEUCINE ?                                               'C6 H13 N O2'    131.173 
LYS 'L-peptide linking' y LYSINE ?                                               'C6 H15 N2 O2 1' 147.195 
MET 'L-peptide linking' y METHIONINE ?                                               'C5 H11 N O2 S'  149.211 
PHE 'L-peptide linking' y PHENYLALANINE ?                                               'C9 H11 N O2'    165.189 
PRO 'L-peptide linking' y PROLINE ?                                               'C5 H9 N O2'     115.130 
SER 'L-peptide linking' y SERINE ?                                               'C3 H7 N O3'     105.093 
THR 'L-peptide linking' y THREONINE ?                                               'C4 H9 N O3'     119.119 
TRP 'L-peptide linking' y TRYPTOPHAN ?                                               'C11 H12 N2 O2'  204.225 
TYR 'L-peptide linking' y TYROSINE ?                                               'C9 H11 N O3'    181.189 
U2P 'RNA linking'       n 
'PHOSPHORIC ACID MONO-[2-(2,4-DIOXO-3,4-DIHYDRO-2H-PYRIMIDIN-1-YL)-4-HYDROXY-5-HYDROXYMETHYL-TETRAHYDRO-FURAN-3-YL] ESTER' 
;URIDINE-2'-PHOSPHATE; 2'-URIDINEMONOPHOSPHATE
;
'C9 H13 N2 O9 P' 324.181 
VAL 'L-peptide linking' y VALINE ?                                               'C5 H11 N O2'    117.146 
# 
loop_
_pdbx_poly_seq_scheme.asym_id 
_pdbx_poly_seq_scheme.entity_id 
_pdbx_poly_seq_scheme.seq_id 
_pdbx_poly_seq_scheme.mon_id 
_pdbx_poly_seq_scheme.ndb_seq_num 
_pdbx_poly_seq_scheme.pdb_seq_num 
_pdbx_poly_seq_scheme.auth_seq_num 
_pdbx_poly_seq_scheme.pdb_mon_id 
_pdbx_poly_seq_scheme.auth_mon_id 
_pdbx_poly_seq_scheme.pdb_strand_id 
_pdbx_poly_seq_scheme.pdb_ins_code 
_pdbx_poly_seq_scheme.hetero 
A 1 1   PHE 1   1   1   PHE PHE A . n 
A 1 2   ASP 2   2   2   ASP ASP A . n 
A 1 3   SER 3   3   3   SER SER A . n 
A 1 4   PHE 4   4   4   PHE PHE A . n 
A 1 5   TRP 5   5   5   TRP TRP A . n 
A 1 6   PHE 6   6   6   PHE PHE A . n 
A 1 7   VAL 7   7   7   VAL VAL A . n 
A 1 8   GLN 8   8   8   GLN GLN A . n 
A 1 9   GLN 9   9   9   GLN GLN A . n 
A 1 10  TRP 10  10  10  TRP TRP A . n 
A 1 11  PRO 11  11  11  PRO PRO A . n 
A 1 12  PRO 12  12  12  PRO PRO A . n 
A 1 13  ALA 13  13  13  ALA ALA A . n 
A 1 14  VAL 14  14  14  VAL VAL A . n 
A 1 15  CYS 15  15  15  CYS CYS A . n 
A 1 16  SER 16  16  16  SER SER A . n 
A 1 17  PHE 17  17  17  PHE PHE A . n 
A 1 18  GLN 18  18  18  GLN GLN A . n 
A 1 19  LYS 19  19  19  LYS LYS A . n 
A 1 20  SER 20  20  20  SER SER A . n 
A 1 21  GLY 21  21  21  GLY GLY A . n 
A 1 22  SER 22  22  22  SER SER A . n 
A 1 23  CYS 23  23  23  CYS CYS A . n 
A 1 24  PRO 24  24  24  PRO PRO A . n 
A 1 25  GLY 25  25  25  GLY GLY A . n 
A 1 26  SER 26  26  26  SER SER A . n 
A 1 27  GLY 27  27  27  GLY GLY A . n 
A 1 28  LEU 28  28  28  LEU LEU A . n 
A 1 29  ARG 29  29  29  ARG ARG A . n 
A 1 30  THR 30  30  30  THR THR A . n 
A 1 31  PHE 31  31  31  PHE PHE A . n 
A 1 32  THR 32  32  32  THR THR A . n 
A 1 33  ILE 33  33  33  ILE ILE A . n 
A 1 34  HIS 34  34  34  HIS HIS A . n 
A 1 35  GLY 35  35  35  GLY GLY A . n 
A 1 36  LEU 36  36  36  LEU LEU A . n 
A 1 37  TRP 37  37  37  TRP TRP A . n 
A 1 38  PRO 38  38  38  PRO PRO A . n 
A 1 39  GLN 39  39  39  GLN GLN A . n 
A 1 40  GLN 40  40  40  GLN GLN A . n 
A 1 41  SER 41  41  41  SER SER A . n 
A 1 42  GLY 42  42  42  GLY GLY A . n 
A 1 43  THR 43  43  43  THR THR A . n 
A 1 44  SER 44  44  44  SER SER A . n 
A 1 45  LEU 45  45  45  LEU LEU A . n 
A 1 46  THR 46  46  46  THR THR A . n 
A 1 47  ASN 47  47  47  ASN ASN A . n 
A 1 48  CYS 48  48  48  CYS CYS A . n 
A 1 49  PRO 49  49  49  PRO PRO A . n 
A 1 50  GLY 50  50  50  GLY GLY A . n 
A 1 51  SER 51  51  51  SER SER A . n 
A 1 52  PRO 52  52  52  PRO PRO A . n 
A 1 53  PHE 53  53  53  PHE PHE A . n 
A 1 54  ASP 54  54  54  ASP ASP A . n 
A 1 55  ILE 55  55  55  ILE ILE A . n 
A 1 56  THR 56  56  56  THR THR A . n 
A 1 57  LYS 57  57  57  LYS LYS A . n 
A 1 58  ILE 58  58  58  ILE ILE A . n 
A 1 59  SER 59  59  59  SER SER A . n 
A 1 60  HIS 60  60  60  HIS HIS A . n 
A 1 61  LEU 61  61  61  LEU LEU A . n 
A 1 62  GLN 62  62  62  GLN GLN A . n 
A 1 63  SER 63  63  63  SER SER A . n 
A 1 64  GLN 64  64  64  GLN GLN A . n 
A 1 65  LEU 65  65  65  LEU LEU A . n 
A 1 66  ASN 66  66  66  ASN ASN A . n 
A 1 67  THR 67  67  67  THR THR A . n 
A 1 68  LEU 68  68  68  LEU LEU A . n 
A 1 69  TRP 69  69  69  TRP TRP A . n 
A 1 70  PRO 70  70  70  PRO PRO A . n 
A 1 71  ASN 71  71  71  ASN ASN A . n 
A 1 72  VAL 72  72  72  VAL VAL A . n 
A 1 73  LEU 73  73  73  LEU LEU A . n 
A 1 74  ARG 74  74  74  ARG ARG A . n 
A 1 75  ALA 75  75  75  ALA ALA A . n 
A 1 76  ASN 76  76  76  ASN ASN A . n 
A 1 77  ASN 77  77  77  ASN ASN A . n 
A 1 78  GLN 78  78  78  GLN GLN A . n 
A 1 79  GLN 79  79  79  GLN GLN A . n 
A 1 80  PHE 80  80  80  PHE PHE A . n 
A 1 81  TRP 81  81  81  TRP TRP A . n 
A 1 82  SER 82  82  82  SER SER A . n 
A 1 83  HIS 83  83  83  HIS HIS A . n 
A 1 84  GLU 84  84  84  GLU GLU A . n 
A 1 85  TRP 85  85  85  TRP TRP A . n 
A 1 86  THR 86  86  86  THR THR A . n 
A 1 87  LYS 87  87  87  LYS LYS A . n 
A 1 88  HIS 88  88  88  HIS HIS A . n 
A 1 89  GLY 89  89  89  GLY GLY A . n 
A 1 90  THR 90  90  90  THR THR A . n 
A 1 91  CYS 91  91  91  CYS CYS A . n 
A 1 92  SER 92  92  92  SER SER A . n 
A 1 93  GLU 93  93  93  GLU GLU A . n 
A 1 94  SER 94  94  94  SER SER A . n 
A 1 95  THR 95  95  95  THR THR A . n 
A 1 96  PHE 96  96  96  PHE PHE A . n 
A 1 97  ASN 97  97  97  ASN ASN A . n 
A 1 98  GLN 98  98  98  GLN GLN A . n 
A 1 99  ALA 99  99  99  ALA ALA A . n 
A 1 100 ALA 100 100 100 ALA ALA A . n 
A 1 101 TYR 101 101 101 TYR TYR A . n 
A 1 102 PHE 102 102 102 PHE PHE A . n 
A 1 103 LYS 103 103 103 LYS LYS A . n 
A 1 104 LEU 104 104 104 LEU LEU A . n 
A 1 105 ALA 105 105 105 ALA ALA A . n 
A 1 106 VAL 106 106 106 VAL VAL A . n 
A 1 107 ASP 107 107 107 ASP ASP A . n 
A 1 108 MET 108 108 108 MET MET A . n 
A 1 109 ARG 109 109 109 ARG ARG A . n 
A 1 110 ASN 110 110 110 ASN ASN A . n 
A 1 111 ASN 111 111 111 ASN ASN A . n 
A 1 112 TYR 112 112 112 TYR TYR A . n 
A 1 113 ASP 113 113 113 ASP ASP A . n 
A 1 114 ILE 114 114 114 ILE ILE A . n 
A 1 115 ILE 115 115 115 ILE ILE A . n 
A 1 116 GLY 116 116 116 GLY GLY A . n 
A 1 117 ALA 117 117 117 ALA ALA A . n 
A 1 118 LEU 118 118 118 LEU LEU A . n 
A 1 119 ARG 119 119 119 ARG ARG A . n 
A 1 120 PRO 120 120 120 PRO PRO A . n 
A 1 121 HIS 121 121 121 HIS HIS A . n 
A 1 122 ALA 122 122 122 ALA ALA A . n 
A 1 123 ALA 123 123 123 ALA ALA A . n 
A 1 124 GLY 124 124 124 GLY GLY A . n 
A 1 125 PRO 125 125 125 PRO PRO A . n 
A 1 126 ASN 126 126 126 ASN ASN A . n 
A 1 127 GLY 127 127 127 GLY GLY A . n 
A 1 128 ARG 128 128 128 ARG ARG A . n 
A 1 129 THR 129 129 129 THR THR A . n 
A 1 130 LYS 130 130 130 LYS LYS A . n 
A 1 131 SER 131 131 131 SER SER A . n 
A 1 132 ARG 132 132 132 ARG ARG A . n 
A 1 133 GLN 133 133 133 GLN GLN A . n 
A 1 134 ALA 134 134 134 ALA ALA A . n 
A 1 135 ILE 135 135 135 ILE ILE A . n 
A 1 136 LYS 136 136 136 LYS LYS A . n 
A 1 137 GLY 137 137 137 GLY GLY A . n 
A 1 138 PHE 138 138 138 PHE PHE A . n 
A 1 139 LEU 139 139 139 LEU LEU A . n 
A 1 140 LYS 140 140 140 LYS LYS A . n 
A 1 141 ALA 141 141 141 ALA ALA A . n 
A 1 142 LYS 142 142 142 LYS LYS A . n 
A 1 143 PHE 143 143 143 PHE PHE A . n 
A 1 144 GLY 144 144 144 GLY GLY A . n 
A 1 145 LYS 145 145 145 LYS LYS A . n 
A 1 146 PHE 146 146 146 PHE PHE A . n 
A 1 147 PRO 147 147 147 PRO PRO A . n 
A 1 148 GLY 148 148 148 GLY GLY A . n 
A 1 149 LEU 149 149 149 LEU LEU A . n 
A 1 150 ARG 150 150 150 ARG ARG A . n 
A 1 151 CYS 151 151 151 CYS CYS A . n 
A 1 152 ARG 152 152 152 ARG ARG A . n 
A 1 153 THR 153 153 153 THR THR A . n 
A 1 154 ASP 154 154 154 ASP ASP A . n 
A 1 155 PRO 155 155 155 PRO PRO A . n 
A 1 156 GLN 156 156 156 GLN GLN A . n 
A 1 157 THR 157 157 157 THR THR A . n 
A 1 158 LYS 158 158 158 LYS LYS A . n 
A 1 159 VAL 159 159 159 VAL VAL A . n 
A 1 160 SER 160 160 160 SER SER A . n 
A 1 161 TYR 161 161 161 TYR TYR A . n 
A 1 162 LEU 162 162 162 LEU LEU A . n 
A 1 163 VAL 163 163 163 VAL VAL A . n 
A 1 164 GLN 164 164 164 GLN GLN A . n 
A 1 165 VAL 165 165 165 VAL VAL A . n 
A 1 166 VAL 166 166 166 VAL VAL A . n 
A 1 167 ALA 167 167 167 ALA ALA A . n 
A 1 168 CYS 168 168 168 CYS CYS A . n 
A 1 169 PHE 169 169 169 PHE PHE A . n 
A 1 170 ALA 170 170 170 ALA ALA A . n 
A 1 171 GLN 171 171 171 GLN GLN A . n 
A 1 172 ASP 172 172 172 ASP ASP A . n 
A 1 173 GLY 173 173 173 GLY GLY A . n 
A 1 174 SER 174 174 174 SER SER A . n 
A 1 175 THR 175 175 175 THR THR A . n 
A 1 176 LEU 176 176 176 LEU LEU A . n 
A 1 177 ILE 177 177 177 ILE ILE A . n 
A 1 178 ASP 178 178 178 ASP ASP A . n 
A 1 179 CYS 179 179 179 CYS CYS A . n 
A 1 180 THR 180 180 180 THR THR A . n 
A 1 181 ARG 181 181 181 ARG ARG A . n 
A 1 182 ASP 182 182 182 ASP ASP A . n 
A 1 183 THR 183 183 183 THR THR A . n 
A 1 184 CYS 184 184 184 CYS CYS A . n 
A 1 185 GLY 185 185 185 GLY GLY A . n 
A 1 186 ALA 186 186 186 ALA ALA A . n 
A 1 187 ASN 187 187 187 ASN ASN A . n 
A 1 188 PHE 188 188 188 PHE PHE A . n 
A 1 189 ILE 189 189 189 ILE ILE A . n 
A 1 190 PHE 190 190 190 PHE PHE A . n 
# 
loop_
_pdbx_nonpoly_scheme.asym_id 
_pdbx_nonpoly_scheme.entity_id 
_pdbx_nonpoly_scheme.mon_id 
_pdbx_nonpoly_scheme.ndb_seq_num 
_pdbx_nonpoly_scheme.pdb_seq_num 
_pdbx_nonpoly_scheme.auth_seq_num 
_pdbx_nonpoly_scheme.pdb_mon_id 
_pdbx_nonpoly_scheme.auth_mon_id 
_pdbx_nonpoly_scheme.pdb_strand_id 
_pdbx_nonpoly_scheme.pdb_ins_code 
B 2 U2P 1   400 400 U2P UMP A . 
C 3 HOH 1   200 200 HOH WAT A . 
C 3 HOH 2   201 201 HOH WAT A . 
C 3 HOH 3   202 202 HOH WAT A . 
C 3 HOH 4   203 203 HOH WAT A . 
C 3 HOH 5   204 204 HOH WAT A . 
C 3 HOH 6   205 205 HOH WAT A . 
C 3 HOH 7   206 206 HOH WAT A . 
C 3 HOH 8   207 207 HOH WAT A . 
C 3 HOH 9   208 208 HOH WAT A . 
C 3 HOH 10  209 209 HOH WAT A . 
C 3 HOH 11  210 210 HOH WAT A . 
C 3 HOH 12  211 211 HOH WAT A . 
C 3 HOH 13  212 212 HOH WAT A . 
C 3 HOH 14  213 213 HOH WAT A . 
C 3 HOH 15  214 214 HOH WAT A . 
C 3 HOH 16  215 215 HOH WAT A . 
C 3 HOH 17  216 216 HOH WAT A . 
C 3 HOH 18  217 217 HOH WAT A . 
C 3 HOH 19  218 218 HOH WAT A . 
C 3 HOH 20  219 219 HOH WAT A . 
C 3 HOH 21  220 220 HOH WAT A . 
C 3 HOH 22  221 221 HOH WAT A . 
C 3 HOH 23  222 222 HOH WAT A . 
C 3 HOH 24  223 223 HOH WAT A . 
C 3 HOH 25  224 224 HOH WAT A . 
C 3 HOH 26  225 225 HOH WAT A . 
C 3 HOH 27  226 226 HOH WAT A . 
C 3 HOH 28  227 227 HOH WAT A . 
C 3 HOH 29  228 228 HOH WAT A . 
C 3 HOH 30  229 229 HOH WAT A . 
C 3 HOH 31  230 230 HOH WAT A . 
C 3 HOH 32  231 231 HOH WAT A . 
C 3 HOH 33  232 232 HOH WAT A . 
C 3 HOH 34  233 233 HOH WAT A . 
C 3 HOH 35  234 234 HOH WAT A . 
C 3 HOH 36  235 235 HOH WAT A . 
C 3 HOH 37  236 236 HOH WAT A . 
C 3 HOH 38  237 237 HOH WAT A . 
C 3 HOH 39  238 238 HOH WAT A . 
C 3 HOH 40  239 239 HOH WAT A . 
C 3 HOH 41  240 240 HOH WAT A . 
C 3 HOH 42  241 241 HOH WAT A . 
C 3 HOH 43  242 242 HOH WAT A . 
C 3 HOH 44  243 243 HOH WAT A . 
C 3 HOH 45  244 244 HOH WAT A . 
C 3 HOH 46  245 245 HOH WAT A . 
C 3 HOH 47  246 246 HOH WAT A . 
C 3 HOH 48  247 247 HOH WAT A . 
C 3 HOH 49  248 248 HOH WAT A . 
C 3 HOH 50  249 249 HOH WAT A . 
C 3 HOH 51  250 250 HOH WAT A . 
C 3 HOH 52  251 251 HOH WAT A . 
C 3 HOH 53  252 252 HOH WAT A . 
C 3 HOH 54  253 253 HOH WAT A . 
C 3 HOH 55  254 254 HOH WAT A . 
C 3 HOH 56  255 255 HOH WAT A . 
C 3 HOH 57  256 256 HOH WAT A . 
C 3 HOH 58  257 257 HOH WAT A . 
C 3 HOH 59  258 258 HOH WAT A . 
C 3 HOH 60  259 259 HOH WAT A . 
C 3 HOH 61  260 260 HOH WAT A . 
C 3 HOH 62  261 261 HOH WAT A . 
C 3 HOH 63  262 262 HOH WAT A . 
C 3 HOH 64  263 263 HOH WAT A . 
C 3 HOH 65  264 264 HOH WAT A . 
C 3 HOH 66  265 265 HOH WAT A . 
C 3 HOH 67  266 266 HOH WAT A . 
C 3 HOH 68  267 267 HOH WAT A . 
C 3 HOH 69  268 268 HOH WAT A . 
C 3 HOH 70  269 269 HOH WAT A . 
C 3 HOH 71  270 270 HOH WAT A . 
C 3 HOH 72  271 271 HOH WAT A . 
C 3 HOH 73  272 272 HOH WAT A . 
C 3 HOH 74  273 273 HOH WAT A . 
C 3 HOH 75  274 274 HOH WAT A . 
C 3 HOH 76  275 275 HOH WAT A . 
C 3 HOH 77  276 276 HOH WAT A . 
C 3 HOH 78  277 277 HOH WAT A . 
C 3 HOH 79  278 278 HOH WAT A . 
C 3 HOH 80  279 279 HOH WAT A . 
C 3 HOH 81  280 280 HOH WAT A . 
C 3 HOH 82  281 281 HOH WAT A . 
C 3 HOH 83  282 282 HOH WAT A . 
C 3 HOH 84  283 283 HOH WAT A . 
C 3 HOH 85  284 284 HOH WAT A . 
C 3 HOH 86  285 285 HOH WAT A . 
C 3 HOH 87  286 286 HOH WAT A . 
C 3 HOH 88  287 287 HOH WAT A . 
C 3 HOH 89  288 288 HOH WAT A . 
C 3 HOH 90  289 289 HOH WAT A . 
C 3 HOH 91  290 290 HOH WAT A . 
C 3 HOH 92  291 291 HOH WAT A . 
C 3 HOH 93  292 292 HOH WAT A . 
C 3 HOH 94  293 293 HOH WAT A . 
C 3 HOH 95  294 294 HOH WAT A . 
C 3 HOH 96  295 295 HOH WAT A . 
C 3 HOH 97  296 296 HOH WAT A . 
C 3 HOH 98  297 297 HOH WAT A . 
C 3 HOH 99  298 298 HOH WAT A . 
C 3 HOH 100 299 299 HOH WAT A . 
C 3 HOH 101 300 300 HOH WAT A . 
C 3 HOH 102 301 301 HOH WAT A . 
C 3 HOH 103 302 302 HOH WAT A . 
C 3 HOH 104 303 303 HOH WAT A . 
C 3 HOH 105 304 304 HOH WAT A . 
C 3 HOH 106 305 305 HOH WAT A . 
C 3 HOH 107 306 306 HOH WAT A . 
C 3 HOH 108 307 307 HOH WAT A . 
C 3 HOH 109 308 308 HOH WAT A . 
C 3 HOH 110 309 309 HOH WAT A . 
C 3 HOH 111 310 310 HOH WAT A . 
C 3 HOH 112 311 311 HOH WAT A . 
C 3 HOH 113 312 312 HOH WAT A . 
C 3 HOH 114 313 313 HOH WAT A . 
C 3 HOH 115 314 314 HOH WAT A . 
C 3 HOH 116 315 315 HOH WAT A . 
C 3 HOH 117 316 316 HOH WAT A . 
C 3 HOH 118 317 317 HOH WAT A . 
C 3 HOH 119 318 318 HOH WAT A . 
C 3 HOH 120 319 319 HOH WAT A . 
C 3 HOH 121 320 320 HOH WAT A . 
C 3 HOH 122 321 321 HOH WAT A . 
C 3 HOH 123 322 322 HOH WAT A . 
C 3 HOH 124 323 323 HOH WAT A . 
C 3 HOH 125 324 324 HOH WAT A . 
C 3 HOH 126 325 325 HOH WAT A . 
C 3 HOH 127 326 326 HOH WAT A . 
C 3 HOH 128 327 327 HOH WAT A . 
C 3 HOH 129 328 328 HOH WAT A . 
C 3 HOH 130 329 329 HOH WAT A . 
C 3 HOH 131 330 330 HOH WAT A . 
C 3 HOH 132 331 331 HOH WAT A . 
C 3 HOH 133 332 332 HOH WAT A . 
C 3 HOH 134 333 333 HOH WAT A . 
C 3 HOH 135 334 334 HOH WAT A . 
C 3 HOH 136 335 335 HOH WAT A . 
C 3 HOH 137 336 336 HOH WAT A . 
C 3 HOH 138 337 337 HOH WAT A . 
C 3 HOH 139 338 338 HOH WAT A . 
# 
loop_
_software.name 
_software.classification 
_software.version 
_software.citation_id 
_software.pdbx_ordinal 
MOSFLM 'data reduction' .         ? 1 
SCALA  'data scaling'   .         ? 2 
AMoRE  phasing          .         ? 3 
CNS    refinement       1.0       ? 4 
CCP4   'data scaling'   '(SCALA)' ? 5 
# 
_cell.entry_id           1UCA 
_cell.length_a           38.81 
_cell.length_b           67.94 
_cell.length_c           75.61 
_cell.angle_alpha        90 
_cell.angle_beta         90 
_cell.angle_gamma        90 
_cell.pdbx_unique_axis   ? 
_cell.Z_PDB              4 
# 
_symmetry.entry_id                         1UCA 
_symmetry.space_group_name_H-M             'P 21 21 21' 
_symmetry.pdbx_full_space_group_name_H-M   ? 
_symmetry.Int_Tables_number                19 
_symmetry.cell_setting                     ? 
# 
_exptl.entry_id          1UCA 
_exptl.method            'X-RAY DIFFRACTION' 
_exptl.crystals_number   1 
# 
_exptl_crystal.id                    1 
_exptl_crystal.density_meas          ? 
_exptl_crystal.density_Matthews      2.35 
_exptl_crystal.density_percent_sol   47.59 
_exptl_crystal.description           ? 
# 
_exptl_crystal_grow.crystal_id      1 
_exptl_crystal_grow.method          'VAPOR DIFFUSION, HANGING DROP' 
_exptl_crystal_grow.temp            293 
_exptl_crystal_grow.temp_details    ? 
_exptl_crystal_grow.pH              6.7 
_exptl_crystal_grow.pdbx_details    
'PEG 8000, sodium acetate, sodium cacodylate, pH 6.7, VAPOR DIFFUSION, HANGING DROP, temperature 293K' 
_exptl_crystal_grow.pdbx_pH_range   ? 
# 
_diffrn.id                     1 
_diffrn.ambient_temp           298 
_diffrn.ambient_temp_details   ? 
_diffrn.crystal_id             1 
# 
_diffrn_detector.diffrn_id              1 
_diffrn_detector.detector               CCD 
_diffrn_detector.type                   MARRESEARCH 
_diffrn_detector.pdbx_collection_date   1999-10-12 
_diffrn_detector.details                mirrors 
# 
_diffrn_radiation.diffrn_id                        1 
_diffrn_radiation.wavelength_id                    1 
_diffrn_radiation.pdbx_monochromatic_or_laue_m_l   M 
_diffrn_radiation.monochromator                    Mirror 
_diffrn_radiation.pdbx_diffrn_protocol             'SINGLE WAVELENGTH' 
_diffrn_radiation.pdbx_scattering_type             x-ray 
# 
_diffrn_radiation_wavelength.id           1 
_diffrn_radiation_wavelength.wavelength   0.7 
_diffrn_radiation_wavelength.wt           1.0 
# 
_diffrn_source.diffrn_id                   1 
_diffrn_source.source                      SYNCHROTRON 
_diffrn_source.type                        'SPRING-8 BEAMLINE BL44B2' 
_diffrn_source.pdbx_synchrotron_site       SPring-8 
_diffrn_source.pdbx_synchrotron_beamline   BL44B2 
_diffrn_source.pdbx_wavelength             ? 
_diffrn_source.pdbx_wavelength_list        0.7 
# 
_reflns.entry_id                     1UCA 
_reflns.observed_criterion_sigma_F   ? 
_reflns.observed_criterion_sigma_I   3.0 
_reflns.d_resolution_high            1.48 
_reflns.d_resolution_low             19.4 
_reflns.number_all                   32714 
_reflns.number_obs                   31397 
_reflns.percent_possible_obs         92.9 
_reflns.pdbx_Rmerge_I_obs            0.075 
_reflns.pdbx_Rsym_value              0.065 
_reflns.pdbx_netI_over_sigmaI        6.8 
_reflns.B_iso_Wilson_estimate        15.594 
_reflns.pdbx_redundancy              3.6 
_reflns.R_free_details               ? 
_reflns.limit_h_max                  ? 
_reflns.limit_h_min                  ? 
_reflns.limit_k_max                  ? 
_reflns.limit_k_min                  ? 
_reflns.limit_l_max                  ? 
_reflns.limit_l_min                  ? 
_reflns.observed_criterion_F_max     ? 
_reflns.observed_criterion_F_min     ? 
_reflns.pdbx_diffrn_id               1 
_reflns.pdbx_ordinal                 1 
# 
_reflns_shell.d_res_high             1.48 
_reflns_shell.d_res_low              1.56 
_reflns_shell.percent_possible_all   91.7 
_reflns_shell.Rmerge_I_obs           0.5 
_reflns_shell.pdbx_Rsym_value        0.433 
_reflns_shell.meanI_over_sigI_obs    1.5 
_reflns_shell.pdbx_redundancy        3.3 
_reflns_shell.percent_possible_obs   ? 
_reflns_shell.number_unique_all      4457 
_reflns_shell.pdbx_diffrn_id         ? 
_reflns_shell.pdbx_ordinal           1 
# 
_refine.entry_id                                 1UCA 
_refine.ls_d_res_high                            1.48 
_refine.ls_d_res_low                             10.0 
_refine.pdbx_ls_sigma_F                          0.0 
_refine.pdbx_ls_sigma_I                          ? 
_refine.ls_number_reflns_all                     29671 
_refine.ls_number_reflns_obs                     31119 
_refine.ls_number_reflns_R_free                  1448 
_refine.ls_percent_reflns_obs                    91.7 
_refine.ls_R_factor_all                          ? 
_refine.ls_R_factor_obs                          ? 
_refine.ls_R_factor_R_work                       0.194 
_refine.ls_R_factor_R_free                       0.213 
_refine.ls_redundancy_reflns_obs                 ? 
_refine.pdbx_data_cutoff_high_absF               ? 
_refine.pdbx_data_cutoff_low_absF                ? 
_refine.ls_number_parameters                     ? 
_refine.ls_number_restraints                     ? 
_refine.ls_percent_reflns_R_free                 ? 
_refine.ls_R_factor_R_free_error                 ? 
_refine.ls_R_factor_R_free_error_details         ? 
_refine.pdbx_method_to_determine_struct          'MOLECULAR REPLACEMENT' 
_refine.pdbx_starting_model                      'PDB ENTRY 1BK7' 
_refine.pdbx_ls_cross_valid_method               THROUGHOUT 
_refine.pdbx_R_Free_selection_details            random 
_refine.pdbx_stereochem_target_val_spec_case     ? 
_refine.pdbx_stereochemistry_target_values       'Engh & Huber' 
_refine.solvent_model_details                    ? 
_refine.solvent_model_param_bsol                 ? 
_refine.solvent_model_param_ksol                 ? 
_refine.occupancy_max                            ? 
_refine.occupancy_min                            ? 
_refine.pdbx_isotropic_thermal_model             isotropic 
_refine.B_iso_mean                               19.73 
_refine.aniso_B[1][1]                            1.755 
_refine.aniso_B[1][2]                            0.000 
_refine.aniso_B[1][3]                            0.000 
_refine.aniso_B[2][2]                            -3.721 
_refine.aniso_B[2][3]                            0.000 
_refine.aniso_B[3][3]                            1.966 
_refine.details                                  ? 
_refine.B_iso_min                                ? 
_refine.B_iso_max                                ? 
_refine.correlation_coeff_Fo_to_Fc               ? 
_refine.correlation_coeff_Fo_to_Fc_free          ? 
_refine.pdbx_solvent_vdw_probe_radii             ? 
_refine.pdbx_solvent_ion_probe_radii             ? 
_refine.pdbx_solvent_shrinkage_radii             ? 
_refine.overall_SU_R_Cruickshank_DPI             ? 
_refine.overall_SU_R_free                        ? 
_refine.overall_SU_B                             ? 
_refine.overall_SU_ML                            ? 
_refine.pdbx_overall_ESU_R                       ? 
_refine.pdbx_overall_ESU_R_Free                  ? 
_refine.pdbx_data_cutoff_high_rms_absF           ? 
_refine.pdbx_refine_id                           'X-RAY DIFFRACTION' 
_refine.pdbx_diffrn_id                           1 
_refine.pdbx_TLS_residual_ADP_flag               ? 
_refine.pdbx_overall_phase_error                 ? 
_refine.pdbx_overall_SU_R_free_Cruickshank_DPI   ? 
_refine.pdbx_overall_SU_R_Blow_DPI               ? 
_refine.pdbx_overall_SU_R_free_Blow_DPI          ? 
# 
_refine_analyze.entry_id                        1UCA 
_refine_analyze.Luzzati_coordinate_error_obs    0.17 
_refine_analyze.Luzzati_sigma_a_obs             0.12 
_refine_analyze.Luzzati_d_res_low_obs           5.0 
_refine_analyze.Luzzati_coordinate_error_free   0.19 
_refine_analyze.Luzzati_sigma_a_free            0.16 
_refine_analyze.Luzzati_d_res_low_free          ? 
_refine_analyze.number_disordered_residues      ? 
_refine_analyze.occupancy_sum_non_hydrogen      ? 
_refine_analyze.occupancy_sum_hydrogen          ? 
_refine_analyze.pdbx_Luzzati_d_res_high_obs     ? 
_refine_analyze.pdbx_refine_id                  'X-RAY DIFFRACTION' 
# 
_refine_hist.pdbx_refine_id                   'X-RAY DIFFRACTION' 
_refine_hist.cycle_id                         LAST 
_refine_hist.pdbx_number_atoms_protein        1496 
_refine_hist.pdbx_number_atoms_nucleic_acid   0 
_refine_hist.pdbx_number_atoms_ligand         21 
_refine_hist.number_atoms_solvent             139 
_refine_hist.number_atoms_total               1656 
_refine_hist.d_res_high                       1.48 
_refine_hist.d_res_low                        10.0 
# 
loop_
_refine_ls_restr.type 
_refine_ls_restr.dev_ideal 
_refine_ls_restr.dev_ideal_target 
_refine_ls_restr.weight 
_refine_ls_restr.number 
_refine_ls_restr.pdbx_refine_id 
_refine_ls_restr.pdbx_restraint_function 
c_angle_deg        1.659 ? ? ? 'X-RAY DIFFRACTION' ? 
c_bond_d           0.005 ? ? ? 'X-RAY DIFFRACTION' ? 
c_dihedral_angle_d 22.90 ? ? ? 'X-RAY DIFFRACTION' ? 
c_improper_angle_d 1.050 ? ? ? 'X-RAY DIFFRACTION' ? 
# 
_refine_ls_shell.pdbx_total_number_of_bins_used   ? 
_refine_ls_shell.d_res_high                       1.48 
_refine_ls_shell.d_res_low                        1.53 
_refine_ls_shell.number_reflns_R_work             ? 
_refine_ls_shell.R_factor_R_work                  0.253 
_refine_ls_shell.percent_reflns_obs               0.861 
_refine_ls_shell.R_factor_R_free                  0.29 
_refine_ls_shell.R_factor_R_free_error            ? 
_refine_ls_shell.percent_reflns_R_free            ? 
_refine_ls_shell.number_reflns_R_free             166 
_refine_ls_shell.number_reflns_obs                2863 
_refine_ls_shell.redundancy_reflns_obs            ? 
_refine_ls_shell.number_reflns_all                ? 
_refine_ls_shell.pdbx_refine_id                   'X-RAY DIFFRACTION' 
_refine_ls_shell.R_factor_all                     ? 
# 
_struct.entry_id                  1UCA 
_struct.title                     
;Crystal structure of the Ribonuclease MC1 from bitter gourd seeds complexed with 2'-UMP
;
_struct.pdbx_model_details        ? 
_struct.pdbx_CASP_flag            ? 
_struct.pdbx_model_type_details   ? 
# 
_struct_keywords.entry_id        1UCA 
_struct_keywords.pdbx_keywords   HYDROLASE 
_struct_keywords.text            'alpha plus beta, hydrolase' 
# 
loop_
_struct_asym.id 
_struct_asym.pdbx_blank_PDB_chainid_flag 
_struct_asym.pdbx_modified 
_struct_asym.entity_id 
_struct_asym.details 
A N N 1 ? 
B N N 2 ? 
C N N 3 ? 
# 
_struct_ref.id                         1 
_struct_ref.db_name                    UNP 
_struct_ref.db_code                    RNMC_MOMCH 
_struct_ref.entity_id                  1 
_struct_ref.pdbx_seq_one_letter_code   
;FDSFWFVQQWPPAVCSFQKSGSCPGSGLRTFTIHGLWPQGSGTSLTNCPQGSPFDITKISHLQSQLNTLWPNVLRANNQQ
FWSHEWTKHGTCSESTFNQAAYFKLAVDMRNNYDIIGALRPHAAGPNGRTKSRQAIKGFLKAKFGKFPGLRCRTDPQTKV
SYLVQVVACFAQDGSTLIDCTRDTCGANFIF
;
_struct_ref.pdbx_align_begin           1 
_struct_ref.pdbx_db_accession          P23540 
_struct_ref.pdbx_db_isoform            ? 
# 
_struct_ref_seq.align_id                      1 
_struct_ref_seq.ref_id                        1 
_struct_ref_seq.pdbx_PDB_id_code              1UCA 
_struct_ref_seq.pdbx_strand_id                A 
_struct_ref_seq.seq_align_beg                 1 
_struct_ref_seq.pdbx_seq_align_beg_ins_code   ? 
_struct_ref_seq.seq_align_end                 190 
_struct_ref_seq.pdbx_seq_align_end_ins_code   ? 
_struct_ref_seq.pdbx_db_accession             P23540 
_struct_ref_seq.db_align_beg                  1 
_struct_ref_seq.pdbx_db_align_beg_ins_code    ? 
_struct_ref_seq.db_align_end                  191 
_struct_ref_seq.pdbx_db_align_end_ins_code    ? 
_struct_ref_seq.pdbx_auth_seq_align_beg       1 
_struct_ref_seq.pdbx_auth_seq_align_end       190 
# 
loop_
_struct_ref_seq_dif.align_id 
_struct_ref_seq_dif.pdbx_pdb_id_code 
_struct_ref_seq_dif.mon_id 
_struct_ref_seq_dif.pdbx_pdb_strand_id 
_struct_ref_seq_dif.seq_num 
_struct_ref_seq_dif.pdbx_pdb_ins_code 
_struct_ref_seq_dif.pdbx_seq_db_name 
_struct_ref_seq_dif.pdbx_seq_db_accession_code 
_struct_ref_seq_dif.db_mon_id 
_struct_ref_seq_dif.pdbx_seq_db_seq_num 
_struct_ref_seq_dif.details 
_struct_ref_seq_dif.pdbx_auth_seq_num 
_struct_ref_seq_dif.pdbx_ordinal 
1 1UCA GLN A 40 ? UNP P23540 GLY 40 'SEE REMARK 999' 40 1 
1 1UCA ?   A ?  ? UNP P23540 GLN 50 'SEE REMARK 999' ?  2 
# 
_pdbx_struct_assembly.id                   1 
_pdbx_struct_assembly.details              author_defined_assembly 
_pdbx_struct_assembly.method_details       ? 
_pdbx_struct_assembly.oligomeric_details   monomeric 
_pdbx_struct_assembly.oligomeric_count     1 
# 
_pdbx_struct_assembly_gen.assembly_id       1 
_pdbx_struct_assembly_gen.oper_expression   1 
_pdbx_struct_assembly_gen.asym_id_list      A,B,C 
# 
_pdbx_struct_oper_list.id                   1 
_pdbx_struct_oper_list.type                 'identity operation' 
_pdbx_struct_oper_list.name                 1_555 
_pdbx_struct_oper_list.symmetry_operation   x,y,z 
_pdbx_struct_oper_list.matrix[1][1]         1.0000000000 
_pdbx_struct_oper_list.matrix[1][2]         0.0000000000 
_pdbx_struct_oper_list.matrix[1][3]         0.0000000000 
_pdbx_struct_oper_list.vector[1]            0.0000000000 
_pdbx_struct_oper_list.matrix[2][1]         0.0000000000 
_pdbx_struct_oper_list.matrix[2][2]         1.0000000000 
_pdbx_struct_oper_list.matrix[2][3]         0.0000000000 
_pdbx_struct_oper_list.vector[2]            0.0000000000 
_pdbx_struct_oper_list.matrix[3][1]         0.0000000000 
_pdbx_struct_oper_list.matrix[3][2]         0.0000000000 
_pdbx_struct_oper_list.matrix[3][3]         1.0000000000 
_pdbx_struct_oper_list.vector[3]            0.0000000000 
# 
_struct_biol.id                    1 
_struct_biol.details               'The bilogical unit is a monomer in the asymmetric unit.' 
_struct_biol.pdbx_parent_biol_id   ? 
# 
loop_
_struct_conf.conf_type_id 
_struct_conf.id 
_struct_conf.pdbx_PDB_helix_id 
_struct_conf.beg_label_comp_id 
_struct_conf.beg_label_asym_id 
_struct_conf.beg_label_seq_id 
_struct_conf.pdbx_beg_PDB_ins_code 
_struct_conf.end_label_comp_id 
_struct_conf.end_label_asym_id 
_struct_conf.end_label_seq_id 
_struct_conf.pdbx_end_PDB_ins_code 
_struct_conf.beg_auth_comp_id 
_struct_conf.beg_auth_asym_id 
_struct_conf.beg_auth_seq_id 
_struct_conf.end_auth_comp_id 
_struct_conf.end_auth_asym_id 
_struct_conf.end_auth_seq_id 
_struct_conf.pdbx_PDB_helix_class 
_struct_conf.details 
_struct_conf.pdbx_PDB_helix_length 
HELX_P HELX_P1  1  TRP A 10  ? PHE A 17  ? TRP A 10  PHE A 17  1 ? 8  
HELX_P HELX_P2  2  CYS A 23  ? LEU A 28  ? CYS A 23  LEU A 28  5 ? 6  
HELX_P HELX_P3  3  ASP A 54  ? HIS A 60  ? ASP A 54  HIS A 60  5 ? 7  
HELX_P HELX_P4  4  LEU A 61  ? TRP A 69  ? LEU A 61  TRP A 69  1 ? 9  
HELX_P HELX_P5  5  ASN A 76  ? HIS A 88  ? ASN A 76  HIS A 88  1 ? 13 
HELX_P HELX_P6  6  GLY A 89  ? GLU A 93  ? GLY A 89  GLU A 93  5 ? 5  
HELX_P HELX_P7  7  ASN A 97  ? TYR A 112 ? ASN A 97  TYR A 112 1 ? 16 
HELX_P HELX_P8  8  ASP A 113 ? ARG A 119 ? ASP A 113 ARG A 119 1 ? 7  
HELX_P HELX_P9  9  PRO A 120 ? ALA A 122 ? PRO A 120 ALA A 122 5 ? 3  
HELX_P HELX_P10 10 ARG A 132 ? GLY A 144 ? ARG A 132 GLY A 144 1 ? 13 
# 
_struct_conf_type.id          HELX_P 
_struct_conf_type.criteria    ? 
_struct_conf_type.reference   ? 
# 
loop_
_struct_conn.id 
_struct_conn.conn_type_id 
_struct_conn.pdbx_leaving_atom_flag 
_struct_conn.pdbx_PDB_id 
_struct_conn.ptnr1_label_asym_id 
_struct_conn.ptnr1_label_comp_id 
_struct_conn.ptnr1_label_seq_id 
_struct_conn.ptnr1_label_atom_id 
_struct_conn.pdbx_ptnr1_label_alt_id 
_struct_conn.pdbx_ptnr1_PDB_ins_code 
_struct_conn.pdbx_ptnr1_standard_comp_id 
_struct_conn.ptnr1_symmetry 
_struct_conn.ptnr2_label_asym_id 
_struct_conn.ptnr2_label_comp_id 
_struct_conn.ptnr2_label_seq_id 
_struct_conn.ptnr2_label_atom_id 
_struct_conn.pdbx_ptnr2_label_alt_id 
_struct_conn.pdbx_ptnr2_PDB_ins_code 
_struct_conn.ptnr1_auth_asym_id 
_struct_conn.ptnr1_auth_comp_id 
_struct_conn.ptnr1_auth_seq_id 
_struct_conn.ptnr2_auth_asym_id 
_struct_conn.ptnr2_auth_comp_id 
_struct_conn.ptnr2_auth_seq_id 
_struct_conn.ptnr2_symmetry 
_struct_conn.pdbx_ptnr3_label_atom_id 
_struct_conn.pdbx_ptnr3_label_seq_id 
_struct_conn.pdbx_ptnr3_label_comp_id 
_struct_conn.pdbx_ptnr3_label_asym_id 
_struct_conn.pdbx_ptnr3_label_alt_id 
_struct_conn.pdbx_ptnr3_PDB_ins_code 
_struct_conn.details 
_struct_conn.pdbx_dist_value 
_struct_conn.pdbx_value_order 
_struct_conn.pdbx_role 
disulf1 disulf ? ? A CYS 15  SG ? ? ? 1_555 A CYS 23  SG ? ? A CYS 15  A CYS 23  1_555 ? ? ? ? ? ? ? 2.029 ? ? 
disulf2 disulf ? ? A CYS 48  SG ? ? ? 1_555 A CYS 91  SG ? ? A CYS 48  A CYS 91  1_555 ? ? ? ? ? ? ? 2.029 ? ? 
disulf3 disulf ? ? A CYS 151 SG ? ? ? 1_555 A CYS 184 SG ? ? A CYS 151 A CYS 184 1_555 ? ? ? ? ? ? ? 2.031 ? ? 
disulf4 disulf ? ? A CYS 168 SG ? ? ? 1_555 A CYS 179 SG ? ? A CYS 168 A CYS 179 1_555 ? ? ? ? ? ? ? 2.032 ? ? 
# 
_struct_conn_type.id          disulf 
_struct_conn_type.criteria    ? 
_struct_conn_type.reference   ? 
# 
loop_
_pdbx_modification_feature.ordinal 
_pdbx_modification_feature.label_comp_id 
_pdbx_modification_feature.label_asym_id 
_pdbx_modification_feature.label_seq_id 
_pdbx_modification_feature.label_alt_id 
_pdbx_modification_feature.modified_residue_label_comp_id 
_pdbx_modification_feature.modified_residue_label_asym_id 
_pdbx_modification_feature.modified_residue_label_seq_id 
_pdbx_modification_feature.modified_residue_label_alt_id 
_pdbx_modification_feature.auth_comp_id 
_pdbx_modification_feature.auth_asym_id 
_pdbx_modification_feature.auth_seq_id 
_pdbx_modification_feature.PDB_ins_code 
_pdbx_modification_feature.symmetry 
_pdbx_modification_feature.modified_residue_auth_comp_id 
_pdbx_modification_feature.modified_residue_auth_asym_id 
_pdbx_modification_feature.modified_residue_auth_seq_id 
_pdbx_modification_feature.modified_residue_PDB_ins_code 
_pdbx_modification_feature.modified_residue_symmetry 
_pdbx_modification_feature.comp_id_linking_atom 
_pdbx_modification_feature.modified_residue_id_linking_atom 
_pdbx_modification_feature.modified_residue_id 
_pdbx_modification_feature.ref_pcm_id 
_pdbx_modification_feature.ref_comp_id 
_pdbx_modification_feature.type 
_pdbx_modification_feature.category 
1 CYS A 15  ? CYS A 23  ? CYS A 15  ? 1_555 CYS A 23  ? 1_555 SG SG . . . None 'Disulfide bridge' 
2 CYS A 48  ? CYS A 91  ? CYS A 48  ? 1_555 CYS A 91  ? 1_555 SG SG . . . None 'Disulfide bridge' 
3 CYS A 151 ? CYS A 184 ? CYS A 151 ? 1_555 CYS A 184 ? 1_555 SG SG . . . None 'Disulfide bridge' 
4 CYS A 168 ? CYS A 179 ? CYS A 168 ? 1_555 CYS A 179 ? 1_555 SG SG . . . None 'Disulfide bridge' 
# 
loop_
_struct_sheet.id 
_struct_sheet.type 
_struct_sheet.number_strands 
_struct_sheet.details 
A ? 5 ? 
B ? 5 ? 
C ? 2 ? 
# 
loop_
_struct_sheet_order.sheet_id 
_struct_sheet_order.range_id_1 
_struct_sheet_order.range_id_2 
_struct_sheet_order.offset 
_struct_sheet_order.sense 
A 1 2 ? anti-parallel 
A 2 3 ? anti-parallel 
A 3 4 ? anti-parallel 
A 4 5 ? anti-parallel 
B 1 2 ? anti-parallel 
B 2 3 ? anti-parallel 
B 3 4 ? anti-parallel 
B 4 5 ? anti-parallel 
C 1 2 ? anti-parallel 
# 
loop_
_struct_sheet_range.sheet_id 
_struct_sheet_range.id 
_struct_sheet_range.beg_label_comp_id 
_struct_sheet_range.beg_label_asym_id 
_struct_sheet_range.beg_label_seq_id 
_struct_sheet_range.pdbx_beg_PDB_ins_code 
_struct_sheet_range.end_label_comp_id 
_struct_sheet_range.end_label_asym_id 
_struct_sheet_range.end_label_seq_id 
_struct_sheet_range.pdbx_end_PDB_ins_code 
_struct_sheet_range.beg_auth_comp_id 
_struct_sheet_range.beg_auth_asym_id 
_struct_sheet_range.beg_auth_seq_id 
_struct_sheet_range.end_auth_comp_id 
_struct_sheet_range.end_auth_asym_id 
_struct_sheet_range.end_auth_seq_id 
A 1 THR A 43  ? SER A 44  ? THR A 43  SER A 44  
A 2 THR A 32  ? GLN A 40  ? THR A 32  GLN A 40  
A 3 SER A 3   ? GLN A 9   ? SER A 3   GLN A 9   
A 4 SER A 160 ? ALA A 170 ? SER A 160 ALA A 170 
A 5 GLY A 148 ? THR A 153 ? GLY A 148 THR A 153 
B 1 THR A 43  ? SER A 44  ? THR A 43  SER A 44  
B 2 THR A 32  ? GLN A 40  ? THR A 32  GLN A 40  
B 3 SER A 3   ? GLN A 9   ? SER A 3   GLN A 9   
B 4 SER A 160 ? ALA A 170 ? SER A 160 ALA A 170 
B 5 LEU A 176 ? ILE A 177 ? LEU A 176 ILE A 177 
C 1 ARG A 128 ? SER A 131 ? ARG A 128 SER A 131 
C 2 ASN A 187 ? PHE A 190 ? ASN A 187 PHE A 190 
# 
loop_
_pdbx_struct_sheet_hbond.sheet_id 
_pdbx_struct_sheet_hbond.range_id_1 
_pdbx_struct_sheet_hbond.range_id_2 
_pdbx_struct_sheet_hbond.range_1_label_atom_id 
_pdbx_struct_sheet_hbond.range_1_label_comp_id 
_pdbx_struct_sheet_hbond.range_1_label_asym_id 
_pdbx_struct_sheet_hbond.range_1_label_seq_id 
_pdbx_struct_sheet_hbond.range_1_PDB_ins_code 
_pdbx_struct_sheet_hbond.range_1_auth_atom_id 
_pdbx_struct_sheet_hbond.range_1_auth_comp_id 
_pdbx_struct_sheet_hbond.range_1_auth_asym_id 
_pdbx_struct_sheet_hbond.range_1_auth_seq_id 
_pdbx_struct_sheet_hbond.range_2_label_atom_id 
_pdbx_struct_sheet_hbond.range_2_label_comp_id 
_pdbx_struct_sheet_hbond.range_2_label_asym_id 
_pdbx_struct_sheet_hbond.range_2_label_seq_id 
_pdbx_struct_sheet_hbond.range_2_PDB_ins_code 
_pdbx_struct_sheet_hbond.range_2_auth_atom_id 
_pdbx_struct_sheet_hbond.range_2_auth_comp_id 
_pdbx_struct_sheet_hbond.range_2_auth_asym_id 
_pdbx_struct_sheet_hbond.range_2_auth_seq_id 
A 1 2 O THR A 43  ? O THR A 43  N GLN A 40  ? N GLN A 40  
A 2 3 O TRP A 37  ? O TRP A 37  N TRP A 5   ? N TRP A 5   
A 3 4 N PHE A 6   ? N PHE A 6   O ALA A 167 ? O ALA A 167 
A 4 5 O VAL A 166 ? O VAL A 166 N GLY A 148 ? N GLY A 148 
B 1 2 O THR A 43  ? O THR A 43  N GLN A 40  ? N GLN A 40  
B 2 3 O TRP A 37  ? O TRP A 37  N TRP A 5   ? N TRP A 5   
B 3 4 N PHE A 6   ? N PHE A 6   O ALA A 167 ? O ALA A 167 
B 4 5 N CYS A 168 ? N CYS A 168 O ILE A 177 ? O ILE A 177 
C 1 2 N LYS A 130 ? N LYS A 130 O PHE A 188 ? O PHE A 188 
# 
_struct_site.id                   AC1 
_struct_site.pdbx_evidence_code   Software 
_struct_site.pdbx_auth_asym_id    A 
_struct_site.pdbx_auth_comp_id    U2P 
_struct_site.pdbx_auth_seq_id     400 
_struct_site.pdbx_auth_ins_code   ? 
_struct_site.pdbx_num_residues    9 
_struct_site.details              'BINDING SITE FOR RESIDUE U2P A 400' 
# 
loop_
_struct_site_gen.id 
_struct_site_gen.site_id 
_struct_site_gen.pdbx_num_res 
_struct_site_gen.label_comp_id 
_struct_site_gen.label_asym_id 
_struct_site_gen.label_seq_id 
_struct_site_gen.pdbx_auth_ins_code 
_struct_site_gen.auth_comp_id 
_struct_site_gen.auth_asym_id 
_struct_site_gen.auth_seq_id 
_struct_site_gen.label_atom_id 
_struct_site_gen.label_alt_id 
_struct_site_gen.symmetry 
_struct_site_gen.details 
1 AC1 9 GLN A 9  ? GLN A 9   . ? 1_555 ? 
2 AC1 9 ASN A 71 ? ASN A 71  . ? 1_555 ? 
3 AC1 9 VAL A 72 ? VAL A 72  . ? 1_555 ? 
4 AC1 9 LEU A 73 ? LEU A 73  . ? 1_555 ? 
5 AC1 9 PHE A 80 ? PHE A 80  . ? 1_555 ? 
6 AC1 9 HIS A 83 ? HIS A 83  . ? 1_555 ? 
7 AC1 9 LYS A 87 ? LYS A 87  . ? 1_555 ? 
8 AC1 9 HOH C .  ? HOH A 317 . ? 1_555 ? 
9 AC1 9 HOH C .  ? HOH A 336 . ? 1_555 ? 
# 
_pdbx_entry_details.entry_id                   1UCA 
_pdbx_entry_details.compound_details           ? 
_pdbx_entry_details.source_details             ? 
_pdbx_entry_details.nonpolymer_details         ? 
_pdbx_entry_details.sequence_details           ? 
_pdbx_entry_details.has_ligand_of_interest     ? 
_pdbx_entry_details.has_protein_modification   Y 
# 
loop_
_pdbx_validate_torsion.id 
_pdbx_validate_torsion.PDB_model_num 
_pdbx_validate_torsion.auth_comp_id 
_pdbx_validate_torsion.auth_asym_id 
_pdbx_validate_torsion.auth_seq_id 
_pdbx_validate_torsion.PDB_ins_code 
_pdbx_validate_torsion.label_alt_id 
_pdbx_validate_torsion.phi 
_pdbx_validate_torsion.psi 
1 1 ASN A 76  ? ? -153.12 89.66 
2 1 ASN A 126 ? ? -151.27 11.30 
# 
loop_
_chem_comp_atom.comp_id 
_chem_comp_atom.atom_id 
_chem_comp_atom.type_symbol 
_chem_comp_atom.pdbx_aromatic_flag 
_chem_comp_atom.pdbx_stereo_config 
_chem_comp_atom.pdbx_ordinal 
ALA N      N N N 1   
ALA CA     C N S 2   
ALA C      C N N 3   
ALA O      O N N 4   
ALA CB     C N N 5   
ALA OXT    O N N 6   
ALA H      H N N 7   
ALA H2     H N N 8   
ALA HA     H N N 9   
ALA HB1    H N N 10  
ALA HB2    H N N 11  
ALA HB3    H N N 12  
ALA HXT    H N N 13  
ARG N      N N N 14  
ARG CA     C N S 15  
ARG C      C N N 16  
ARG O      O N N 17  
ARG CB     C N N 18  
ARG CG     C N N 19  
ARG CD     C N N 20  
ARG NE     N N N 21  
ARG CZ     C N N 22  
ARG NH1    N N N 23  
ARG NH2    N N N 24  
ARG OXT    O N N 25  
ARG H      H N N 26  
ARG H2     H N N 27  
ARG HA     H N N 28  
ARG HB2    H N N 29  
ARG HB3    H N N 30  
ARG HG2    H N N 31  
ARG HG3    H N N 32  
ARG HD2    H N N 33  
ARG HD3    H N N 34  
ARG HE     H N N 35  
ARG HH11   H N N 36  
ARG HH12   H N N 37  
ARG HH21   H N N 38  
ARG HH22   H N N 39  
ARG HXT    H N N 40  
ASN N      N N N 41  
ASN CA     C N S 42  
ASN C      C N N 43  
ASN O      O N N 44  
ASN CB     C N N 45  
ASN CG     C N N 46  
ASN OD1    O N N 47  
ASN ND2    N N N 48  
ASN OXT    O N N 49  
ASN H      H N N 50  
ASN H2     H N N 51  
ASN HA     H N N 52  
ASN HB2    H N N 53  
ASN HB3    H N N 54  
ASN HD21   H N N 55  
ASN HD22   H N N 56  
ASN HXT    H N N 57  
ASP N      N N N 58  
ASP CA     C N S 59  
ASP C      C N N 60  
ASP O      O N N 61  
ASP CB     C N N 62  
ASP CG     C N N 63  
ASP OD1    O N N 64  
ASP OD2    O N N 65  
ASP OXT    O N N 66  
ASP H      H N N 67  
ASP H2     H N N 68  
ASP HA     H N N 69  
ASP HB2    H N N 70  
ASP HB3    H N N 71  
ASP HD2    H N N 72  
ASP HXT    H N N 73  
CYS N      N N N 74  
CYS CA     C N R 75  
CYS C      C N N 76  
CYS O      O N N 77  
CYS CB     C N N 78  
CYS SG     S N N 79  
CYS OXT    O N N 80  
CYS H      H N N 81  
CYS H2     H N N 82  
CYS HA     H N N 83  
CYS HB2    H N N 84  
CYS HB3    H N N 85  
CYS HG     H N N 86  
CYS HXT    H N N 87  
GLN N      N N N 88  
GLN CA     C N S 89  
GLN C      C N N 90  
GLN O      O N N 91  
GLN CB     C N N 92  
GLN CG     C N N 93  
GLN CD     C N N 94  
GLN OE1    O N N 95  
GLN NE2    N N N 96  
GLN OXT    O N N 97  
GLN H      H N N 98  
GLN H2     H N N 99  
GLN HA     H N N 100 
GLN HB2    H N N 101 
GLN HB3    H N N 102 
GLN HG2    H N N 103 
GLN HG3    H N N 104 
GLN HE21   H N N 105 
GLN HE22   H N N 106 
GLN HXT    H N N 107 
GLU N      N N N 108 
GLU CA     C N S 109 
GLU C      C N N 110 
GLU O      O N N 111 
GLU CB     C N N 112 
GLU CG     C N N 113 
GLU CD     C N N 114 
GLU OE1    O N N 115 
GLU OE2    O N N 116 
GLU OXT    O N N 117 
GLU H      H N N 118 
GLU H2     H N N 119 
GLU HA     H N N 120 
GLU HB2    H N N 121 
GLU HB3    H N N 122 
GLU HG2    H N N 123 
GLU HG3    H N N 124 
GLU HE2    H N N 125 
GLU HXT    H N N 126 
GLY N      N N N 127 
GLY CA     C N N 128 
GLY C      C N N 129 
GLY O      O N N 130 
GLY OXT    O N N 131 
GLY H      H N N 132 
GLY H2     H N N 133 
GLY HA2    H N N 134 
GLY HA3    H N N 135 
GLY HXT    H N N 136 
HIS N      N N N 137 
HIS CA     C N S 138 
HIS C      C N N 139 
HIS O      O N N 140 
HIS CB     C N N 141 
HIS CG     C Y N 142 
HIS ND1    N Y N 143 
HIS CD2    C Y N 144 
HIS CE1    C Y N 145 
HIS NE2    N Y N 146 
HIS OXT    O N N 147 
HIS H      H N N 148 
HIS H2     H N N 149 
HIS HA     H N N 150 
HIS HB2    H N N 151 
HIS HB3    H N N 152 
HIS HD1    H N N 153 
HIS HD2    H N N 154 
HIS HE1    H N N 155 
HIS HE2    H N N 156 
HIS HXT    H N N 157 
HOH O      O N N 158 
HOH H1     H N N 159 
HOH H2     H N N 160 
ILE N      N N N 161 
ILE CA     C N S 162 
ILE C      C N N 163 
ILE O      O N N 164 
ILE CB     C N S 165 
ILE CG1    C N N 166 
ILE CG2    C N N 167 
ILE CD1    C N N 168 
ILE OXT    O N N 169 
ILE H      H N N 170 
ILE H2     H N N 171 
ILE HA     H N N 172 
ILE HB     H N N 173 
ILE HG12   H N N 174 
ILE HG13   H N N 175 
ILE HG21   H N N 176 
ILE HG22   H N N 177 
ILE HG23   H N N 178 
ILE HD11   H N N 179 
ILE HD12   H N N 180 
ILE HD13   H N N 181 
ILE HXT    H N N 182 
LEU N      N N N 183 
LEU CA     C N S 184 
LEU C      C N N 185 
LEU O      O N N 186 
LEU CB     C N N 187 
LEU CG     C N N 188 
LEU CD1    C N N 189 
LEU CD2    C N N 190 
LEU OXT    O N N 191 
LEU H      H N N 192 
LEU H2     H N N 193 
LEU HA     H N N 194 
LEU HB2    H N N 195 
LEU HB3    H N N 196 
LEU HG     H N N 197 
LEU HD11   H N N 198 
LEU HD12   H N N 199 
LEU HD13   H N N 200 
LEU HD21   H N N 201 
LEU HD22   H N N 202 
LEU HD23   H N N 203 
LEU HXT    H N N 204 
LYS N      N N N 205 
LYS CA     C N S 206 
LYS C      C N N 207 
LYS O      O N N 208 
LYS CB     C N N 209 
LYS CG     C N N 210 
LYS CD     C N N 211 
LYS CE     C N N 212 
LYS NZ     N N N 213 
LYS OXT    O N N 214 
LYS H      H N N 215 
LYS H2     H N N 216 
LYS HA     H N N 217 
LYS HB2    H N N 218 
LYS HB3    H N N 219 
LYS HG2    H N N 220 
LYS HG3    H N N 221 
LYS HD2    H N N 222 
LYS HD3    H N N 223 
LYS HE2    H N N 224 
LYS HE3    H N N 225 
LYS HZ1    H N N 226 
LYS HZ2    H N N 227 
LYS HZ3    H N N 228 
LYS HXT    H N N 229 
MET N      N N N 230 
MET CA     C N S 231 
MET C      C N N 232 
MET O      O N N 233 
MET CB     C N N 234 
MET CG     C N N 235 
MET SD     S N N 236 
MET CE     C N N 237 
MET OXT    O N N 238 
MET H      H N N 239 
MET H2     H N N 240 
MET HA     H N N 241 
MET HB2    H N N 242 
MET HB3    H N N 243 
MET HG2    H N N 244 
MET HG3    H N N 245 
MET HE1    H N N 246 
MET HE2    H N N 247 
MET HE3    H N N 248 
MET HXT    H N N 249 
PHE N      N N N 250 
PHE CA     C N S 251 
PHE C      C N N 252 
PHE O      O N N 253 
PHE CB     C N N 254 
PHE CG     C Y N 255 
PHE CD1    C Y N 256 
PHE CD2    C Y N 257 
PHE CE1    C Y N 258 
PHE CE2    C Y N 259 
PHE CZ     C Y N 260 
PHE OXT    O N N 261 
PHE H      H N N 262 
PHE H2     H N N 263 
PHE HA     H N N 264 
PHE HB2    H N N 265 
PHE HB3    H N N 266 
PHE HD1    H N N 267 
PHE HD2    H N N 268 
PHE HE1    H N N 269 
PHE HE2    H N N 270 
PHE HZ     H N N 271 
PHE HXT    H N N 272 
PRO N      N N N 273 
PRO CA     C N S 274 
PRO C      C N N 275 
PRO O      O N N 276 
PRO CB     C N N 277 
PRO CG     C N N 278 
PRO CD     C N N 279 
PRO OXT    O N N 280 
PRO H      H N N 281 
PRO HA     H N N 282 
PRO HB2    H N N 283 
PRO HB3    H N N 284 
PRO HG2    H N N 285 
PRO HG3    H N N 286 
PRO HD2    H N N 287 
PRO HD3    H N N 288 
PRO HXT    H N N 289 
SER N      N N N 290 
SER CA     C N S 291 
SER C      C N N 292 
SER O      O N N 293 
SER CB     C N N 294 
SER OG     O N N 295 
SER OXT    O N N 296 
SER H      H N N 297 
SER H2     H N N 298 
SER HA     H N N 299 
SER HB2    H N N 300 
SER HB3    H N N 301 
SER HG     H N N 302 
SER HXT    H N N 303 
THR N      N N N 304 
THR CA     C N S 305 
THR C      C N N 306 
THR O      O N N 307 
THR CB     C N R 308 
THR OG1    O N N 309 
THR CG2    C N N 310 
THR OXT    O N N 311 
THR H      H N N 312 
THR H2     H N N 313 
THR HA     H N N 314 
THR HB     H N N 315 
THR HG1    H N N 316 
THR HG21   H N N 317 
THR HG22   H N N 318 
THR HG23   H N N 319 
THR HXT    H N N 320 
TRP N      N N N 321 
TRP CA     C N S 322 
TRP C      C N N 323 
TRP O      O N N 324 
TRP CB     C N N 325 
TRP CG     C Y N 326 
TRP CD1    C Y N 327 
TRP CD2    C Y N 328 
TRP NE1    N Y N 329 
TRP CE2    C Y N 330 
TRP CE3    C Y N 331 
TRP CZ2    C Y N 332 
TRP CZ3    C Y N 333 
TRP CH2    C Y N 334 
TRP OXT    O N N 335 
TRP H      H N N 336 
TRP H2     H N N 337 
TRP HA     H N N 338 
TRP HB2    H N N 339 
TRP HB3    H N N 340 
TRP HD1    H N N 341 
TRP HE1    H N N 342 
TRP HE3    H N N 343 
TRP HZ2    H N N 344 
TRP HZ3    H N N 345 
TRP HH2    H N N 346 
TRP HXT    H N N 347 
TYR N      N N N 348 
TYR CA     C N S 349 
TYR C      C N N 350 
TYR O      O N N 351 
TYR CB     C N N 352 
TYR CG     C Y N 353 
TYR CD1    C Y N 354 
TYR CD2    C Y N 355 
TYR CE1    C Y N 356 
TYR CE2    C Y N 357 
TYR CZ     C Y N 358 
TYR OH     O N N 359 
TYR OXT    O N N 360 
TYR H      H N N 361 
TYR H2     H N N 362 
TYR HA     H N N 363 
TYR HB2    H N N 364 
TYR HB3    H N N 365 
TYR HD1    H N N 366 
TYR HD2    H N N 367 
TYR HE1    H N N 368 
TYR HE2    H N N 369 
TYR HH     H N N 370 
TYR HXT    H N N 371 
U2P "O5'"  O N N 372 
U2P "C5'"  C N N 373 
U2P "C4'"  C N R 374 
U2P "O4'"  O N N 375 
U2P "C1'"  C N R 376 
U2P N1     N N N 377 
U2P C6     C N N 378 
U2P C5     C N N 379 
U2P C4     C N N 380 
U2P O4     O N N 381 
U2P N3     N N N 382 
U2P C2     C N N 383 
U2P O2     O N N 384 
U2P "C2'"  C N R 385 
U2P "O2'"  O N N 386 
U2P P      P N N 387 
U2P O1P    O N N 388 
U2P O2P    O N N 389 
U2P O3P    O N N 390 
U2P "C3'"  C N R 391 
U2P "O3'"  O N N 392 
U2P "H5'"  H N N 393 
U2P "H5'1" H N N 394 
U2P "H5'2" H N N 395 
U2P "H4'"  H N N 396 
U2P "H1'"  H N N 397 
U2P H6     H N N 398 
U2P H5     H N N 399 
U2P HN3    H N N 400 
U2P "H2'"  H N N 401 
U2P H2P    H N N 402 
U2P H3P    H N N 403 
U2P "H3'"  H N N 404 
U2P H1     H N N 405 
VAL N      N N N 406 
VAL CA     C N S 407 
VAL C      C N N 408 
VAL O      O N N 409 
VAL CB     C N N 410 
VAL CG1    C N N 411 
VAL CG2    C N N 412 
VAL OXT    O N N 413 
VAL H      H N N 414 
VAL H2     H N N 415 
VAL HA     H N N 416 
VAL HB     H N N 417 
VAL HG11   H N N 418 
VAL HG12   H N N 419 
VAL HG13   H N N 420 
VAL HG21   H N N 421 
VAL HG22   H N N 422 
VAL HG23   H N N 423 
VAL HXT    H N N 424 
# 
loop_
_chem_comp_bond.comp_id 
_chem_comp_bond.atom_id_1 
_chem_comp_bond.atom_id_2 
_chem_comp_bond.value_order 
_chem_comp_bond.pdbx_aromatic_flag 
_chem_comp_bond.pdbx_stereo_config 
_chem_comp_bond.pdbx_ordinal 
ALA N     CA     sing N N 1   
ALA N     H      sing N N 2   
ALA N     H2     sing N N 3   
ALA CA    C      sing N N 4   
ALA CA    CB     sing N N 5   
ALA CA    HA     sing N N 6   
ALA C     O      doub N N 7   
ALA C     OXT    sing N N 8   
ALA CB    HB1    sing N N 9   
ALA CB    HB2    sing N N 10  
ALA CB    HB3    sing N N 11  
ALA OXT   HXT    sing N N 12  
ARG N     CA     sing N N 13  
ARG N     H      sing N N 14  
ARG N     H2     sing N N 15  
ARG CA    C      sing N N 16  
ARG CA    CB     sing N N 17  
ARG CA    HA     sing N N 18  
ARG C     O      doub N N 19  
ARG C     OXT    sing N N 20  
ARG CB    CG     sing N N 21  
ARG CB    HB2    sing N N 22  
ARG CB    HB3    sing N N 23  
ARG CG    CD     sing N N 24  
ARG CG    HG2    sing N N 25  
ARG CG    HG3    sing N N 26  
ARG CD    NE     sing N N 27  
ARG CD    HD2    sing N N 28  
ARG CD    HD3    sing N N 29  
ARG NE    CZ     sing N N 30  
ARG NE    HE     sing N N 31  
ARG CZ    NH1    sing N N 32  
ARG CZ    NH2    doub N N 33  
ARG NH1   HH11   sing N N 34  
ARG NH1   HH12   sing N N 35  
ARG NH2   HH21   sing N N 36  
ARG NH2   HH22   sing N N 37  
ARG OXT   HXT    sing N N 38  
ASN N     CA     sing N N 39  
ASN N     H      sing N N 40  
ASN N     H2     sing N N 41  
ASN CA    C      sing N N 42  
ASN CA    CB     sing N N 43  
ASN CA    HA     sing N N 44  
ASN C     O      doub N N 45  
ASN C     OXT    sing N N 46  
ASN CB    CG     sing N N 47  
ASN CB    HB2    sing N N 48  
ASN CB    HB3    sing N N 49  
ASN CG    OD1    doub N N 50  
ASN CG    ND2    sing N N 51  
ASN ND2   HD21   sing N N 52  
ASN ND2   HD22   sing N N 53  
ASN OXT   HXT    sing N N 54  
ASP N     CA     sing N N 55  
ASP N     H      sing N N 56  
ASP N     H2     sing N N 57  
ASP CA    C      sing N N 58  
ASP CA    CB     sing N N 59  
ASP CA    HA     sing N N 60  
ASP C     O      doub N N 61  
ASP C     OXT    sing N N 62  
ASP CB    CG     sing N N 63  
ASP CB    HB2    sing N N 64  
ASP CB    HB3    sing N N 65  
ASP CG    OD1    doub N N 66  
ASP CG    OD2    sing N N 67  
ASP OD2   HD2    sing N N 68  
ASP OXT   HXT    sing N N 69  
CYS N     CA     sing N N 70  
CYS N     H      sing N N 71  
CYS N     H2     sing N N 72  
CYS CA    C      sing N N 73  
CYS CA    CB     sing N N 74  
CYS CA    HA     sing N N 75  
CYS C     O      doub N N 76  
CYS C     OXT    sing N N 77  
CYS CB    SG     sing N N 78  
CYS CB    HB2    sing N N 79  
CYS CB    HB3    sing N N 80  
CYS SG    HG     sing N N 81  
CYS OXT   HXT    sing N N 82  
GLN N     CA     sing N N 83  
GLN N     H      sing N N 84  
GLN N     H2     sing N N 85  
GLN CA    C      sing N N 86  
GLN CA    CB     sing N N 87  
GLN CA    HA     sing N N 88  
GLN C     O      doub N N 89  
GLN C     OXT    sing N N 90  
GLN CB    CG     sing N N 91  
GLN CB    HB2    sing N N 92  
GLN CB    HB3    sing N N 93  
GLN CG    CD     sing N N 94  
GLN CG    HG2    sing N N 95  
GLN CG    HG3    sing N N 96  
GLN CD    OE1    doub N N 97  
GLN CD    NE2    sing N N 98  
GLN NE2   HE21   sing N N 99  
GLN NE2   HE22   sing N N 100 
GLN OXT   HXT    sing N N 101 
GLU N     CA     sing N N 102 
GLU N     H      sing N N 103 
GLU N     H2     sing N N 104 
GLU CA    C      sing N N 105 
GLU CA    CB     sing N N 106 
GLU CA    HA     sing N N 107 
GLU C     O      doub N N 108 
GLU C     OXT    sing N N 109 
GLU CB    CG     sing N N 110 
GLU CB    HB2    sing N N 111 
GLU CB    HB3    sing N N 112 
GLU CG    CD     sing N N 113 
GLU CG    HG2    sing N N 114 
GLU CG    HG3    sing N N 115 
GLU CD    OE1    doub N N 116 
GLU CD    OE2    sing N N 117 
GLU OE2   HE2    sing N N 118 
GLU OXT   HXT    sing N N 119 
GLY N     CA     sing N N 120 
GLY N     H      sing N N 121 
GLY N     H2     sing N N 122 
GLY CA    C      sing N N 123 
GLY CA    HA2    sing N N 124 
GLY CA    HA3    sing N N 125 
GLY C     O      doub N N 126 
GLY C     OXT    sing N N 127 
GLY OXT   HXT    sing N N 128 
HIS N     CA     sing N N 129 
HIS N     H      sing N N 130 
HIS N     H2     sing N N 131 
HIS CA    C      sing N N 132 
HIS CA    CB     sing N N 133 
HIS CA    HA     sing N N 134 
HIS C     O      doub N N 135 
HIS C     OXT    sing N N 136 
HIS CB    CG     sing N N 137 
HIS CB    HB2    sing N N 138 
HIS CB    HB3    sing N N 139 
HIS CG    ND1    sing Y N 140 
HIS CG    CD2    doub Y N 141 
HIS ND1   CE1    doub Y N 142 
HIS ND1   HD1    sing N N 143 
HIS CD2   NE2    sing Y N 144 
HIS CD2   HD2    sing N N 145 
HIS CE1   NE2    sing Y N 146 
HIS CE1   HE1    sing N N 147 
HIS NE2   HE2    sing N N 148 
HIS OXT   HXT    sing N N 149 
HOH O     H1     sing N N 150 
HOH O     H2     sing N N 151 
ILE N     CA     sing N N 152 
ILE N     H      sing N N 153 
ILE N     H2     sing N N 154 
ILE CA    C      sing N N 155 
ILE CA    CB     sing N N 156 
ILE CA    HA     sing N N 157 
ILE C     O      doub N N 158 
ILE C     OXT    sing N N 159 
ILE CB    CG1    sing N N 160 
ILE CB    CG2    sing N N 161 
ILE CB    HB     sing N N 162 
ILE CG1   CD1    sing N N 163 
ILE CG1   HG12   sing N N 164 
ILE CG1   HG13   sing N N 165 
ILE CG2   HG21   sing N N 166 
ILE CG2   HG22   sing N N 167 
ILE CG2   HG23   sing N N 168 
ILE CD1   HD11   sing N N 169 
ILE CD1   HD12   sing N N 170 
ILE CD1   HD13   sing N N 171 
ILE OXT   HXT    sing N N 172 
LEU N     CA     sing N N 173 
LEU N     H      sing N N 174 
LEU N     H2     sing N N 175 
LEU CA    C      sing N N 176 
LEU CA    CB     sing N N 177 
LEU CA    HA     sing N N 178 
LEU C     O      doub N N 179 
LEU C     OXT    sing N N 180 
LEU CB    CG     sing N N 181 
LEU CB    HB2    sing N N 182 
LEU CB    HB3    sing N N 183 
LEU CG    CD1    sing N N 184 
LEU CG    CD2    sing N N 185 
LEU CG    HG     sing N N 186 
LEU CD1   HD11   sing N N 187 
LEU CD1   HD12   sing N N 188 
LEU CD1   HD13   sing N N 189 
LEU CD2   HD21   sing N N 190 
LEU CD2   HD22   sing N N 191 
LEU CD2   HD23   sing N N 192 
LEU OXT   HXT    sing N N 193 
LYS N     CA     sing N N 194 
LYS N     H      sing N N 195 
LYS N     H2     sing N N 196 
LYS CA    C      sing N N 197 
LYS CA    CB     sing N N 198 
LYS CA    HA     sing N N 199 
LYS C     O      doub N N 200 
LYS C     OXT    sing N N 201 
LYS CB    CG     sing N N 202 
LYS CB    HB2    sing N N 203 
LYS CB    HB3    sing N N 204 
LYS CG    CD     sing N N 205 
LYS CG    HG2    sing N N 206 
LYS CG    HG3    sing N N 207 
LYS CD    CE     sing N N 208 
LYS CD    HD2    sing N N 209 
LYS CD    HD3    sing N N 210 
LYS CE    NZ     sing N N 211 
LYS CE    HE2    sing N N 212 
LYS CE    HE3    sing N N 213 
LYS NZ    HZ1    sing N N 214 
LYS NZ    HZ2    sing N N 215 
LYS NZ    HZ3    sing N N 216 
LYS OXT   HXT    sing N N 217 
MET N     CA     sing N N 218 
MET N     H      sing N N 219 
MET N     H2     sing N N 220 
MET CA    C      sing N N 221 
MET CA    CB     sing N N 222 
MET CA    HA     sing N N 223 
MET C     O      doub N N 224 
MET C     OXT    sing N N 225 
MET CB    CG     sing N N 226 
MET CB    HB2    sing N N 227 
MET CB    HB3    sing N N 228 
MET CG    SD     sing N N 229 
MET CG    HG2    sing N N 230 
MET CG    HG3    sing N N 231 
MET SD    CE     sing N N 232 
MET CE    HE1    sing N N 233 
MET CE    HE2    sing N N 234 
MET CE    HE3    sing N N 235 
MET OXT   HXT    sing N N 236 
PHE N     CA     sing N N 237 
PHE N     H      sing N N 238 
PHE N     H2     sing N N 239 
PHE CA    C      sing N N 240 
PHE CA    CB     sing N N 241 
PHE CA    HA     sing N N 242 
PHE C     O      doub N N 243 
PHE C     OXT    sing N N 244 
PHE CB    CG     sing N N 245 
PHE CB    HB2    sing N N 246 
PHE CB    HB3    sing N N 247 
PHE CG    CD1    doub Y N 248 
PHE CG    CD2    sing Y N 249 
PHE CD1   CE1    sing Y N 250 
PHE CD1   HD1    sing N N 251 
PHE CD2   CE2    doub Y N 252 
PHE CD2   HD2    sing N N 253 
PHE CE1   CZ     doub Y N 254 
PHE CE1   HE1    sing N N 255 
PHE CE2   CZ     sing Y N 256 
PHE CE2   HE2    sing N N 257 
PHE CZ    HZ     sing N N 258 
PHE OXT   HXT    sing N N 259 
PRO N     CA     sing N N 260 
PRO N     CD     sing N N 261 
PRO N     H      sing N N 262 
PRO CA    C      sing N N 263 
PRO CA    CB     sing N N 264 
PRO CA    HA     sing N N 265 
PRO C     O      doub N N 266 
PRO C     OXT    sing N N 267 
PRO CB    CG     sing N N 268 
PRO CB    HB2    sing N N 269 
PRO CB    HB3    sing N N 270 
PRO CG    CD     sing N N 271 
PRO CG    HG2    sing N N 272 
PRO CG    HG3    sing N N 273 
PRO CD    HD2    sing N N 274 
PRO CD    HD3    sing N N 275 
PRO OXT   HXT    sing N N 276 
SER N     CA     sing N N 277 
SER N     H      sing N N 278 
SER N     H2     sing N N 279 
SER CA    C      sing N N 280 
SER CA    CB     sing N N 281 
SER CA    HA     sing N N 282 
SER C     O      doub N N 283 
SER C     OXT    sing N N 284 
SER CB    OG     sing N N 285 
SER CB    HB2    sing N N 286 
SER CB    HB3    sing N N 287 
SER OG    HG     sing N N 288 
SER OXT   HXT    sing N N 289 
THR N     CA     sing N N 290 
THR N     H      sing N N 291 
THR N     H2     sing N N 292 
THR CA    C      sing N N 293 
THR CA    CB     sing N N 294 
THR CA    HA     sing N N 295 
THR C     O      doub N N 296 
THR C     OXT    sing N N 297 
THR CB    OG1    sing N N 298 
THR CB    CG2    sing N N 299 
THR CB    HB     sing N N 300 
THR OG1   HG1    sing N N 301 
THR CG2   HG21   sing N N 302 
THR CG2   HG22   sing N N 303 
THR CG2   HG23   sing N N 304 
THR OXT   HXT    sing N N 305 
TRP N     CA     sing N N 306 
TRP N     H      sing N N 307 
TRP N     H2     sing N N 308 
TRP CA    C      sing N N 309 
TRP CA    CB     sing N N 310 
TRP CA    HA     sing N N 311 
TRP C     O      doub N N 312 
TRP C     OXT    sing N N 313 
TRP CB    CG     sing N N 314 
TRP CB    HB2    sing N N 315 
TRP CB    HB3    sing N N 316 
TRP CG    CD1    doub Y N 317 
TRP CG    CD2    sing Y N 318 
TRP CD1   NE1    sing Y N 319 
TRP CD1   HD1    sing N N 320 
TRP CD2   CE2    doub Y N 321 
TRP CD2   CE3    sing Y N 322 
TRP NE1   CE2    sing Y N 323 
TRP NE1   HE1    sing N N 324 
TRP CE2   CZ2    sing Y N 325 
TRP CE3   CZ3    doub Y N 326 
TRP CE3   HE3    sing N N 327 
TRP CZ2   CH2    doub Y N 328 
TRP CZ2   HZ2    sing N N 329 
TRP CZ3   CH2    sing Y N 330 
TRP CZ3   HZ3    sing N N 331 
TRP CH2   HH2    sing N N 332 
TRP OXT   HXT    sing N N 333 
TYR N     CA     sing N N 334 
TYR N     H      sing N N 335 
TYR N     H2     sing N N 336 
TYR CA    C      sing N N 337 
TYR CA    CB     sing N N 338 
TYR CA    HA     sing N N 339 
TYR C     O      doub N N 340 
TYR C     OXT    sing N N 341 
TYR CB    CG     sing N N 342 
TYR CB    HB2    sing N N 343 
TYR CB    HB3    sing N N 344 
TYR CG    CD1    doub Y N 345 
TYR CG    CD2    sing Y N 346 
TYR CD1   CE1    sing Y N 347 
TYR CD1   HD1    sing N N 348 
TYR CD2   CE2    doub Y N 349 
TYR CD2   HD2    sing N N 350 
TYR CE1   CZ     doub Y N 351 
TYR CE1   HE1    sing N N 352 
TYR CE2   CZ     sing Y N 353 
TYR CE2   HE2    sing N N 354 
TYR CZ    OH     sing N N 355 
TYR OH    HH     sing N N 356 
TYR OXT   HXT    sing N N 357 
U2P "O5'" "C5'"  sing N N 358 
U2P "O5'" "H5'"  sing N N 359 
U2P "C5'" "C4'"  sing N N 360 
U2P "C5'" "H5'1" sing N N 361 
U2P "C5'" "H5'2" sing N N 362 
U2P "C4'" "O4'"  sing N N 363 
U2P "C4'" "C3'"  sing N N 364 
U2P "C4'" "H4'"  sing N N 365 
U2P "O4'" "C1'"  sing N N 366 
U2P "C1'" N1     sing N N 367 
U2P "C1'" "C2'"  sing N N 368 
U2P "C1'" "H1'"  sing N N 369 
U2P N1    C6     sing N N 370 
U2P N1    C2     sing N N 371 
U2P C6    C5     doub N N 372 
U2P C6    H6     sing N N 373 
U2P C5    C4     sing N N 374 
U2P C5    H5     sing N N 375 
U2P C4    O4     doub N N 376 
U2P C4    N3     sing N N 377 
U2P N3    C2     sing N N 378 
U2P N3    HN3    sing N N 379 
U2P C2    O2     doub N N 380 
U2P "C2'" "O2'"  sing N N 381 
U2P "C2'" "C3'"  sing N N 382 
U2P "C2'" "H2'"  sing N N 383 
U2P "O2'" P      sing N N 384 
U2P P     O1P    doub N N 385 
U2P P     O2P    sing N N 386 
U2P P     O3P    sing N N 387 
U2P O2P   H2P    sing N N 388 
U2P O3P   H3P    sing N N 389 
U2P "C3'" "O3'"  sing N N 390 
U2P "C3'" "H3'"  sing N N 391 
U2P "O3'" H1     sing N N 392 
VAL N     CA     sing N N 393 
VAL N     H      sing N N 394 
VAL N     H2     sing N N 395 
VAL CA    C      sing N N 396 
VAL CA    CB     sing N N 397 
VAL CA    HA     sing N N 398 
VAL C     O      doub N N 399 
VAL C     OXT    sing N N 400 
VAL CB    CG1    sing N N 401 
VAL CB    CG2    sing N N 402 
VAL CB    HB     sing N N 403 
VAL CG1   HG11   sing N N 404 
VAL CG1   HG12   sing N N 405 
VAL CG1   HG13   sing N N 406 
VAL CG2   HG21   sing N N 407 
VAL CG2   HG22   sing N N 408 
VAL CG2   HG23   sing N N 409 
VAL OXT   HXT    sing N N 410 
# 
_pdbx_initial_refinement_model.id               1 
_pdbx_initial_refinement_model.entity_id_list   ? 
_pdbx_initial_refinement_model.type             'experimental model' 
_pdbx_initial_refinement_model.source_name      PDB 
_pdbx_initial_refinement_model.accession_code   1BK7 
_pdbx_initial_refinement_model.details          'PDB ENTRY 1BK7' 
# 
_atom_sites.entry_id                    1UCA 
_atom_sites.fract_transf_matrix[1][1]   -0.00013315 
_atom_sites.fract_transf_matrix[1][2]   -0.00782572 
_atom_sites.fract_transf_matrix[1][3]   0.02454951 
_atom_sites.fract_transf_matrix[2][1]   0.01162086 
_atom_sites.fract_transf_matrix[2][2]   0.00858838 
_atom_sites.fract_transf_matrix[2][3]   0.00280077 
_atom_sites.fract_transf_matrix[3][1]   -0.00811693 
_atom_sites.fract_transf_matrix[3][2]   0.00996173 
_atom_sites.fract_transf_matrix[3][3]   0.00313151 
_atom_sites.fract_transf_vector[1]      0.545961 
_atom_sites.fract_transf_vector[2]      0.541089 
_atom_sites.fract_transf_vector[3]      0.405441 
# 
loop_
_atom_type.symbol 
C 
N 
O 
P 
S 
# 
loop_
_atom_site.group_PDB 
_atom_site.id 
_atom_site.type_symbol 
_atom_site.label_atom_id 
_atom_site.label_alt_id 
_atom_site.label_comp_id 
_atom_site.label_asym_id 
_atom_site.label_entity_id 
_atom_site.label_seq_id 
_atom_site.pdbx_PDB_ins_code 
_atom_site.Cartn_x 
_atom_site.Cartn_y 
_atom_site.Cartn_z 
_atom_site.occupancy 
_atom_site.B_iso_or_equiv 
_atom_site.pdbx_formal_charge 
_atom_site.auth_seq_id 
_atom_site.auth_comp_id 
_atom_site.auth_asym_id 
_atom_site.auth_atom_id 
_atom_site.pdbx_PDB_model_num 
ATOM   1    N N     . PHE A 1 1   ? 3.204   -17.076 -8.959  1.00 22.58 ? 1   PHE A N     1 
ATOM   2    C CA    . PHE A 1 1   ? 3.169   -15.591 -9.105  1.00 21.84 ? 1   PHE A CA    1 
ATOM   3    C C     . PHE A 1 1   ? 4.400   -15.096 -9.853  1.00 21.54 ? 1   PHE A C     1 
ATOM   4    O O     . PHE A 1 1   ? 5.462   -15.718 -9.791  1.00 23.01 ? 1   PHE A O     1 
ATOM   5    C CB    . PHE A 1 1   ? 3.083   -14.935 -7.720  1.00 20.71 ? 1   PHE A CB    1 
ATOM   6    C CG    . PHE A 1 1   ? 4.268   -15.212 -6.835  1.00 21.49 ? 1   PHE A CG    1 
ATOM   7    C CD1   . PHE A 1 1   ? 5.338   -14.325 -6.786  1.00 23.25 ? 1   PHE A CD1   1 
ATOM   8    C CD2   . PHE A 1 1   ? 4.310   -16.356 -6.046  1.00 21.07 ? 1   PHE A CD2   1 
ATOM   9    C CE1   . PHE A 1 1   ? 6.436   -14.571 -5.961  1.00 23.57 ? 1   PHE A CE1   1 
ATOM   10   C CE2   . PHE A 1 1   ? 5.400   -16.614 -5.218  1.00 21.95 ? 1   PHE A CE2   1 
ATOM   11   C CZ    . PHE A 1 1   ? 6.466   -15.718 -5.174  1.00 22.69 ? 1   PHE A CZ    1 
ATOM   12   N N     . ASP A 1 2   ? 4.259   -13.981 -10.564 1.00 20.43 ? 2   ASP A N     1 
ATOM   13   C CA    . ASP A 1 2   ? 5.371   -13.426 -11.323 1.00 20.31 ? 2   ASP A CA    1 
ATOM   14   C C     . ASP A 1 2   ? 5.831   -12.061 -10.832 1.00 19.29 ? 2   ASP A C     1 
ATOM   15   O O     . ASP A 1 2   ? 6.808   -11.514 -11.336 1.00 20.83 ? 2   ASP A O     1 
ATOM   16   C CB    . ASP A 1 2   ? 5.010   -13.329 -12.810 1.00 22.33 ? 2   ASP A CB    1 
ATOM   17   C CG    . ASP A 1 2   ? 3.723   -12.560 -13.055 1.00 25.17 ? 2   ASP A CG    1 
ATOM   18   O OD1   . ASP A 1 2   ? 3.516   -11.504 -12.415 1.00 23.93 ? 2   ASP A OD1   1 
ATOM   19   O OD2   . ASP A 1 2   ? 2.918   -13.006 -13.902 1.00 28.67 ? 2   ASP A OD2   1 
ATOM   20   N N     . SER A 1 3   ? 5.131   -11.509 -9.847  1.00 16.26 ? 3   SER A N     1 
ATOM   21   C CA    . SER A 1 3   ? 5.495   -10.201 -9.318  1.00 14.57 ? 3   SER A CA    1 
ATOM   22   C C     . SER A 1 3   ? 4.648   -9.868  -8.098  1.00 13.58 ? 3   SER A C     1 
ATOM   23   O O     . SER A 1 3   ? 3.770   -10.641 -7.714  1.00 13.27 ? 3   SER A O     1 
ATOM   24   C CB    . SER A 1 3   ? 5.286   -9.131  -10.389 1.00 15.21 ? 3   SER A CB    1 
ATOM   25   O OG    . SER A 1 3   ? 3.954   -9.163  -10.874 1.00 17.66 ? 3   SER A OG    1 
ATOM   26   N N     . PHE A 1 4   ? 4.933   -8.722  -7.486  1.00 10.44 ? 4   PHE A N     1 
ATOM   27   C CA    . PHE A 1 4   ? 4.185   -8.260  -6.324  1.00 11.39 ? 4   PHE A CA    1 
ATOM   28   C C     . PHE A 1 4   ? 3.780   -6.808  -6.483  1.00 9.16  ? 4   PHE A C     1 
ATOM   29   O O     . PHE A 1 4   ? 4.472   -6.022  -7.126  1.00 11.27 ? 4   PHE A O     1 
ATOM   30   C CB    . PHE A 1 4   ? 5.017   -8.304  -5.034  1.00 12.37 ? 4   PHE A CB    1 
ATOM   31   C CG    . PHE A 1 4   ? 5.317   -9.675  -4.520  1.00 14.25 ? 4   PHE A CG    1 
ATOM   32   C CD1   . PHE A 1 4   ? 6.500   -10.316 -4.869  1.00 17.28 ? 4   PHE A CD1   1 
ATOM   33   C CD2   . PHE A 1 4   ? 4.457   -10.296 -3.619  1.00 13.94 ? 4   PHE A CD2   1 
ATOM   34   C CE1   . PHE A 1 4   ? 6.828   -11.556 -4.319  1.00 18.50 ? 4   PHE A CE1   1 
ATOM   35   C CE2   . PHE A 1 4   ? 4.774   -11.536 -3.064  1.00 15.82 ? 4   PHE A CE2   1 
ATOM   36   C CZ    . PHE A 1 4   ? 5.961   -12.164 -3.414  1.00 18.10 ? 4   PHE A CZ    1 
ATOM   37   N N     . TRP A 1 5   ? 2.652   -6.468  -5.876  1.00 9.03  ? 5   TRP A N     1 
ATOM   38   C CA    . TRP A 1 5   ? 2.177   -5.093  -5.814  1.00 7.67  ? 5   TRP A CA    1 
ATOM   39   C C     . TRP A 1 5   ? 2.293   -4.768  -4.328  1.00 7.65  ? 5   TRP A C     1 
ATOM   40   O O     . TRP A 1 5   ? 1.626   -5.400  -3.506  1.00 9.92  ? 5   TRP A O     1 
ATOM   41   C CB    . TRP A 1 5   ? 0.705   -4.991  -6.214  1.00 10.19 ? 5   TRP A CB    1 
ATOM   42   C CG    . TRP A 1 5   ? 0.457   -4.697  -7.656  1.00 11.27 ? 5   TRP A CG    1 
ATOM   43   C CD1   . TRP A 1 5   ? 1.263   -5.004  -8.711  1.00 12.49 ? 5   TRP A CD1   1 
ATOM   44   C CD2   . TRP A 1 5   ? -0.704  -4.069  -8.204  1.00 13.05 ? 5   TRP A CD2   1 
ATOM   45   N NE1   . TRP A 1 5   ? 0.673   -4.608  -9.889  1.00 14.26 ? 5   TRP A NE1   1 
ATOM   46   C CE2   . TRP A 1 5   ? -0.537  -4.031  -9.605  1.00 14.24 ? 5   TRP A CE2   1 
ATOM   47   C CE3   . TRP A 1 5   ? -1.874  -3.535  -7.646  1.00 15.49 ? 5   TRP A CE3   1 
ATOM   48   C CZ2   . TRP A 1 5   ? -1.496  -3.478  -10.460 1.00 18.59 ? 5   TRP A CZ2   1 
ATOM   49   C CZ3   . TRP A 1 5   ? -2.829  -2.986  -8.496  1.00 17.79 ? 5   TRP A CZ3   1 
ATOM   50   C CH2   . TRP A 1 5   ? -2.631  -2.963  -9.887  1.00 17.82 ? 5   TRP A CH2   1 
ATOM   51   N N     . PHE A 1 6   ? 3.165   -3.829  -3.971  1.00 7.29  ? 6   PHE A N     1 
ATOM   52   C CA    . PHE A 1 6   ? 3.296   -3.413  -2.575  1.00 6.54  ? 6   PHE A CA    1 
ATOM   53   C C     . PHE A 1 6   ? 2.462   -2.137  -2.508  1.00 6.86  ? 6   PHE A C     1 
ATOM   54   O O     . PHE A 1 6   ? 2.839   -1.103  -3.069  1.00 7.55  ? 6   PHE A O     1 
ATOM   55   C CB    . PHE A 1 6   ? 4.756   -3.121  -2.228  1.00 7.40  ? 6   PHE A CB    1 
ATOM   56   C CG    . PHE A 1 6   ? 4.942   -2.541  -0.861  1.00 8.49  ? 6   PHE A CG    1 
ATOM   57   C CD1   . PHE A 1 6   ? 4.423   -3.187  0.253   1.00 10.76 ? 6   PHE A CD1   1 
ATOM   58   C CD2   . PHE A 1 6   ? 5.622   -1.340  -0.688  1.00 10.48 ? 6   PHE A CD2   1 
ATOM   59   C CE1   . PHE A 1 6   ? 4.574   -2.639  1.525   1.00 12.20 ? 6   PHE A CE1   1 
ATOM   60   C CE2   . PHE A 1 6   ? 5.777   -0.787  0.577   1.00 12.25 ? 6   PHE A CE2   1 
ATOM   61   C CZ    . PHE A 1 6   ? 5.251   -1.438  1.684   1.00 11.40 ? 6   PHE A CZ    1 
ATOM   62   N N     . VAL A 1 7   ? 1.322   -2.228  -1.830  1.00 7.38  ? 7   VAL A N     1 
ATOM   63   C CA    . VAL A 1 7   ? 0.370   -1.128  -1.749  1.00 6.49  ? 7   VAL A CA    1 
ATOM   64   C C     . VAL A 1 7   ? 0.381   -0.360  -0.440  1.00 6.60  ? 7   VAL A C     1 
ATOM   65   O O     . VAL A 1 7   ? 0.192   -0.942  0.623   1.00 8.40  ? 7   VAL A O     1 
ATOM   66   C CB    . VAL A 1 7   ? -1.064  -1.667  -1.987  1.00 7.21  ? 7   VAL A CB    1 
ATOM   67   C CG1   . VAL A 1 7   ? -2.058  -0.517  -2.087  1.00 10.10 ? 7   VAL A CG1   1 
ATOM   68   C CG2   . VAL A 1 7   ? -1.103  -2.520  -3.254  1.00 10.54 ? 7   VAL A CG2   1 
ATOM   69   N N     . GLN A 1 8   ? 0.615   0.946   -0.530  1.00 5.83  ? 8   GLN A N     1 
ATOM   70   C CA    . GLN A 1 8   ? 0.591   1.816   0.645   1.00 5.36  ? 8   GLN A CA    1 
ATOM   71   C C     . GLN A 1 8   ? -0.621  2.724   0.514   1.00 7.69  ? 8   GLN A C     1 
ATOM   72   O O     . GLN A 1 8   ? -0.990  3.113   -0.589  1.00 9.13  ? 8   GLN A O     1 
ATOM   73   C CB    . GLN A 1 8   ? 1.855   2.670   0.729   1.00 6.37  ? 8   GLN A CB    1 
ATOM   74   C CG    . GLN A 1 8   ? 3.102   1.868   1.044   1.00 8.15  ? 8   GLN A CG    1 
ATOM   75   C CD    . GLN A 1 8   ? 4.288   2.755   1.313   1.00 9.53  ? 8   GLN A CD    1 
ATOM   76   O OE1   . GLN A 1 8   ? 4.314   3.483   2.303   1.00 11.50 ? 8   GLN A OE1   1 
ATOM   77   N NE2   . GLN A 1 8   ? 5.274   2.710   0.424   1.00 9.90  ? 8   GLN A NE2   1 
ATOM   78   N N     . GLN A 1 9   ? -1.241  3.054   1.639   1.00 6.72  ? 9   GLN A N     1 
ATOM   79   C CA    . GLN A 1 9   ? -2.424  3.903   1.619   1.00 6.73  ? 9   GLN A CA    1 
ATOM   80   C C     . GLN A 1 9   ? -2.204  5.175   2.434   1.00 7.97  ? 9   GLN A C     1 
ATOM   81   O O     . GLN A 1 9   ? -1.411  5.191   3.376   1.00 8.66  ? 9   GLN A O     1 
ATOM   82   C CB    . GLN A 1 9   ? -3.635  3.120   2.146   1.00 8.37  ? 9   GLN A CB    1 
ATOM   83   C CG    . GLN A 1 9   ? -3.535  2.670   3.598   1.00 10.07 ? 9   GLN A CG    1 
ATOM   84   C CD    . GLN A 1 9   ? -4.678  1.749   4.000   1.00 12.78 ? 9   GLN A CD    1 
ATOM   85   O OE1   . GLN A 1 9   ? -5.748  1.760   3.387   1.00 14.00 ? 9   GLN A OE1   1 
ATOM   86   N NE2   . GLN A 1 9   ? -4.460  0.950   5.040   1.00 12.98 ? 9   GLN A NE2   1 
ATOM   87   N N     . TRP A 1 10  ? -2.891  6.241   2.032   1.00 9.01  ? 10  TRP A N     1 
ATOM   88   C CA    . TRP A 1 10  ? -2.816  7.546   2.693   1.00 9.90  ? 10  TRP A CA    1 
ATOM   89   C C     . TRP A 1 10  ? -4.056  7.564   3.599   1.00 10.21 ? 10  TRP A C     1 
ATOM   90   O O     . TRP A 1 10  ? -5.167  7.824   3.137   1.00 10.62 ? 10  TRP A O     1 
ATOM   91   C CB    . TRP A 1 10  ? -2.890  8.644   1.626   1.00 11.49 ? 10  TRP A CB    1 
ATOM   92   C CG    . TRP A 1 10  ? -2.757  10.050  2.142   1.00 13.21 ? 10  TRP A CG    1 
ATOM   93   C CD1   . TRP A 1 10  ? -3.554  11.116  1.819   1.00 16.03 ? 10  TRP A CD1   1 
ATOM   94   C CD2   . TRP A 1 10  ? -1.765  10.553  3.044   1.00 14.38 ? 10  TRP A CD2   1 
ATOM   95   N NE1   . TRP A 1 10  ? -3.119  12.248  2.466   1.00 17.00 ? 10  TRP A NE1   1 
ATOM   96   C CE2   . TRP A 1 10  ? -2.024  11.932  3.225   1.00 15.88 ? 10  TRP A CE2   1 
ATOM   97   C CE3   . TRP A 1 10  ? -0.680  9.977   3.718   1.00 15.77 ? 10  TRP A CE3   1 
ATOM   98   C CZ2   . TRP A 1 10  ? -1.238  12.743  4.053   1.00 17.56 ? 10  TRP A CZ2   1 
ATOM   99   C CZ3   . TRP A 1 10  ? 0.103   10.786  4.543   1.00 17.16 ? 10  TRP A CZ3   1 
ATOM   100  C CH2   . TRP A 1 10  ? -0.183  12.152  4.701   1.00 17.49 ? 10  TRP A CH2   1 
ATOM   101  N N     . PRO A 1 11  ? -3.875  7.298   4.905   1.00 11.14 ? 11  PRO A N     1 
ATOM   102  C CA    . PRO A 1 11  ? -4.972  7.256   5.882   1.00 11.46 ? 11  PRO A CA    1 
ATOM   103  C C     . PRO A 1 11  ? -6.045  8.347   5.865   1.00 13.06 ? 11  PRO A C     1 
ATOM   104  O O     . PRO A 1 11  ? -7.233  8.033   5.846   1.00 13.12 ? 11  PRO A O     1 
ATOM   105  C CB    . PRO A 1 11  ? -4.240  7.167   7.224   1.00 12.20 ? 11  PRO A CB    1 
ATOM   106  C CG    . PRO A 1 11  ? -2.966  6.456   6.864   1.00 10.23 ? 11  PRO A CG    1 
ATOM   107  C CD    . PRO A 1 11  ? -2.574  7.150   5.584   1.00 11.01 ? 11  PRO A CD    1 
ATOM   108  N N     . PRO A 1 12  ? -5.649  9.629   5.879   1.00 13.82 ? 12  PRO A N     1 
ATOM   109  C CA    . PRO A 1 12  ? -6.651  10.705  5.867   1.00 15.36 ? 12  PRO A CA    1 
ATOM   110  C C     . PRO A 1 12  ? -7.593  10.626  4.669   1.00 14.59 ? 12  PRO A C     1 
ATOM   111  O O     . PRO A 1 12  ? -8.801  10.841  4.796   1.00 14.11 ? 12  PRO A O     1 
ATOM   112  C CB    . PRO A 1 12  ? -5.799  11.971  5.833   1.00 17.40 ? 12  PRO A CB    1 
ATOM   113  C CG    . PRO A 1 12  ? -4.549  11.563  6.535   1.00 18.78 ? 12  PRO A CG    1 
ATOM   114  C CD    . PRO A 1 12  ? -4.288  10.184  5.973   1.00 15.68 ? 12  PRO A CD    1 
ATOM   115  N N     . ALA A 1 13  ? -7.037  10.322  3.504   1.00 13.35 ? 13  ALA A N     1 
ATOM   116  C CA    . ALA A 1 13  ? -7.837  10.226  2.294   1.00 13.29 ? 13  ALA A CA    1 
ATOM   117  C C     . ALA A 1 13  ? -8.769  9.025   2.361   1.00 12.75 ? 13  ALA A C     1 
ATOM   118  O O     . ALA A 1 13  ? -9.948  9.126   2.033   1.00 14.57 ? 13  ALA A O     1 
ATOM   119  C CB    . ALA A 1 13  ? -6.932  10.124  1.073   1.00 13.48 ? 13  ALA A CB    1 
ATOM   120  N N     . VAL A 1 14  ? -8.239  7.883   2.786   1.00 11.76 ? 14  VAL A N     1 
ATOM   121  C CA    . VAL A 1 14  ? -9.047  6.676   2.894   1.00 12.63 ? 14  VAL A CA    1 
ATOM   122  C C     . VAL A 1 14  ? -10.246 6.918   3.812   1.00 13.92 ? 14  VAL A C     1 
ATOM   123  O O     . VAL A 1 14  ? -11.380 6.590   3.470   1.00 14.11 ? 14  VAL A O     1 
ATOM   124  C CB    . VAL A 1 14  ? -8.210  5.500   3.446   1.00 12.89 ? 14  VAL A CB    1 
ATOM   125  C CG1   . VAL A 1 14  ? -9.099  4.277   3.677   1.00 15.10 ? 14  VAL A CG1   1 
ATOM   126  C CG2   . VAL A 1 14  ? -7.095  5.157   2.461   1.00 14.30 ? 14  VAL A CG2   1 
ATOM   127  N N     . CYS A 1 15  ? -9.991  7.509   4.971   1.00 14.29 ? 15  CYS A N     1 
ATOM   128  C CA    . CYS A 1 15  ? -11.056 7.772   5.921   1.00 15.78 ? 15  CYS A CA    1 
ATOM   129  C C     . CYS A 1 15  ? -12.004 8.889   5.503   1.00 16.24 ? 15  CYS A C     1 
ATOM   130  O O     . CYS A 1 15  ? -13.133 8.959   5.997   1.00 16.65 ? 15  CYS A O     1 
ATOM   131  C CB    . CYS A 1 15  ? -10.463 8.086   7.291   1.00 14.15 ? 15  CYS A CB    1 
ATOM   132  S SG    . CYS A 1 15  ? -9.979  6.610   8.244   1.00 15.78 ? 15  CYS A SG    1 
ATOM   133  N N     . SER A 1 16  ? -11.562 9.754   4.594   1.00 15.26 ? 16  SER A N     1 
ATOM   134  C CA    . SER A 1 16  ? -12.413 10.853  4.150   1.00 16.61 ? 16  SER A CA    1 
ATOM   135  C C     . SER A 1 16  ? -13.666 10.314  3.470   1.00 18.26 ? 16  SER A C     1 
ATOM   136  O O     . SER A 1 16  ? -14.693 10.992  3.423   1.00 18.88 ? 16  SER A O     1 
ATOM   137  C CB    . SER A 1 16  ? -11.656 11.776  3.190   1.00 17.81 ? 16  SER A CB    1 
ATOM   138  O OG    . SER A 1 16  ? -11.515 11.189  1.910   1.00 21.78 ? 16  SER A OG    1 
ATOM   139  N N     . PHE A 1 17  ? -13.583 9.089   2.958   1.00 18.13 ? 17  PHE A N     1 
ATOM   140  C CA    . PHE A 1 17  ? -14.715 8.461   2.287   1.00 19.61 ? 17  PHE A CA    1 
ATOM   141  C C     . PHE A 1 17  ? -15.686 7.795   3.259   1.00 20.67 ? 17  PHE A C     1 
ATOM   142  O O     . PHE A 1 17  ? -16.747 7.317   2.856   1.00 22.52 ? 17  PHE A O     1 
ATOM   143  C CB    . PHE A 1 17  ? -14.226 7.449   1.246   1.00 19.07 ? 17  PHE A CB    1 
ATOM   144  C CG    . PHE A 1 17  ? -13.540 8.084   0.070   1.00 19.83 ? 17  PHE A CG    1 
ATOM   145  C CD1   . PHE A 1 17  ? -12.176 8.364   0.106   1.00 18.71 ? 17  PHE A CD1   1 
ATOM   146  C CD2   . PHE A 1 17  ? -14.269 8.452   -1.056  1.00 20.35 ? 17  PHE A CD2   1 
ATOM   147  C CE1   . PHE A 1 17  ? -11.552 9.002   -0.960  1.00 19.18 ? 17  PHE A CE1   1 
ATOM   148  C CE2   . PHE A 1 17  ? -13.653 9.091   -2.127  1.00 20.39 ? 17  PHE A CE2   1 
ATOM   149  C CZ    . PHE A 1 17  ? -12.291 9.367   -2.078  1.00 20.48 ? 17  PHE A CZ    1 
ATOM   150  N N     . GLN A 1 18  ? -15.317 7.757   4.535   1.00 20.29 ? 18  GLN A N     1 
ATOM   151  C CA    . GLN A 1 18  ? -16.186 7.184   5.560   1.00 20.59 ? 18  GLN A CA    1 
ATOM   152  C C     . GLN A 1 18  ? -16.932 8.369   6.166   1.00 20.42 ? 18  GLN A C     1 
ATOM   153  O O     . GLN A 1 18  ? -16.471 8.977   7.130   1.00 19.26 ? 18  GLN A O     1 
ATOM   154  C CB    . GLN A 1 18  ? -15.357 6.467   6.627   1.00 22.21 ? 18  GLN A CB    1 
ATOM   155  C CG    . GLN A 1 18  ? -14.587 5.261   6.105   1.00 26.78 ? 18  GLN A CG    1 
ATOM   156  C CD    . GLN A 1 18  ? -15.489 4.233   5.448   1.00 29.30 ? 18  GLN A CD    1 
ATOM   157  O OE1   . GLN A 1 18  ? -16.466 3.777   6.044   1.00 32.20 ? 18  GLN A OE1   1 
ATOM   158  N NE2   . GLN A 1 18  ? -15.165 3.863   4.213   1.00 30.86 ? 18  GLN A NE2   1 
ATOM   159  N N     . LYS A 1 19  ? -18.083 8.691   5.581   1.00 20.60 ? 19  LYS A N     1 
ATOM   160  C CA    . LYS A 1 19  ? -18.897 9.828   6.005   1.00 21.46 ? 19  LYS A CA    1 
ATOM   161  C C     . LYS A 1 19  ? -19.712 9.588   7.266   1.00 20.65 ? 19  LYS A C     1 
ATOM   162  O O     . LYS A 1 19  ? -20.385 10.497  7.752   1.00 20.72 ? 19  LYS A O     1 
ATOM   163  C CB    . LYS A 1 19  ? -19.850 10.236  4.876   1.00 23.70 ? 19  LYS A CB    1 
ATOM   164  C CG    . LYS A 1 19  ? -19.203 10.379  3.505   1.00 28.34 ? 19  LYS A CG    1 
ATOM   165  C CD    . LYS A 1 19  ? -18.237 11.545  3.444   1.00 29.48 ? 19  LYS A CD    1 
ATOM   166  C CE    . LYS A 1 19  ? -17.675 11.704  2.038   1.00 30.68 ? 19  LYS A CE    1 
ATOM   167  N NZ    . LYS A 1 19  ? -16.674 12.802  1.952   1.00 32.85 ? 19  LYS A NZ    1 
ATOM   168  N N     . SER A 1 20  ? -19.664 8.366   7.785   1.00 19.47 ? 20  SER A N     1 
ATOM   169  C CA    . SER A 1 20  ? -20.408 8.023   8.987   1.00 22.22 ? 20  SER A CA    1 
ATOM   170  C C     . SER A 1 20  ? -19.587 7.081   9.860   1.00 21.27 ? 20  SER A C     1 
ATOM   171  O O     . SER A 1 20  ? -18.941 6.160   9.358   1.00 23.58 ? 20  SER A O     1 
ATOM   172  C CB    . SER A 1 20  ? -21.733 7.357   8.605   1.00 23.48 ? 20  SER A CB    1 
ATOM   173  O OG    . SER A 1 20  ? -22.501 7.038   9.753   1.00 30.07 ? 20  SER A OG    1 
ATOM   174  N N     . GLY A 1 21  ? -19.606 7.322   11.167  1.00 20.04 ? 21  GLY A N     1 
ATOM   175  C CA    . GLY A 1 21  ? -18.865 6.472   12.079  1.00 18.41 ? 21  GLY A CA    1 
ATOM   176  C C     . GLY A 1 21  ? -17.418 6.879   12.268  1.00 17.66 ? 21  GLY A C     1 
ATOM   177  O O     . GLY A 1 21  ? -16.937 7.815   11.634  1.00 17.73 ? 21  GLY A O     1 
ATOM   178  N N     . SER A 1 22  ? -16.723 6.156   13.139  1.00 17.03 ? 22  SER A N     1 
ATOM   179  C CA    . SER A 1 22  ? -15.325 6.433   13.438  1.00 17.21 ? 22  SER A CA    1 
ATOM   180  C C     . SER A 1 22  ? -14.392 5.851   12.385  1.00 16.61 ? 22  SER A C     1 
ATOM   181  O O     . SER A 1 22  ? -14.752 4.926   11.659  1.00 17.90 ? 22  SER A O     1 
ATOM   182  C CB    . SER A 1 22  ? -14.969 5.854   14.807  1.00 18.69 ? 22  SER A CB    1 
ATOM   183  O OG    . SER A 1 22  ? -15.190 4.454   14.830  1.00 22.59 ? 22  SER A OG    1 
ATOM   184  N N     . CYS A 1 23  ? -13.187 6.406   12.312  1.00 15.51 ? 23  CYS A N     1 
ATOM   185  C CA    . CYS A 1 23  ? -12.187 5.942   11.359  1.00 14.86 ? 23  CYS A CA    1 
ATOM   186  C C     . CYS A 1 23  ? -10.825 6.388   11.883  1.00 15.78 ? 23  CYS A C     1 
ATOM   187  O O     . CYS A 1 23  ? -10.429 7.537   11.703  1.00 16.82 ? 23  CYS A O     1 
ATOM   188  C CB    . CYS A 1 23  ? -12.462 6.552   9.984   1.00 14.50 ? 23  CYS A CB    1 
ATOM   189  S SG    . CYS A 1 23  ? -11.758 5.679   8.541   1.00 15.58 ? 23  CYS A SG    1 
ATOM   190  N N     . PRO A 1 24  ? -10.101 5.481   12.560  1.00 17.61 ? 24  PRO A N     1 
ATOM   191  C CA    . PRO A 1 24  ? -8.775  5.746   13.132  1.00 19.65 ? 24  PRO A CA    1 
ATOM   192  C C     . PRO A 1 24  ? -7.805  6.438   12.169  1.00 19.86 ? 24  PRO A C     1 
ATOM   193  O O     . PRO A 1 24  ? -6.969  7.244   12.582  1.00 22.49 ? 24  PRO A O     1 
ATOM   194  C CB    . PRO A 1 24  ? -8.291  4.354   13.530  1.00 20.99 ? 24  PRO A CB    1 
ATOM   195  C CG    . PRO A 1 24  ? -9.561  3.664   13.920  1.00 20.71 ? 24  PRO A CG    1 
ATOM   196  C CD    . PRO A 1 24  ? -10.517 4.091   12.825  1.00 18.55 ? 24  PRO A CD    1 
ATOM   197  N N     . GLY A 1 25  ? -7.919  6.120   10.885  1.00 19.64 ? 25  GLY A N     1 
ATOM   198  C CA    . GLY A 1 25  ? -7.038  6.713   9.894   1.00 20.39 ? 25  GLY A CA    1 
ATOM   199  C C     . GLY A 1 25  ? -7.105  8.226   9.788   1.00 21.16 ? 25  GLY A C     1 
ATOM   200  O O     . GLY A 1 25  ? -6.173  8.859   9.287   1.00 21.41 ? 25  GLY A O     1 
ATOM   201  N N     . SER A 1 26  ? -8.198  8.819   10.256  1.00 21.57 ? 26  SER A N     1 
ATOM   202  C CA    . SER A 1 26  ? -8.349  10.265  10.184  1.00 22.09 ? 26  SER A CA    1 
ATOM   203  C C     . SER A 1 26  ? -7.243  11.025  10.914  1.00 23.44 ? 26  SER A C     1 
ATOM   204  O O     . SER A 1 26  ? -6.978  12.188  10.604  1.00 24.56 ? 26  SER A O     1 
ATOM   205  C CB    . SER A 1 26  ? -9.713  10.678  10.740  1.00 23.89 ? 26  SER A CB    1 
ATOM   206  O OG    . SER A 1 26  ? -10.756 10.265  9.873   1.00 27.08 ? 26  SER A OG    1 
ATOM   207  N N     . GLY A 1 27  ? -6.591  10.368  11.869  1.00 22.12 ? 27  GLY A N     1 
ATOM   208  C CA    . GLY A 1 27  ? -5.543  11.032  12.625  1.00 22.91 ? 27  GLY A CA    1 
ATOM   209  C C     . GLY A 1 27  ? -4.109  10.639  12.320  1.00 23.08 ? 27  GLY A C     1 
ATOM   210  O O     . GLY A 1 27  ? -3.209  10.947  13.101  1.00 24.37 ? 27  GLY A O     1 
ATOM   211  N N     . LEU A 1 28  ? -3.880  9.964   11.200  1.00 21.15 ? 28  LEU A N     1 
ATOM   212  C CA    . LEU A 1 28  ? -2.524  9.563   10.836  1.00 19.47 ? 28  LEU A CA    1 
ATOM   213  C C     . LEU A 1 28  ? -1.999  10.449  9.714   1.00 19.79 ? 28  LEU A C     1 
ATOM   214  O O     . LEU A 1 28  ? -2.755  10.850  8.832   1.00 21.40 ? 28  LEU A O     1 
ATOM   215  C CB    . LEU A 1 28  ? -2.500  8.095   10.405  1.00 19.77 ? 28  LEU A CB    1 
ATOM   216  C CG    . LEU A 1 28  ? -2.943  7.075   11.458  1.00 21.06 ? 28  LEU A CG    1 
ATOM   217  C CD1   . LEU A 1 28  ? -2.860  5.673   10.868  1.00 21.22 ? 28  LEU A CD1   1 
ATOM   218  C CD2   . LEU A 1 28  ? -2.062  7.182   12.693  1.00 22.72 ? 28  LEU A CD2   1 
ATOM   219  N N     . ARG A 1 29  ? -0.704  10.744  9.737   1.00 18.67 ? 29  ARG A N     1 
ATOM   220  C CA    . ARG A 1 29  ? -0.127  11.615  8.724   1.00 19.43 ? 29  ARG A CA    1 
ATOM   221  C C     . ARG A 1 29  ? 1.072   11.057  7.972   1.00 17.84 ? 29  ARG A C     1 
ATOM   222  O O     . ARG A 1 29  ? 1.984   11.790  7.596   1.00 18.35 ? 29  ARG A O     1 
ATOM   223  C CB    . ARG A 1 29  ? 0.224   12.968  9.350   1.00 22.89 ? 29  ARG A CB    1 
ATOM   224  C CG    . ARG A 1 29  ? -1.003  13.821  9.660   1.00 28.19 ? 29  ARG A CG    1 
ATOM   225  C CD    . ARG A 1 29  ? -1.711  14.233  8.372   1.00 32.28 ? 29  ARG A CD    1 
ATOM   226  N NE    . ARG A 1 29  ? -2.928  15.004  8.611   1.00 36.32 ? 29  ARG A NE    1 
ATOM   227  C CZ    . ARG A 1 29  ? -4.061  14.497  9.091   1.00 37.79 ? 29  ARG A CZ    1 
ATOM   228  N NH1   . ARG A 1 29  ? -4.144  13.208  9.389   1.00 37.95 ? 29  ARG A NH1   1 
ATOM   229  N NH2   . ARG A 1 29  ? -5.115  15.281  9.272   1.00 39.26 ? 29  ARG A NH2   1 
ATOM   230  N N     . THR A 1 30  ? 1.066   9.749   7.749   1.00 14.77 ? 30  THR A N     1 
ATOM   231  C CA    . THR A 1 30  ? 2.134   9.112   6.996   1.00 14.63 ? 30  THR A CA    1 
ATOM   232  C C     . THR A 1 30  ? 1.490   7.975   6.223   1.00 11.87 ? 30  THR A C     1 
ATOM   233  O O     . THR A 1 30  ? 0.382   7.554   6.556   1.00 12.79 ? 30  THR A O     1 
ATOM   234  C CB    . THR A 1 30  ? 3.224   8.527   7.912   1.00 15.76 ? 30  THR A CB    1 
ATOM   235  O OG1   . THR A 1 30  ? 4.317   8.061   7.108   1.00 20.03 ? 30  THR A OG1   1 
ATOM   236  C CG2   . THR A 1 30  ? 2.677   7.366   8.724   1.00 17.97 ? 30  THR A CG2   1 
ATOM   237  N N     . PHE A 1 31  ? 2.161   7.504   5.179   1.00 11.66 ? 31  PHE A N     1 
ATOM   238  C CA    . PHE A 1 31  ? 1.631   6.385   4.410   1.00 9.89  ? 31  PHE A CA    1 
ATOM   239  C C     . PHE A 1 31  ? 1.842   5.118   5.219   1.00 9.58  ? 31  PHE A C     1 
ATOM   240  O O     . PHE A 1 31  ? 2.896   4.931   5.831   1.00 11.57 ? 31  PHE A O     1 
ATOM   241  C CB    . PHE A 1 31  ? 2.358   6.227   3.072   1.00 10.65 ? 31  PHE A CB    1 
ATOM   242  C CG    . PHE A 1 31  ? 1.790   7.061   1.961   1.00 10.43 ? 31  PHE A CG    1 
ATOM   243  C CD1   . PHE A 1 31  ? 2.207   8.376   1.773   1.00 12.87 ? 31  PHE A CD1   1 
ATOM   244  C CD2   . PHE A 1 31  ? 0.841   6.527   1.094   1.00 11.01 ? 31  PHE A CD2   1 
ATOM   245  C CE1   . PHE A 1 31  ? 1.684   9.146   0.733   1.00 14.29 ? 31  PHE A CE1   1 
ATOM   246  C CE2   . PHE A 1 31  ? 0.315   7.287   0.055   1.00 12.25 ? 31  PHE A CE2   1 
ATOM   247  C CZ    . PHE A 1 31  ? 0.738   8.599   -0.126  1.00 12.18 ? 31  PHE A CZ    1 
ATOM   248  N N     . THR A 1 32  ? 0.838   4.252   5.223   1.00 7.55  ? 32  THR A N     1 
ATOM   249  C CA    . THR A 1 32  ? 0.939   2.990   5.940   1.00 9.21  ? 32  THR A CA    1 
ATOM   250  C C     . THR A 1 32  ? 0.701   1.852   4.957   1.00 8.38  ? 32  THR A C     1 
ATOM   251  O O     . THR A 1 32  ? 0.241   2.069   3.838   1.00 9.04  ? 32  THR A O     1 
ATOM   252  C CB    . THR A 1 32  ? -0.077  2.908   7.097   1.00 9.78  ? 32  THR A CB    1 
ATOM   253  O OG1   . THR A 1 32  ? -1.405  3.084   6.589   1.00 10.92 ? 32  THR A OG1   1 
ATOM   254  C CG2   . THR A 1 32  ? 0.222   3.989   8.140   1.00 12.28 ? 32  THR A CG2   1 
ATOM   255  N N     . ILE A 1 33  ? 1.019   0.636   5.375   1.00 7.44  ? 33  ILE A N     1 
ATOM   256  C CA    . ILE A 1 33  ? 0.859   -0.521  4.512   1.00 8.81  ? 33  ILE A CA    1 
ATOM   257  C C     . ILE A 1 33  ? -0.581  -0.991  4.383   1.00 8.71  ? 33  ILE A C     1 
ATOM   258  O O     . ILE A 1 33  ? -1.286  -1.130  5.383   1.00 10.85 ? 33  ILE A O     1 
ATOM   259  C CB    . ILE A 1 33  ? 1.695   -1.710  5.045   1.00 7.13  ? 33  ILE A CB    1 
ATOM   260  C CG1   . ILE A 1 33  ? 3.174   -1.317  5.115   1.00 8.34  ? 33  ILE A CG1   1 
ATOM   261  C CG2   . ILE A 1 33  ? 1.485   -2.947  4.160   1.00 9.45  ? 33  ILE A CG2   1 
ATOM   262  C CD1   . ILE A 1 33  ? 4.029   -2.274  5.940   1.00 10.40 ? 33  ILE A CD1   1 
ATOM   263  N N     . HIS A 1 34  ? -1.025  -1.218  3.150   1.00 8.36  ? 34  HIS A N     1 
ATOM   264  C CA    . HIS A 1 34  ? -2.351  -1.777  2.942   1.00 8.49  ? 34  HIS A CA    1 
ATOM   265  C C     . HIS A 1 34  ? -2.084  -3.273  2.769   1.00 11.00 ? 34  HIS A C     1 
ATOM   266  O O     . HIS A 1 34  ? -2.644  -4.102  3.485   1.00 11.12 ? 34  HIS A O     1 
ATOM   267  C CB    . HIS A 1 34  ? -3.033  -1.201  1.695   1.00 10.40 ? 34  HIS A CB    1 
ATOM   268  C CG    . HIS A 1 34  ? -4.393  -1.778  1.436   1.00 12.99 ? 34  HIS A CG    1 
ATOM   269  N ND1   . HIS A 1 34  ? -5.269  -1.237  0.520   1.00 16.34 ? 34  HIS A ND1   1 
ATOM   270  C CD2   . HIS A 1 34  ? -5.028  -2.846  1.977   1.00 15.87 ? 34  HIS A CD2   1 
ATOM   271  C CE1   . HIS A 1 34  ? -6.386  -1.944  0.510   1.00 16.08 ? 34  HIS A CE1   1 
ATOM   272  N NE2   . HIS A 1 34  ? -6.267  -2.926  1.386   1.00 16.81 ? 34  HIS A NE2   1 
ATOM   273  N N     . GLY A 1 35  ? -1.195  -3.615  1.841   1.00 9.86  ? 35  GLY A N     1 
ATOM   274  C CA    . GLY A 1 35  ? -0.883  -5.018  1.638   1.00 11.19 ? 35  GLY A CA    1 
ATOM   275  C C     . GLY A 1 35  ? 0.204   -5.297  0.626   1.00 10.21 ? 35  GLY A C     1 
ATOM   276  O O     . GLY A 1 35  ? 0.690   -4.393  -0.055  1.00 9.72  ? 35  GLY A O     1 
ATOM   277  N N     . LEU A 1 36  ? 0.585   -6.569  0.545   1.00 8.42  ? 36  LEU A N     1 
ATOM   278  C CA    . LEU A 1 36  ? 1.601   -7.062  -0.383  1.00 8.39  ? 36  LEU A CA    1 
ATOM   279  C C     . LEU A 1 36  ? 0.853   -8.111  -1.194  1.00 9.15  ? 36  LEU A C     1 
ATOM   280  O O     . LEU A 1 36  ? 0.577   -9.208  -0.709  1.00 11.16 ? 36  LEU A O     1 
ATOM   281  C CB    . LEU A 1 36  ? 2.765   -7.681  0.395   1.00 9.53  ? 36  LEU A CB    1 
ATOM   282  C CG    . LEU A 1 36  ? 3.928   -8.235  -0.425  1.00 10.31 ? 36  LEU A CG    1 
ATOM   283  C CD1   . LEU A 1 36  ? 4.415   -7.186  -1.418  1.00 10.83 ? 36  LEU A CD1   1 
ATOM   284  C CD2   . LEU A 1 36  ? 5.055   -8.649  0.519   1.00 13.58 ? 36  LEU A CD2   1 
ATOM   285  N N     . TRP A 1 37  ? 0.536   -7.772  -2.435  1.00 9.31  ? 37  TRP A N     1 
ATOM   286  C CA    . TRP A 1 37  ? -0.274  -8.650  -3.265  1.00 9.64  ? 37  TRP A CA    1 
ATOM   287  C C     . TRP A 1 37  ? 0.420   -9.381  -4.407  1.00 9.40  ? 37  TRP A C     1 
ATOM   288  O O     . TRP A 1 37  ? 0.855   -8.761  -5.370  1.00 9.28  ? 37  TRP A O     1 
ATOM   289  C CB    . TRP A 1 37  ? -1.443  -7.848  -3.857  1.00 11.12 ? 37  TRP A CB    1 
ATOM   290  C CG    . TRP A 1 37  ? -2.222  -6.996  -2.873  1.00 11.74 ? 37  TRP A CG    1 
ATOM   291  C CD1   . TRP A 1 37  ? -2.284  -7.149  -1.516  1.00 12.74 ? 37  TRP A CD1   1 
ATOM   292  C CD2   . TRP A 1 37  ? -3.083  -5.891  -3.190  1.00 14.33 ? 37  TRP A CD2   1 
ATOM   293  N NE1   . TRP A 1 37  ? -3.132  -6.210  -0.967  1.00 14.72 ? 37  TRP A NE1   1 
ATOM   294  C CE2   . TRP A 1 37  ? -3.635  -5.428  -1.973  1.00 13.92 ? 37  TRP A CE2   1 
ATOM   295  C CE3   . TRP A 1 37  ? -3.443  -5.252  -4.385  1.00 14.43 ? 37  TRP A CE3   1 
ATOM   296  C CZ2   . TRP A 1 37  ? -4.528  -4.351  -1.917  1.00 17.02 ? 37  TRP A CZ2   1 
ATOM   297  C CZ3   . TRP A 1 37  ? -4.334  -4.180  -4.328  1.00 16.23 ? 37  TRP A CZ3   1 
ATOM   298  C CH2   . TRP A 1 37  ? -4.863  -3.744  -3.100  1.00 16.56 ? 37  TRP A CH2   1 
ATOM   299  N N     . PRO A 1 38  ? 0.513   -10.722 -4.321  1.00 10.35 ? 38  PRO A N     1 
ATOM   300  C CA    . PRO A 1 38  ? 1.161   -11.470 -5.404  1.00 10.85 ? 38  PRO A CA    1 
ATOM   301  C C     . PRO A 1 38  ? 0.354   -11.285 -6.692  1.00 12.60 ? 38  PRO A C     1 
ATOM   302  O O     . PRO A 1 38  ? -0.877  -11.233 -6.650  1.00 13.77 ? 38  PRO A O     1 
ATOM   303  C CB    . PRO A 1 38  ? 1.114   -12.916 -4.907  1.00 11.93 ? 38  PRO A CB    1 
ATOM   304  C CG    . PRO A 1 38  ? 1.108   -12.772 -3.408  1.00 13.37 ? 38  PRO A CG    1 
ATOM   305  C CD    . PRO A 1 38  ? 0.169   -11.606 -3.193  1.00 10.80 ? 38  PRO A CD    1 
ATOM   306  N N     . GLN A 1 39  ? 1.050   -11.194 -7.823  1.00 13.55 ? 39  GLN A N     1 
ATOM   307  C CA    . GLN A 1 39  ? 0.409   -11.001 -9.125  1.00 16.25 ? 39  GLN A CA    1 
ATOM   308  C C     . GLN A 1 39  ? 0.732   -12.141 -10.083 1.00 17.76 ? 39  GLN A C     1 
ATOM   309  O O     . GLN A 1 39  ? 1.736   -12.828 -9.932  1.00 18.02 ? 39  GLN A O     1 
ATOM   310  C CB    . GLN A 1 39  ? 0.892   -9.701  -9.772  1.00 16.19 ? 39  GLN A CB    1 
ATOM   311  C CG    . GLN A 1 39  ? 0.708   -8.452  -8.931  1.00 15.55 ? 39  GLN A CG    1 
ATOM   312  C CD    . GLN A 1 39  ? -0.738  -8.025  -8.819  1.00 15.71 ? 39  GLN A CD    1 
ATOM   313  O OE1   . GLN A 1 39  ? -1.393  -7.725  -9.822  1.00 18.51 ? 39  GLN A OE1   1 
ATOM   314  N NE2   . GLN A 1 39  ? -1.247  -7.988  -7.596  1.00 15.59 ? 39  GLN A NE2   1 
ATOM   315  N N     . GLN A 1 40  ? -0.131  -12.321 -11.078 1.00 21.67 ? 40  GLN A N     1 
ATOM   316  C CA    . GLN A 1 40  ? 0.060   -13.347 -12.095 1.00 26.34 ? 40  GLN A CA    1 
ATOM   317  C C     . GLN A 1 40  ? -0.618  -12.905 -13.386 1.00 27.61 ? 40  GLN A C     1 
ATOM   318  O O     . GLN A 1 40  ? -1.836  -12.741 -13.432 1.00 28.55 ? 40  GLN A O     1 
ATOM   319  C CB    . GLN A 1 40  ? -0.527  -14.685 -11.637 1.00 28.20 ? 40  GLN A CB    1 
ATOM   320  C CG    . GLN A 1 40  ? -0.428  -15.793 -12.682 1.00 33.33 ? 40  GLN A CG    1 
ATOM   321  C CD    . GLN A 1 40  ? 1.003   -16.094 -13.087 1.00 34.88 ? 40  GLN A CD    1 
ATOM   322  O OE1   . GLN A 1 40  ? 1.799   -16.577 -12.283 1.00 37.44 ? 40  GLN A OE1   1 
ATOM   323  N NE2   . GLN A 1 40  ? 1.337   -15.805 -14.341 1.00 37.43 ? 40  GLN A NE2   1 
ATOM   324  N N     . SER A 1 41  ? 0.182   -12.696 -14.427 1.00 29.99 ? 41  SER A N     1 
ATOM   325  C CA    . SER A 1 41  ? -0.330  -12.279 -15.728 1.00 31.94 ? 41  SER A CA    1 
ATOM   326  C C     . SER A 1 41  ? -1.179  -11.010 -15.687 1.00 32.68 ? 41  SER A C     1 
ATOM   327  O O     . SER A 1 41  ? -2.190  -10.910 -16.383 1.00 34.01 ? 41  SER A O     1 
ATOM   328  C CB    . SER A 1 41  ? -1.143  -13.415 -16.352 1.00 32.63 ? 41  SER A CB    1 
ATOM   329  O OG    . SER A 1 41  ? -0.338  -14.566 -16.529 1.00 34.54 ? 41  SER A OG    1 
ATOM   330  N N     . GLY A 1 42  ? -0.774  -10.044 -14.870 1.00 32.44 ? 42  GLY A N     1 
ATOM   331  C CA    . GLY A 1 42  ? -1.505  -8.792  -14.789 1.00 32.55 ? 42  GLY A CA    1 
ATOM   332  C C     . GLY A 1 42  ? -2.707  -8.757  -13.864 1.00 32.70 ? 42  GLY A C     1 
ATOM   333  O O     . GLY A 1 42  ? -3.477  -7.795  -13.886 1.00 33.90 ? 42  GLY A O     1 
ATOM   334  N N     . THR A 1 43  ? -2.881  -9.795  -13.053 1.00 31.70 ? 43  THR A N     1 
ATOM   335  C CA    . THR A 1 43  ? -4.003  -9.842  -12.124 1.00 31.51 ? 43  THR A CA    1 
ATOM   336  C C     . THR A 1 43  ? -3.549  -10.316 -10.749 1.00 29.05 ? 43  THR A C     1 
ATOM   337  O O     . THR A 1 43  ? -2.561  -11.040 -10.630 1.00 28.22 ? 43  THR A O     1 
ATOM   338  C CB    . THR A 1 43  ? -5.117  -10.786 -12.627 1.00 32.86 ? 43  THR A CB    1 
ATOM   339  O OG1   . THR A 1 43  ? -6.208  -10.775 -11.700 1.00 35.90 ? 43  THR A OG1   1 
ATOM   340  C CG2   . THR A 1 43  ? -4.597  -12.207 -12.757 1.00 34.76 ? 43  THR A CG2   1 
ATOM   341  N N     . SER A 1 44  ? -4.276  -9.903  -9.715  1.00 27.95 ? 44  SER A N     1 
ATOM   342  C CA    . SER A 1 44  ? -3.948  -10.284 -8.345  1.00 26.74 ? 44  SER A CA    1 
ATOM   343  C C     . SER A 1 44  ? -4.437  -11.688 -8.019  1.00 25.97 ? 44  SER A C     1 
ATOM   344  O O     . SER A 1 44  ? -5.592  -12.030 -8.280  1.00 26.25 ? 44  SER A O     1 
ATOM   345  C CB    . SER A 1 44  ? -4.574  -9.301  -7.350  1.00 27.33 ? 44  SER A CB    1 
ATOM   346  O OG    . SER A 1 44  ? -4.055  -7.993  -7.510  1.00 29.30 ? 44  SER A OG    1 
ATOM   347  N N     . LEU A 1 45  ? -3.552  -12.498 -7.451  1.00 23.43 ? 45  LEU A N     1 
ATOM   348  C CA    . LEU A 1 45  ? -3.896  -13.858 -7.054  1.00 23.46 ? 45  LEU A CA    1 
ATOM   349  C C     . LEU A 1 45  ? -4.468  -13.762 -5.648  1.00 23.32 ? 45  LEU A C     1 
ATOM   350  O O     . LEU A 1 45  ? -3.824  -13.213 -4.753  1.00 23.85 ? 45  LEU A O     1 
ATOM   351  C CB    . LEU A 1 45  ? -2.651  -14.745 -7.032  1.00 24.61 ? 45  LEU A CB    1 
ATOM   352  C CG    . LEU A 1 45  ? -1.943  -15.002 -8.361  1.00 26.59 ? 45  LEU A CG    1 
ATOM   353  C CD1   . LEU A 1 45  ? -0.651  -15.767 -8.111  1.00 26.94 ? 45  LEU A CD1   1 
ATOM   354  C CD2   . LEU A 1 45  ? -2.864  -15.788 -9.288  1.00 28.31 ? 45  LEU A CD2   1 
ATOM   355  N N     . THR A 1 46  ? -5.668  -14.292 -5.446  1.00 21.42 ? 46  THR A N     1 
ATOM   356  C CA    . THR A 1 46  ? -6.284  -14.226 -4.127  1.00 21.57 ? 46  THR A CA    1 
ATOM   357  C C     . THR A 1 46  ? -6.898  -15.530 -3.640  1.00 21.63 ? 46  THR A C     1 
ATOM   358  O O     . THR A 1 46  ? -7.184  -16.440 -4.423  1.00 22.53 ? 46  THR A O     1 
ATOM   359  C CB    . THR A 1 46  ? -7.382  -13.143 -4.080  1.00 22.04 ? 46  THR A CB    1 
ATOM   360  O OG1   . THR A 1 46  ? -8.378  -13.428 -5.070  1.00 24.15 ? 46  THR A OG1   1 
ATOM   361  C CG2   . THR A 1 46  ? -6.789  -11.770 -4.352  1.00 22.01 ? 46  THR A CG2   1 
ATOM   362  N N     . ASN A 1 47  ? -7.082  -15.600 -2.326  1.00 21.18 ? 47  ASN A N     1 
ATOM   363  C CA    . ASN A 1 47  ? -7.684  -16.748 -1.660  1.00 22.38 ? 47  ASN A CA    1 
ATOM   364  C C     . ASN A 1 47  ? -7.096  -18.106 -2.026  1.00 22.48 ? 47  ASN A C     1 
ATOM   365  O O     . ASN A 1 47  ? -7.835  -19.054 -2.301  1.00 23.18 ? 47  ASN A O     1 
ATOM   366  C CB    . ASN A 1 47  ? -9.191  -16.743 -1.920  1.00 23.99 ? 47  ASN A CB    1 
ATOM   367  C CG    . ASN A 1 47  ? -9.852  -15.451 -1.476  1.00 26.75 ? 47  ASN A CG    1 
ATOM   368  O OD1   . ASN A 1 47  ? -9.772  -15.069 -0.307  1.00 26.39 ? 47  ASN A OD1   1 
ATOM   369  N ND2   . ASN A 1 47  ? -10.506 -14.768 -2.409  1.00 28.95 ? 47  ASN A ND2   1 
ATOM   370  N N     . CYS A 1 48  ? -5.770  -18.204 -2.017  1.00 20.14 ? 48  CYS A N     1 
ATOM   371  C CA    . CYS A 1 48  ? -5.105  -19.466 -2.328  1.00 19.68 ? 48  CYS A CA    1 
ATOM   372  C C     . CYS A 1 48  ? -5.121  -20.363 -1.102  1.00 20.43 ? 48  CYS A C     1 
ATOM   373  O O     . CYS A 1 48  ? -4.968  -19.893 0.023   1.00 21.16 ? 48  CYS A O     1 
ATOM   374  C CB    . CYS A 1 48  ? -3.646  -19.230 -2.738  1.00 18.99 ? 48  CYS A CB    1 
ATOM   375  S SG    . CYS A 1 48  ? -3.467  -18.265 -4.265  1.00 19.11 ? 48  CYS A SG    1 
ATOM   376  N N     . PRO A 1 49  ? -5.328  -21.673 -1.300  1.00 19.44 ? 49  PRO A N     1 
ATOM   377  C CA    . PRO A 1 49  ? -5.334  -22.544 -0.126  1.00 19.66 ? 49  PRO A CA    1 
ATOM   378  C C     . PRO A 1 49  ? -3.941  -22.487 0.490   1.00 19.44 ? 49  PRO A C     1 
ATOM   379  O O     . PRO A 1 49  ? -2.941  -22.575 -0.222  1.00 21.76 ? 49  PRO A O     1 
ATOM   380  C CB    . PRO A 1 49  ? -5.649  -23.915 -0.718  1.00 20.50 ? 49  PRO A CB    1 
ATOM   381  C CG    . PRO A 1 49  ? -6.516  -23.575 -1.890  1.00 20.46 ? 49  PRO A CG    1 
ATOM   382  C CD    . PRO A 1 49  ? -5.787  -22.396 -2.498  1.00 21.00 ? 49  PRO A CD    1 
ATOM   383  N N     . GLY A 1 50  ? -3.874  -22.323 1.804   1.00 19.77 ? 50  GLY A N     1 
ATOM   384  C CA    . GLY A 1 50  ? -2.583  -22.254 2.461   1.00 19.43 ? 50  GLY A CA    1 
ATOM   385  C C     . GLY A 1 50  ? -2.703  -22.371 3.964   1.00 20.58 ? 50  GLY A C     1 
ATOM   386  O O     . GLY A 1 50  ? -3.767  -22.706 4.483   1.00 22.24 ? 50  GLY A O     1 
ATOM   387  N N     . SER A 1 51  ? -1.612  -22.087 4.665   1.00 21.11 ? 51  SER A N     1 
ATOM   388  C CA    . SER A 1 51  ? -1.589  -22.174 6.119   1.00 21.06 ? 51  SER A CA    1 
ATOM   389  C C     . SER A 1 51  ? -2.446  -21.109 6.796   1.00 21.33 ? 51  SER A C     1 
ATOM   390  O O     . SER A 1 51  ? -2.551  -19.976 6.321   1.00 20.60 ? 51  SER A O     1 
ATOM   391  C CB    . SER A 1 51  ? -0.152  -22.053 6.628   1.00 21.83 ? 51  SER A CB    1 
ATOM   392  O OG    . SER A 1 51  ? 0.690   -23.025 6.033   1.00 24.81 ? 51  SER A OG    1 
ATOM   393  N N     . PRO A 1 52  ? -3.088  -21.468 7.914   1.00 20.98 ? 52  PRO A N     1 
ATOM   394  C CA    . PRO A 1 52  ? -3.925  -20.510 8.639   1.00 20.85 ? 52  PRO A CA    1 
ATOM   395  C C     . PRO A 1 52  ? -3.016  -19.445 9.248   1.00 19.32 ? 52  PRO A C     1 
ATOM   396  O O     . PRO A 1 52  ? -1.843  -19.706 9.506   1.00 19.30 ? 52  PRO A O     1 
ATOM   397  C CB    . PRO A 1 52  ? -4.586  -21.373 9.715   1.00 21.74 ? 52  PRO A CB    1 
ATOM   398  C CG    . PRO A 1 52  ? -4.619  -22.737 9.092   1.00 22.59 ? 52  PRO A CG    1 
ATOM   399  C CD    . PRO A 1 52  ? -3.260  -22.828 8.452   1.00 21.27 ? 52  PRO A CD    1 
ATOM   400  N N     . PHE A 1 53  ? -3.551  -18.251 9.471   1.00 18.97 ? 53  PHE A N     1 
ATOM   401  C CA    . PHE A 1 53  ? -2.764  -17.174 10.067  1.00 18.17 ? 53  PHE A CA    1 
ATOM   402  C C     . PHE A 1 53  ? -2.374  -17.572 11.490  1.00 18.16 ? 53  PHE A C     1 
ATOM   403  O O     . PHE A 1 53  ? -3.211  -18.055 12.255  1.00 20.23 ? 53  PHE A O     1 
ATOM   404  C CB    . PHE A 1 53  ? -3.585  -15.886 10.095  1.00 17.84 ? 53  PHE A CB    1 
ATOM   405  C CG    . PHE A 1 53  ? -2.870  -14.722 10.724  1.00 19.38 ? 53  PHE A CG    1 
ATOM   406  C CD1   . PHE A 1 53  ? -1.805  -14.108 10.076  1.00 20.03 ? 53  PHE A CD1   1 
ATOM   407  C CD2   . PHE A 1 53  ? -3.266  -14.239 11.968  1.00 20.69 ? 53  PHE A CD2   1 
ATOM   408  C CE1   . PHE A 1 53  ? -1.143  -13.026 10.654  1.00 21.20 ? 53  PHE A CE1   1 
ATOM   409  C CE2   . PHE A 1 53  ? -2.612  -13.158 12.556  1.00 20.41 ? 53  PHE A CE2   1 
ATOM   410  C CZ    . PHE A 1 53  ? -1.549  -12.551 11.899  1.00 20.81 ? 53  PHE A CZ    1 
ATOM   411  N N     . ASP A 1 54  ? -1.105  -17.377 11.838  1.00 17.37 ? 54  ASP A N     1 
ATOM   412  C CA    . ASP A 1 54  ? -0.604  -17.710 13.171  1.00 18.82 ? 54  ASP A CA    1 
ATOM   413  C C     . ASP A 1 54  ? 0.190   -16.522 13.707  1.00 18.06 ? 54  ASP A C     1 
ATOM   414  O O     . ASP A 1 54  ? 1.295   -16.244 13.249  1.00 16.45 ? 54  ASP A O     1 
ATOM   415  C CB    . ASP A 1 54  ? 0.294   -18.949 13.104  1.00 20.72 ? 54  ASP A CB    1 
ATOM   416  C CG    . ASP A 1 54  ? 0.738   -19.426 14.477  1.00 23.62 ? 54  ASP A CG    1 
ATOM   417  O OD1   . ASP A 1 54  ? 0.388   -18.773 15.483  1.00 24.17 ? 54  ASP A OD1   1 
ATOM   418  O OD2   . ASP A 1 54  ? 1.439   -20.459 14.546  1.00 25.74 ? 54  ASP A OD2   1 
ATOM   419  N N     . ILE A 1 55  ? -0.382  -15.828 14.686  1.00 18.50 ? 55  ILE A N     1 
ATOM   420  C CA    . ILE A 1 55  ? 0.258   -14.654 15.271  1.00 18.27 ? 55  ILE A CA    1 
ATOM   421  C C     . ILE A 1 55  ? 1.625   -14.938 15.892  1.00 18.96 ? 55  ILE A C     1 
ATOM   422  O O     . ILE A 1 55  ? 2.485   -14.064 15.932  1.00 18.55 ? 55  ILE A O     1 
ATOM   423  C CB    . ILE A 1 55  ? -0.657  -14.011 16.339  1.00 19.58 ? 55  ILE A CB    1 
ATOM   424  C CG1   . ILE A 1 55  ? -0.120  -12.630 16.729  1.00 19.84 ? 55  ILE A CG1   1 
ATOM   425  C CG2   . ILE A 1 55  ? -0.745  -14.914 17.562  1.00 20.57 ? 55  ILE A CG2   1 
ATOM   426  C CD1   . ILE A 1 55  ? -0.132  -11.626 15.597  1.00 22.29 ? 55  ILE A CD1   1 
ATOM   427  N N     . THR A 1 56  ? 1.836   -16.161 16.367  1.00 19.46 ? 56  THR A N     1 
ATOM   428  C CA    . THR A 1 56  ? 3.108   -16.507 16.992  1.00 19.96 ? 56  THR A CA    1 
ATOM   429  C C     . THR A 1 56  ? 4.286   -16.461 16.023  1.00 19.71 ? 56  THR A C     1 
ATOM   430  O O     . THR A 1 56  ? 5.431   -16.263 16.436  1.00 20.64 ? 56  THR A O     1 
ATOM   431  C CB    . THR A 1 56  ? 3.054   -17.913 17.625  1.00 21.87 ? 56  THR A CB    1 
ATOM   432  O OG1   . THR A 1 56  ? 2.934   -18.899 16.594  1.00 26.39 ? 56  THR A OG1   1 
ATOM   433  C CG2   . THR A 1 56  ? 1.864   -18.022 18.564  1.00 23.79 ? 56  THR A CG2   1 
ATOM   434  N N     . LYS A 1 57  ? 4.006   -16.635 14.735  1.00 18.29 ? 57  LYS A N     1 
ATOM   435  C CA    . LYS A 1 57  ? 5.058   -16.634 13.727  1.00 18.42 ? 57  LYS A CA    1 
ATOM   436  C C     . LYS A 1 57  ? 5.621   -15.242 13.448  1.00 17.08 ? 57  LYS A C     1 
ATOM   437  O O     . LYS A 1 57  ? 6.711   -15.112 12.886  1.00 19.38 ? 57  LYS A O     1 
ATOM   438  C CB    . LYS A 1 57  ? 4.540   -17.255 12.429  1.00 20.04 ? 57  LYS A CB    1 
ATOM   439  C CG    . LYS A 1 57  ? 4.104   -18.708 12.580  1.00 22.46 ? 57  LYS A CG    1 
ATOM   440  C CD    . LYS A 1 57  ? 3.640   -19.290 11.256  1.00 26.62 ? 57  LYS A CD    1 
ATOM   441  C CE    . LYS A 1 57  ? 3.165   -20.727 11.421  1.00 29.58 ? 57  LYS A CE    1 
ATOM   442  N NZ    . LYS A 1 57  ? 2.688   -21.304 10.135  1.00 31.97 ? 57  LYS A NZ    1 
ATOM   443  N N     . ILE A 1 58  ? 4.886   -14.209 13.847  1.00 17.86 ? 58  ILE A N     1 
ATOM   444  C CA    . ILE A 1 58  ? 5.333   -12.835 13.629  1.00 17.05 ? 58  ILE A CA    1 
ATOM   445  C C     . ILE A 1 58  ? 5.363   -12.022 14.923  1.00 17.08 ? 58  ILE A C     1 
ATOM   446  O O     . ILE A 1 58  ? 5.308   -10.792 14.894  1.00 18.10 ? 58  ILE A O     1 
ATOM   447  C CB    . ILE A 1 58  ? 4.428   -12.106 12.607  1.00 15.94 ? 58  ILE A CB    1 
ATOM   448  C CG1   . ILE A 1 58  ? 2.968   -12.164 13.065  1.00 16.37 ? 58  ILE A CG1   1 
ATOM   449  C CG2   . ILE A 1 58  ? 4.584   -12.739 11.228  1.00 15.65 ? 58  ILE A CG2   1 
ATOM   450  C CD1   . ILE A 1 58  ? 2.025   -11.323 12.213  1.00 19.15 ? 58  ILE A CD1   1 
ATOM   451  N N     . SER A 1 59  ? 5.465   -12.711 16.057  1.00 17.86 ? 59  SER A N     1 
ATOM   452  C CA    . SER A 1 59  ? 5.489   -12.044 17.356  1.00 19.37 ? 59  SER A CA    1 
ATOM   453  C C     . SER A 1 59  ? 6.629   -11.038 17.495  1.00 18.84 ? 59  SER A C     1 
ATOM   454  O O     . SER A 1 59  ? 6.489   -10.023 18.177  1.00 19.72 ? 59  SER A O     1 
ATOM   455  C CB    . SER A 1 59  ? 5.593   -13.082 18.478  1.00 20.58 ? 59  SER A CB    1 
ATOM   456  O OG    . SER A 1 59  ? 6.823   -13.782 18.417  1.00 24.66 ? 59  SER A OG    1 
ATOM   457  N N     . HIS A 1 60  ? 7.751   -11.321 16.844  1.00 18.31 ? 60  HIS A N     1 
ATOM   458  C CA    . HIS A 1 60  ? 8.914   -10.445 16.910  1.00 19.08 ? 60  HIS A CA    1 
ATOM   459  C C     . HIS A 1 60  ? 8.749   -9.154  16.109  1.00 19.72 ? 60  HIS A C     1 
ATOM   460  O O     . HIS A 1 60  ? 9.543   -8.224  16.252  1.00 21.28 ? 60  HIS A O     1 
ATOM   461  C CB    . HIS A 1 60  ? 10.161  -11.197 16.428  1.00 20.24 ? 60  HIS A CB    1 
ATOM   462  C CG    . HIS A 1 60  ? 10.041  -11.746 15.039  1.00 20.08 ? 60  HIS A CG    1 
ATOM   463  N ND1   . HIS A 1 60  ? 9.098   -12.689 14.688  1.00 21.97 ? 60  HIS A ND1   1 
ATOM   464  C CD2   . HIS A 1 60  ? 10.747  -11.485 13.912  1.00 21.53 ? 60  HIS A CD2   1 
ATOM   465  C CE1   . HIS A 1 60  ? 9.228   -12.984 13.406  1.00 21.51 ? 60  HIS A CE1   1 
ATOM   466  N NE2   . HIS A 1 60  ? 10.221  -12.268 12.913  1.00 21.00 ? 60  HIS A NE2   1 
ATOM   467  N N     . LEU A 1 61  ? 7.709   -9.092  15.283  1.00 17.11 ? 61  LEU A N     1 
ATOM   468  C CA    . LEU A 1 61  ? 7.466   -7.915  14.449  1.00 16.68 ? 61  LEU A CA    1 
ATOM   469  C C     . LEU A 1 61  ? 6.302   -7.059  14.931  1.00 16.41 ? 61  LEU A C     1 
ATOM   470  O O     . LEU A 1 61  ? 5.953   -6.074  14.279  1.00 14.61 ? 61  LEU A O     1 
ATOM   471  C CB    . LEU A 1 61  ? 7.174   -8.348  13.007  1.00 16.68 ? 61  LEU A CB    1 
ATOM   472  C CG    . LEU A 1 61  ? 8.212   -9.167  12.236  1.00 17.83 ? 61  LEU A CG    1 
ATOM   473  C CD1   . LEU A 1 61  ? 7.588   -9.695  10.950  1.00 19.61 ? 61  LEU A CD1   1 
ATOM   474  C CD2   . LEU A 1 61  ? 9.430   -8.312  11.935  1.00 19.77 ? 61  LEU A CD2   1 
ATOM   475  N N     . GLN A 1 62  ? 5.703   -7.412  16.065  1.00 16.21 ? 62  GLN A N     1 
ATOM   476  C CA    . GLN A 1 62  ? 4.548   -6.670  16.557  1.00 17.24 ? 62  GLN A CA    1 
ATOM   477  C C     . GLN A 1 62  ? 4.700   -5.157  16.672  1.00 17.06 ? 62  GLN A C     1 
ATOM   478  O O     . GLN A 1 62  ? 3.761   -4.424  16.370  1.00 17.44 ? 62  GLN A O     1 
ATOM   479  C CB    . GLN A 1 62  ? 4.058   -7.246  17.893  1.00 18.16 ? 62  GLN A CB    1 
ATOM   480  C CG    . GLN A 1 62  ? 5.073   -7.258  19.016  1.00 21.76 ? 62  GLN A CG    1 
ATOM   481  C CD    . GLN A 1 62  ? 4.504   -7.866  20.286  1.00 21.97 ? 62  GLN A CD    1 
ATOM   482  O OE1   . GLN A 1 62  ? 3.759   -7.216  21.023  1.00 24.51 ? 62  GLN A OE1   1 
ATOM   483  N NE2   . GLN A 1 62  ? 4.838   -9.126  20.537  1.00 21.63 ? 62  GLN A NE2   1 
ATOM   484  N N     . SER A 1 63  ? 5.865   -4.681  17.098  1.00 17.28 ? 63  SER A N     1 
ATOM   485  C CA    . SER A 1 63  ? 6.077   -3.241  17.231  1.00 18.86 ? 63  SER A CA    1 
ATOM   486  C C     . SER A 1 63  ? 6.004   -2.555  15.868  1.00 17.81 ? 63  SER A C     1 
ATOM   487  O O     . SER A 1 63  ? 5.280   -1.571  15.689  1.00 16.90 ? 63  SER A O     1 
ATOM   488  C CB    . SER A 1 63  ? 7.441   -2.959  17.866  1.00 22.05 ? 63  SER A CB    1 
ATOM   489  O OG    . SER A 1 63  ? 7.655   -1.564  17.997  1.00 28.46 ? 63  SER A OG    1 
ATOM   490  N N     . GLN A 1 64  ? 6.757   -3.087  14.914  1.00 16.93 ? 64  GLN A N     1 
ATOM   491  C CA    . GLN A 1 64  ? 6.797   -2.534  13.564  1.00 16.81 ? 64  GLN A CA    1 
ATOM   492  C C     . GLN A 1 64  ? 5.445   -2.629  12.870  1.00 15.56 ? 64  GLN A C     1 
ATOM   493  O O     . GLN A 1 64  ? 5.032   -1.699  12.180  1.00 15.17 ? 64  GLN A O     1 
ATOM   494  C CB    . GLN A 1 64  ? 7.857   -3.265  12.738  1.00 20.05 ? 64  GLN A CB    1 
ATOM   495  C CG    . GLN A 1 64  ? 9.251   -3.191  13.346  1.00 26.58 ? 64  GLN A CG    1 
ATOM   496  C CD    . GLN A 1 64  ? 10.212  -4.199  12.747  1.00 30.30 ? 64  GLN A CD    1 
ATOM   497  O OE1   . GLN A 1 64  ? 11.352  -4.327  13.195  1.00 34.52 ? 64  GLN A OE1   1 
ATOM   498  N NE2   . GLN A 1 64  ? 9.755   -4.925  11.733  1.00 33.66 ? 64  GLN A NE2   1 
ATOM   499  N N     . LEU A 1 65  ? 4.753   -3.748  13.056  1.00 13.56 ? 65  LEU A N     1 
ATOM   500  C CA    . LEU A 1 65  ? 3.455   -3.933  12.421  1.00 12.29 ? 65  LEU A CA    1 
ATOM   501  C C     . LEU A 1 65  ? 2.379   -3.001  12.968  1.00 12.27 ? 65  LEU A C     1 
ATOM   502  O O     . LEU A 1 65  ? 1.548   -2.499  12.216  1.00 12.03 ? 65  LEU A O     1 
ATOM   503  C CB    . LEU A 1 65  ? 3.002   -5.392  12.544  1.00 12.91 ? 65  LEU A CB    1 
ATOM   504  C CG    . LEU A 1 65  ? 3.806   -6.397  11.711  1.00 13.47 ? 65  LEU A CG    1 
ATOM   505  C CD1   . LEU A 1 65  ? 3.327   -7.808  12.016  1.00 15.30 ? 65  LEU A CD1   1 
ATOM   506  C CD2   . LEU A 1 65  ? 3.658   -6.089  10.223  1.00 14.54 ? 65  LEU A CD2   1 
ATOM   507  N N     . ASN A 1 66  ? 2.380   -2.762  14.275  1.00 12.63 ? 66  ASN A N     1 
ATOM   508  C CA    . ASN A 1 66  ? 1.376   -1.872  14.835  1.00 12.95 ? 66  ASN A CA    1 
ATOM   509  C C     . ASN A 1 66  ? 1.601   -0.432  14.386  1.00 12.44 ? 66  ASN A C     1 
ATOM   510  O O     . ASN A 1 66  ? 0.657   0.353   14.310  1.00 16.95 ? 66  ASN A O     1 
ATOM   511  C CB    . ASN A 1 66  ? 1.375   -1.958  16.365  1.00 14.88 ? 66  ASN A CB    1 
ATOM   512  C CG    . ASN A 1 66  ? 0.633   -3.180  16.873  1.00 16.26 ? 66  ASN A CG    1 
ATOM   513  O OD1   . ASN A 1 66  ? -0.561  -3.346  16.616  1.00 18.14 ? 66  ASN A OD1   1 
ATOM   514  N ND2   . ASN A 1 66  ? 1.335   -4.045  17.594  1.00 20.80 ? 66  ASN A ND2   1 
ATOM   515  N N     . THR A 1 67  ? 2.848   -0.097  14.073  1.00 14.70 ? 67  THR A N     1 
ATOM   516  C CA    . THR A 1 67  ? 3.186   1.256   13.640  1.00 14.11 ? 67  THR A CA    1 
ATOM   517  C C     . THR A 1 67  ? 3.027   1.459   12.138  1.00 13.08 ? 67  THR A C     1 
ATOM   518  O O     . THR A 1 67  ? 2.435   2.444   11.697  1.00 14.51 ? 67  THR A O     1 
ATOM   519  C CB    . THR A 1 67  ? 4.647   1.613   13.999  1.00 16.03 ? 67  THR A CB    1 
ATOM   520  O OG1   . THR A 1 67  ? 4.820   1.571   15.420  1.00 19.53 ? 67  THR A OG1   1 
ATOM   521  C CG2   . THR A 1 67  ? 4.995   3.014   13.505  1.00 18.46 ? 67  THR A CG2   1 
ATOM   522  N N     . LEU A 1 68  ? 3.548   0.518   11.358  1.00 11.78 ? 68  LEU A N     1 
ATOM   523  C CA    . LEU A 1 68  ? 3.510   0.633   9.903   1.00 10.66 ? 68  LEU A CA    1 
ATOM   524  C C     . LEU A 1 68  ? 2.339   -0.027  9.190   1.00 9.99  ? 68  LEU A C     1 
ATOM   525  O O     . LEU A 1 68  ? 2.052   0.314   8.044   1.00 9.40  ? 68  LEU A O     1 
ATOM   526  C CB    . LEU A 1 68  ? 4.815   0.089   9.318   1.00 11.60 ? 68  LEU A CB    1 
ATOM   527  C CG    . LEU A 1 68  ? 6.110   0.708   9.853   1.00 13.59 ? 68  LEU A CG    1 
ATOM   528  C CD1   . LEU A 1 68  ? 7.304   -0.027  9.261   1.00 15.75 ? 68  LEU A CD1   1 
ATOM   529  C CD2   . LEU A 1 68  ? 6.164   2.190   9.507   1.00 15.88 ? 68  LEU A CD2   1 
ATOM   530  N N     . TRP A 1 69  ? 1.672   -0.970  9.848   1.00 9.74  ? 69  TRP A N     1 
ATOM   531  C CA    . TRP A 1 69  ? 0.548   -1.668  9.227   1.00 9.51  ? 69  TRP A CA    1 
ATOM   532  C C     . TRP A 1 69  ? -0.715  -1.633  10.092  1.00 10.98 ? 69  TRP A C     1 
ATOM   533  O O     . TRP A 1 69  ? -1.333  -2.665  10.353  1.00 11.49 ? 69  TRP A O     1 
ATOM   534  C CB    . TRP A 1 69  ? 0.941   -3.126  8.948   1.00 9.23  ? 69  TRP A CB    1 
ATOM   535  C CG    . TRP A 1 69  ? 0.150   -3.815  7.857   1.00 9.06  ? 69  TRP A CG    1 
ATOM   536  C CD1   . TRP A 1 69  ? -1.147  -3.570  7.488   1.00 10.42 ? 69  TRP A CD1   1 
ATOM   537  C CD2   . TRP A 1 69  ? 0.604   -4.892  7.030   1.00 9.95  ? 69  TRP A CD2   1 
ATOM   538  N NE1   . TRP A 1 69  ? -1.525  -4.431  6.480   1.00 11.11 ? 69  TRP A NE1   1 
ATOM   539  C CE2   . TRP A 1 69  ? -0.471  -5.253  6.183   1.00 10.39 ? 69  TRP A CE2   1 
ATOM   540  C CE3   . TRP A 1 69  ? 1.816   -5.590  6.923   1.00 10.15 ? 69  TRP A CE3   1 
ATOM   541  C CZ2   . TRP A 1 69  ? -0.367  -6.284  5.240   1.00 12.07 ? 69  TRP A CZ2   1 
ATOM   542  C CZ3   . TRP A 1 69  ? 1.918   -6.616  5.983   1.00 12.40 ? 69  TRP A CZ3   1 
ATOM   543  C CH2   . TRP A 1 69  ? 0.833   -6.950  5.157   1.00 11.11 ? 69  TRP A CH2   1 
ATOM   544  N N     . PRO A 1 70  ? -1.123  -0.443  10.546  1.00 10.64 ? 70  PRO A N     1 
ATOM   545  C CA    . PRO A 1 70  ? -2.331  -0.393  11.371  1.00 12.05 ? 70  PRO A CA    1 
ATOM   546  C C     . PRO A 1 70  ? -3.593  -0.531  10.523  1.00 12.77 ? 70  PRO A C     1 
ATOM   547  O O     . PRO A 1 70  ? -3.575  -0.282  9.312   1.00 13.12 ? 70  PRO A O     1 
ATOM   548  C CB    . PRO A 1 70  ? -2.244  0.988   12.014  1.00 12.87 ? 70  PRO A CB    1 
ATOM   549  C CG    . PRO A 1 70  ? -1.617  1.810   10.913  1.00 13.31 ? 70  PRO A CG    1 
ATOM   550  C CD    . PRO A 1 70  ? -0.516  0.894   10.408  1.00 12.06 ? 70  PRO A CD    1 
ATOM   551  N N     . ASN A 1 71  ? -4.687  -0.939  11.158  1.00 12.44 ? 71  ASN A N     1 
ATOM   552  C CA    . ASN A 1 71  ? -5.965  -1.028  10.468  1.00 12.54 ? 71  ASN A CA    1 
ATOM   553  C C     . ASN A 1 71  ? -6.450  0.415   10.568  1.00 14.14 ? 71  ASN A C     1 
ATOM   554  O O     . ASN A 1 71  ? -6.657  0.921   11.668  1.00 16.10 ? 71  ASN A O     1 
ATOM   555  C CB    . ASN A 1 71  ? -6.919  -1.955  11.228  1.00 14.28 ? 71  ASN A CB    1 
ATOM   556  C CG    . ASN A 1 71  ? -8.208  -2.214  10.473  1.00 14.24 ? 71  ASN A CG    1 
ATOM   557  O OD1   . ASN A 1 71  ? -8.617  -1.421  9.622   1.00 15.30 ? 71  ASN A OD1   1 
ATOM   558  N ND2   . ASN A 1 71  ? -8.866  -3.326  10.792  1.00 15.73 ? 71  ASN A ND2   1 
ATOM   559  N N     . VAL A 1 72  ? -6.610  1.096   9.440   1.00 13.02 ? 72  VAL A N     1 
ATOM   560  C CA    . VAL A 1 72  ? -7.039  2.492   9.503   1.00 13.80 ? 72  VAL A CA    1 
ATOM   561  C C     . VAL A 1 72  ? -8.546  2.685   9.536   1.00 15.33 ? 72  VAL A C     1 
ATOM   562  O O     . VAL A 1 72  ? -9.018  3.769   9.871   1.00 15.45 ? 72  VAL A O     1 
ATOM   563  C CB    . VAL A 1 72  ? -6.464  3.322   8.325   1.00 15.85 ? 72  VAL A CB    1 
ATOM   564  C CG1   . VAL A 1 72  ? -4.953  3.166   8.273   1.00 16.80 ? 72  VAL A CG1   1 
ATOM   565  C CG2   . VAL A 1 72  ? -7.104  2.902   7.017   1.00 18.37 ? 72  VAL A CG2   1 
ATOM   566  N N     . LEU A 1 73  ? -9.299  1.640   9.206   1.00 14.80 ? 73  LEU A N     1 
ATOM   567  C CA    . LEU A 1 73  ? -10.758 1.733   9.186   1.00 16.08 ? 73  LEU A CA    1 
ATOM   568  C C     . LEU A 1 73  ? -11.410 1.350   10.509  1.00 16.80 ? 73  LEU A C     1 
ATOM   569  O O     . LEU A 1 73  ? -12.475 1.864   10.853  1.00 16.99 ? 73  LEU A O     1 
ATOM   570  C CB    . LEU A 1 73  ? -11.326 0.845   8.071   1.00 16.91 ? 73  LEU A CB    1 
ATOM   571  C CG    . LEU A 1 73  ? -10.920 1.198   6.637   1.00 17.62 ? 73  LEU A CG    1 
ATOM   572  C CD1   . LEU A 1 73  ? -11.502 0.173   5.670   1.00 19.95 ? 73  LEU A CD1   1 
ATOM   573  C CD2   . LEU A 1 73  ? -11.411 2.592   6.291   1.00 19.01 ? 73  LEU A CD2   1 
ATOM   574  N N     . ARG A 1 74  ? -10.771 0.447   11.246  1.00 18.78 ? 74  ARG A N     1 
ATOM   575  C CA    . ARG A 1 74  ? -11.297 -0.029  12.521  1.00 21.10 ? 74  ARG A CA    1 
ATOM   576  C C     . ARG A 1 74  ? -10.147 -0.300  13.486  1.00 21.30 ? 74  ARG A C     1 
ATOM   577  O O     . ARG A 1 74  ? -9.024  -0.554  13.061  1.00 20.13 ? 74  ARG A O     1 
ATOM   578  C CB    . ARG A 1 74  ? -12.096 -1.313  12.295  1.00 25.03 ? 74  ARG A CB    1 
ATOM   579  C CG    . ARG A 1 74  ? -13.244 -1.168  11.311  1.00 29.83 ? 74  ARG A CG    1 
ATOM   580  C CD    . ARG A 1 74  ? -13.674 -2.523  10.773  1.00 33.43 ? 74  ARG A CD    1 
ATOM   581  N NE    . ARG A 1 74  ? -13.921 -3.482  11.846  1.00 38.20 ? 74  ARG A NE    1 
ATOM   582  C CZ    . ARG A 1 74  ? -14.235 -4.760  11.649  1.00 39.62 ? 74  ARG A CZ    1 
ATOM   583  N NH1   . ARG A 1 74  ? -14.342 -5.235  10.416  1.00 41.24 ? 74  ARG A NH1   1 
ATOM   584  N NH2   . ARG A 1 74  ? -14.437 -5.561  12.686  1.00 40.12 ? 74  ARG A NH2   1 
ATOM   585  N N     . ALA A 1 75  ? -10.432 -0.258  14.783  1.00 22.05 ? 75  ALA A N     1 
ATOM   586  C CA    . ALA A 1 75  ? -9.405  -0.481  15.795  1.00 22.73 ? 75  ALA A CA    1 
ATOM   587  C C     . ALA A 1 75  ? -9.151  -1.954  16.104  1.00 23.71 ? 75  ALA A C     1 
ATOM   588  O O     . ALA A 1 75  ? -9.387  -2.418  17.220  1.00 25.54 ? 75  ALA A O     1 
ATOM   589  C CB    . ALA A 1 75  ? -9.770  0.264   17.075  1.00 24.11 ? 75  ALA A CB    1 
ATOM   590  N N     . ASN A 1 76  ? -8.673  -2.689  15.105  1.00 21.51 ? 76  ASN A N     1 
ATOM   591  C CA    . ASN A 1 76  ? -8.359  -4.103  15.271  1.00 20.43 ? 76  ASN A CA    1 
ATOM   592  C C     . ASN A 1 76  ? -7.273  -4.427  14.254  1.00 18.52 ? 76  ASN A C     1 
ATOM   593  O O     . ASN A 1 76  ? -7.568  -4.814  13.121  1.00 17.67 ? 76  ASN A O     1 
ATOM   594  C CB    . ASN A 1 76  ? -9.590  -4.971  15.000  1.00 23.21 ? 76  ASN A CB    1 
ATOM   595  C CG    . ASN A 1 76  ? -9.405  -6.401  15.471  1.00 24.71 ? 76  ASN A CG    1 
ATOM   596  O OD1   . ASN A 1 76  ? -8.324  -6.976  15.340  1.00 26.00 ? 76  ASN A OD1   1 
ATOM   597  N ND2   . ASN A 1 76  ? -10.467 -6.987  16.016  1.00 27.25 ? 76  ASN A ND2   1 
ATOM   598  N N     . ASN A 1 77  ? -6.018  -4.267  14.658  1.00 16.01 ? 77  ASN A N     1 
ATOM   599  C CA    . ASN A 1 77  ? -4.899  -4.516  13.755  1.00 15.51 ? 77  ASN A CA    1 
ATOM   600  C C     . ASN A 1 77  ? -4.702  -5.970  13.356  1.00 17.07 ? 77  ASN A C     1 
ATOM   601  O O     . ASN A 1 77  ? -4.489  -6.265  12.180  1.00 16.04 ? 77  ASN A O     1 
ATOM   602  C CB    . ASN A 1 77  ? -3.597  -3.976  14.353  1.00 15.75 ? 77  ASN A CB    1 
ATOM   603  C CG    . ASN A 1 77  ? -3.606  -2.465  14.504  1.00 13.79 ? 77  ASN A CG    1 
ATOM   604  O OD1   . ASN A 1 77  ? -4.420  -1.772  13.892  1.00 16.56 ? 77  ASN A OD1   1 
ATOM   605  N ND2   . ASN A 1 77  ? -2.687  -1.945  15.311  1.00 17.33 ? 77  ASN A ND2   1 
ATOM   606  N N     . GLN A 1 78  ? -4.769  -6.877  14.326  1.00 18.78 ? 78  GLN A N     1 
ATOM   607  C CA    . GLN A 1 78  ? -4.575  -8.295  14.046  1.00 19.97 ? 78  GLN A CA    1 
ATOM   608  C C     . GLN A 1 78  ? -5.566  -8.851  13.032  1.00 19.89 ? 78  GLN A C     1 
ATOM   609  O O     . GLN A 1 78  ? -5.207  -9.691  12.208  1.00 20.19 ? 78  GLN A O     1 
ATOM   610  C CB    . GLN A 1 78  ? -4.651  -9.104  15.344  1.00 22.71 ? 78  GLN A CB    1 
ATOM   611  C CG    . GLN A 1 78  ? -3.500  -8.832  16.295  1.00 29.10 ? 78  GLN A CG    1 
ATOM   612  C CD    . GLN A 1 78  ? -3.591  -9.649  17.568  1.00 31.92 ? 78  GLN A CD    1 
ATOM   613  O OE1   . GLN A 1 78  ? -3.597  -10.879 17.530  1.00 34.24 ? 78  GLN A OE1   1 
ATOM   614  N NE2   . GLN A 1 78  ? -3.663  -8.966  18.704  1.00 33.63 ? 78  GLN A NE2   1 
ATOM   615  N N     . GLN A 1 79  ? -6.809  -8.386  13.091  1.00 19.51 ? 79  GLN A N     1 
ATOM   616  C CA    . GLN A 1 79  ? -7.837  -8.848  12.165  1.00 20.47 ? 79  GLN A CA    1 
ATOM   617  C C     . GLN A 1 79  ? -7.454  -8.491  10.732  1.00 18.35 ? 79  GLN A C     1 
ATOM   618  O O     . GLN A 1 79  ? -7.702  -9.257  9.801   1.00 19.55 ? 79  GLN A O     1 
ATOM   619  C CB    . GLN A 1 79  ? -9.186  -8.212  12.513  1.00 23.35 ? 79  GLN A CB    1 
ATOM   620  C CG    . GLN A 1 79  ? -10.338 -8.651  11.620  1.00 28.98 ? 79  GLN A CG    1 
ATOM   621  C CD    . GLN A 1 79  ? -11.656 -8.000  12.008  1.00 32.49 ? 79  GLN A CD    1 
ATOM   622  O OE1   . GLN A 1 79  ? -11.810 -6.780  11.922  1.00 35.69 ? 79  GLN A OE1   1 
ATOM   623  N NE2   . GLN A 1 79  ? -12.614 -8.814  12.440  1.00 34.72 ? 79  GLN A NE2   1 
ATOM   624  N N     . PHE A 1 80  ? -6.847  -7.320  10.568  1.00 16.47 ? 80  PHE A N     1 
ATOM   625  C CA    . PHE A 1 80  ? -6.425  -6.836  9.259   1.00 14.65 ? 80  PHE A CA    1 
ATOM   626  C C     . PHE A 1 80  ? -5.262  -7.676  8.729   1.00 14.74 ? 80  PHE A C     1 
ATOM   627  O O     . PHE A 1 80  ? -5.240  -8.045  7.553   1.00 14.71 ? 80  PHE A O     1 
ATOM   628  C CB    . PHE A 1 80  ? -6.035  -5.353  9.378   1.00 13.62 ? 80  PHE A CB    1 
ATOM   629  C CG    . PHE A 1 80  ? -5.723  -4.677  8.064   1.00 13.98 ? 80  PHE A CG    1 
ATOM   630  C CD1   . PHE A 1 80  ? -6.356  -5.062  6.882   1.00 14.82 ? 80  PHE A CD1   1 
ATOM   631  C CD2   . PHE A 1 80  ? -4.826  -3.612  8.024   1.00 14.20 ? 80  PHE A CD2   1 
ATOM   632  C CE1   . PHE A 1 80  ? -6.099  -4.393  5.680   1.00 15.98 ? 80  PHE A CE1   1 
ATOM   633  C CE2   . PHE A 1 80  ? -4.563  -2.937  6.832   1.00 14.96 ? 80  PHE A CE2   1 
ATOM   634  C CZ    . PHE A 1 80  ? -5.200  -3.328  5.660   1.00 15.06 ? 80  PHE A CZ    1 
ATOM   635  N N     . TRP A 1 81  ? -4.307  -8.003  9.594   1.00 13.66 ? 81  TRP A N     1 
ATOM   636  C CA    . TRP A 1 81  ? -3.167  -8.811  9.164   1.00 13.19 ? 81  TRP A CA    1 
ATOM   637  C C     . TRP A 1 81  ? -3.626  -10.216 8.791   1.00 14.74 ? 81  TRP A C     1 
ATOM   638  O O     . TRP A 1 81  ? -3.151  -10.794 7.814   1.00 14.40 ? 81  TRP A O     1 
ATOM   639  C CB    . TRP A 1 81  ? -2.104  -8.900  10.264  1.00 13.15 ? 81  TRP A CB    1 
ATOM   640  C CG    . TRP A 1 81  ? -1.642  -7.569  10.777  1.00 12.90 ? 81  TRP A CG    1 
ATOM   641  C CD1   . TRP A 1 81  ? -1.610  -6.388  10.091  1.00 12.76 ? 81  TRP A CD1   1 
ATOM   642  C CD2   . TRP A 1 81  ? -1.151  -7.284  12.092  1.00 13.67 ? 81  TRP A CD2   1 
ATOM   643  N NE1   . TRP A 1 81  ? -1.135  -5.383  10.902  1.00 13.56 ? 81  TRP A NE1   1 
ATOM   644  C CE2   . TRP A 1 81  ? -0.845  -5.905  12.134  1.00 14.09 ? 81  TRP A CE2   1 
ATOM   645  C CE3   . TRP A 1 81  ? -0.941  -8.060  13.242  1.00 14.93 ? 81  TRP A CE3   1 
ATOM   646  C CZ2   . TRP A 1 81  ? -0.340  -5.281  13.283  1.00 15.97 ? 81  TRP A CZ2   1 
ATOM   647  C CZ3   . TRP A 1 81  ? -0.438  -7.439  14.387  1.00 16.22 ? 81  TRP A CZ3   1 
ATOM   648  C CH2   . TRP A 1 81  ? -0.144  -6.060  14.394  1.00 15.99 ? 81  TRP A CH2   1 
ATOM   649  N N     . SER A 1 82  ? -4.549  -10.763 9.575   1.00 15.51 ? 82  SER A N     1 
ATOM   650  C CA    . SER A 1 82  ? -5.072  -12.098 9.309   1.00 17.07 ? 82  SER A CA    1 
ATOM   651  C C     . SER A 1 82  ? -5.787  -12.113 7.963   1.00 17.25 ? 82  SER A C     1 
ATOM   652  O O     . SER A 1 82  ? -5.637  -13.051 7.178   1.00 18.12 ? 82  SER A O     1 
ATOM   653  C CB    . SER A 1 82  ? -6.045  -12.515 10.416  1.00 19.43 ? 82  SER A CB    1 
ATOM   654  O OG    . SER A 1 82  ? -6.553  -13.817 10.177  1.00 22.93 ? 82  SER A OG    1 
ATOM   655  N N     . HIS A 1 83  ? -6.560  -11.066 7.699   1.00 17.05 ? 83  HIS A N     1 
ATOM   656  C CA    . HIS A 1 83  ? -7.301  -10.953 6.448   1.00 18.33 ? 83  HIS A CA    1 
ATOM   657  C C     . HIS A 1 83  ? -6.367  -10.839 5.248   1.00 17.15 ? 83  HIS A C     1 
ATOM   658  O O     . HIS A 1 83  ? -6.608  -11.452 4.207   1.00 17.71 ? 83  HIS A O     1 
ATOM   659  C CB    . HIS A 1 83  ? -8.239  -9.740  6.504   1.00 20.75 ? 83  HIS A CB    1 
ATOM   660  C CG    . HIS A 1 83  ? -8.919  -9.437  5.204   1.00 25.95 ? 83  HIS A CG    1 
ATOM   661  N ND1   . HIS A 1 83  ? -8.353  -8.633  4.238   1.00 27.86 ? 83  HIS A ND1   1 
ATOM   662  C CD2   . HIS A 1 83  ? -10.113 -9.839  4.709   1.00 27.12 ? 83  HIS A CD2   1 
ATOM   663  C CE1   . HIS A 1 83  ? -9.172  -8.552  3.203   1.00 28.30 ? 83  HIS A CE1   1 
ATOM   664  N NE2   . HIS A 1 83  ? -10.246 -9.274  3.464   1.00 29.51 ? 83  HIS A NE2   1 
ATOM   665  N N     . GLU A 1 84  ? -5.302  -10.059 5.389   1.00 15.32 ? 84  GLU A N     1 
ATOM   666  C CA    . GLU A 1 84  ? -4.355  -9.886  4.294   1.00 13.97 ? 84  GLU A CA    1 
ATOM   667  C C     . GLU A 1 84  ? -3.574  -11.168 4.026   1.00 14.23 ? 84  GLU A C     1 
ATOM   668  O O     . GLU A 1 84  ? -3.265  -11.481 2.873   1.00 12.81 ? 84  GLU A O     1 
ATOM   669  C CB    . GLU A 1 84  ? -3.388  -8.738  4.594   1.00 14.42 ? 84  GLU A CB    1 
ATOM   670  C CG    . GLU A 1 84  ? -4.009  -7.354  4.456   1.00 16.43 ? 84  GLU A CG    1 
ATOM   671  C CD    . GLU A 1 84  ? -4.541  -7.089  3.061   1.00 17.51 ? 84  GLU A CD    1 
ATOM   672  O OE1   . GLU A 1 84  ? -3.783  -7.275  2.085   1.00 18.26 ? 84  GLU A OE1   1 
ATOM   673  O OE2   . GLU A 1 84  ? -5.717  -6.685  2.939   1.00 21.18 ? 84  GLU A OE2   1 
ATOM   674  N N     . TRP A 1 85  ? -3.253  -11.911 5.080   1.00 14.04 ? 85  TRP A N     1 
ATOM   675  C CA    . TRP A 1 85  ? -2.525  -13.161 4.904   1.00 13.74 ? 85  TRP A CA    1 
ATOM   676  C C     . TRP A 1 85  ? -3.380  -14.194 4.176   1.00 14.10 ? 85  TRP A C     1 
ATOM   677  O O     . TRP A 1 85  ? -2.933  -14.810 3.210   1.00 13.84 ? 85  TRP A O     1 
ATOM   678  C CB    . TRP A 1 85  ? -2.081  -13.745 6.252   1.00 14.13 ? 85  TRP A CB    1 
ATOM   679  C CG    . TRP A 1 85  ? -1.554  -15.148 6.104   1.00 13.08 ? 85  TRP A CG    1 
ATOM   680  C CD1   . TRP A 1 85  ? -2.183  -16.306 6.473   1.00 13.17 ? 85  TRP A CD1   1 
ATOM   681  C CD2   . TRP A 1 85  ? -0.341  -15.539 5.455   1.00 13.72 ? 85  TRP A CD2   1 
ATOM   682  N NE1   . TRP A 1 85  ? -1.434  -17.395 6.085   1.00 13.61 ? 85  TRP A NE1   1 
ATOM   683  C CE2   . TRP A 1 85  ? -0.299  -16.952 5.456   1.00 13.94 ? 85  TRP A CE2   1 
ATOM   684  C CE3   . TRP A 1 85  ? 0.716   -14.833 4.864   1.00 13.52 ? 85  TRP A CE3   1 
ATOM   685  C CZ2   . TRP A 1 85  ? 0.759   -17.671 4.890   1.00 14.54 ? 85  TRP A CZ2   1 
ATOM   686  C CZ3   . TRP A 1 85  ? 1.767   -15.548 4.301   1.00 14.19 ? 85  TRP A CZ3   1 
ATOM   687  C CH2   . TRP A 1 85  ? 1.780   -16.954 4.318   1.00 14.34 ? 85  TRP A CH2   1 
ATOM   688  N N     . THR A 1 86  ? -4.611  -14.372 4.642   1.00 16.11 ? 86  THR A N     1 
ATOM   689  C CA    . THR A 1 86  ? -5.529  -15.345 4.054   1.00 17.26 ? 86  THR A CA    1 
ATOM   690  C C     . THR A 1 86  ? -5.928  -15.011 2.620   1.00 16.66 ? 86  THR A C     1 
ATOM   691  O O     . THR A 1 86  ? -6.057  -15.904 1.777   1.00 17.59 ? 86  THR A O     1 
ATOM   692  C CB    . THR A 1 86  ? -6.807  -15.461 4.907   1.00 19.39 ? 86  THR A CB    1 
ATOM   693  O OG1   . THR A 1 86  ? -6.451  -15.815 6.248   1.00 23.66 ? 86  THR A OG1   1 
ATOM   694  C CG2   . THR A 1 86  ? -7.737  -16.524 4.334   1.00 21.65 ? 86  THR A CG2   1 
ATOM   695  N N     . LYS A 1 87  ? -6.119  -13.726 2.341   1.00 15.88 ? 87  LYS A N     1 
ATOM   696  C CA    . LYS A 1 87  ? -6.523  -13.294 1.011   1.00 16.19 ? 87  LYS A CA    1 
ATOM   697  C C     . LYS A 1 87  ? -5.381  -13.142 0.008   1.00 14.87 ? 87  LYS A C     1 
ATOM   698  O O     . LYS A 1 87  ? -5.555  -13.420 -1.180  1.00 16.50 ? 87  LYS A O     1 
ATOM   699  C CB    . LYS A 1 87  ? -7.283  -11.965 1.110   1.00 17.61 ? 87  LYS A CB    1 
ATOM   700  C CG    . LYS A 1 87  ? -7.760  -11.410 -0.229  1.00 20.81 ? 87  LYS A CG    1 
ATOM   701  C CD    . LYS A 1 87  ? -8.490  -10.084 -0.047  1.00 24.13 ? 87  LYS A CD    1 
ATOM   702  C CE    . LYS A 1 87  ? -8.966  -9.522  -1.379  1.00 25.96 ? 87  LYS A CE    1 
ATOM   703  N NZ    . LYS A 1 87  ? -9.688  -8.227  -1.215  1.00 29.26 ? 87  LYS A NZ    1 
ATOM   704  N N     . HIS A 1 88  ? -4.213  -12.711 0.472   1.00 13.02 ? 88  HIS A N     1 
ATOM   705  C CA    . HIS A 1 88  ? -3.092  -12.489 -0.437  1.00 12.15 ? 88  HIS A CA    1 
ATOM   706  C C     . HIS A 1 88  ? -1.830  -13.289 -0.151  1.00 11.22 ? 88  HIS A C     1 
ATOM   707  O O     . HIS A 1 88  ? -1.251  -13.892 -1.060  1.00 12.50 ? 88  HIS A O     1 
ATOM   708  C CB    . HIS A 1 88  ? -2.727  -10.996 -0.441  1.00 11.71 ? 88  HIS A CB    1 
ATOM   709  C CG    . HIS A 1 88  ? -3.822  -10.101 -0.934  1.00 13.37 ? 88  HIS A CG    1 
ATOM   710  N ND1   . HIS A 1 88  ? -4.166  -10.010 -2.264  1.00 14.98 ? 88  HIS A ND1   1 
ATOM   711  C CD2   . HIS A 1 88  ? -4.643  -9.251  -0.273  1.00 15.81 ? 88  HIS A CD2   1 
ATOM   712  C CE1   . HIS A 1 88  ? -5.153  -9.141  -2.403  1.00 15.74 ? 88  HIS A CE1   1 
ATOM   713  N NE2   . HIS A 1 88  ? -5.461  -8.666  -1.209  1.00 17.20 ? 88  HIS A NE2   1 
ATOM   714  N N     . GLY A 1 89  ? -1.406  -13.284 1.110   1.00 11.92 ? 89  GLY A N     1 
ATOM   715  C CA    . GLY A 1 89  ? -0.183  -13.966 1.499   1.00 10.82 ? 89  GLY A CA    1 
ATOM   716  C C     . GLY A 1 89  ? -0.076  -15.443 1.174   1.00 11.74 ? 89  GLY A C     1 
ATOM   717  O O     . GLY A 1 89  ? 1.001   -15.928 0.834   1.00 11.90 ? 89  GLY A O     1 
ATOM   718  N N     . THR A 1 90  ? -1.184  -16.164 1.291   1.00 12.01 ? 90  THR A N     1 
ATOM   719  C CA    . THR A 1 90  ? -1.177  -17.592 1.004   1.00 12.87 ? 90  THR A CA    1 
ATOM   720  C C     . THR A 1 90  ? -0.777  -17.870 -0.442  1.00 13.75 ? 90  THR A C     1 
ATOM   721  O O     . THR A 1 90  ? -0.239  -18.936 -0.752  1.00 13.81 ? 90  THR A O     1 
ATOM   722  C CB    . THR A 1 90  ? -2.560  -18.215 1.260   1.00 14.61 ? 90  THR A CB    1 
ATOM   723  O OG1   . THR A 1 90  ? -3.565  -17.439 0.599   1.00 17.36 ? 90  THR A OG1   1 
ATOM   724  C CG2   . THR A 1 90  ? -2.851  -18.270 2.752   1.00 15.67 ? 90  THR A CG2   1 
ATOM   725  N N     . CYS A 1 91  ? -1.021  -16.908 -1.325  1.00 12.01 ? 91  CYS A N     1 
ATOM   726  C CA    . CYS A 1 91  ? -0.692  -17.086 -2.733  1.00 13.14 ? 91  CYS A CA    1 
ATOM   727  C C     . CYS A 1 91  ? 0.798   -17.050 -3.080  1.00 13.77 ? 91  CYS A C     1 
ATOM   728  O O     . CYS A 1 91  ? 1.182   -17.365 -4.209  1.00 16.67 ? 91  CYS A O     1 
ATOM   729  C CB    . CYS A 1 91  ? -1.460  -16.075 -3.582  1.00 14.66 ? 91  CYS A CB    1 
ATOM   730  S SG    . CYS A 1 91  ? -3.264  -16.354 -3.613  1.00 16.36 ? 91  CYS A SG    1 
ATOM   731  N N     . SER A 1 92  ? 1.641   -16.666 -2.126  1.00 12.40 ? 92  SER A N     1 
ATOM   732  C CA    . SER A 1 92  ? 3.078   -16.662 -2.374  1.00 13.76 ? 92  SER A CA    1 
ATOM   733  C C     . SER A 1 92  ? 3.798   -17.504 -1.319  1.00 13.88 ? 92  SER A C     1 
ATOM   734  O O     . SER A 1 92  ? 5.020   -17.464 -1.201  1.00 13.09 ? 92  SER A O     1 
ATOM   735  C CB    . SER A 1 92  ? 3.637   -15.225 -2.406  1.00 14.21 ? 92  SER A CB    1 
ATOM   736  O OG    . SER A 1 92  ? 3.259   -14.464 -1.275  1.00 13.93 ? 92  SER A OG    1 
ATOM   737  N N     . GLU A 1 93  ? 3.024   -18.294 -0.578  1.00 15.00 ? 93  GLU A N     1 
ATOM   738  C CA    . GLU A 1 93  ? 3.562   -19.142 0.482   1.00 15.77 ? 93  GLU A CA    1 
ATOM   739  C C     . GLU A 1 93  ? 4.494   -20.250 -0.009  1.00 16.66 ? 93  GLU A C     1 
ATOM   740  O O     . GLU A 1 93  ? 5.254   -20.817 0.776   1.00 17.80 ? 93  GLU A O     1 
ATOM   741  C CB    . GLU A 1 93  ? 2.412   -19.747 1.299   1.00 17.63 ? 93  GLU A CB    1 
ATOM   742  C CG    . GLU A 1 93  ? 2.856   -20.701 2.398   1.00 21.33 ? 93  GLU A CG    1 
ATOM   743  C CD    . GLU A 1 93  ? 1.742   -21.038 3.366   1.00 21.12 ? 93  GLU A CD    1 
ATOM   744  O OE1   . GLU A 1 93  ? 0.581   -21.153 2.926   1.00 23.73 ? 93  GLU A OE1   1 
ATOM   745  O OE2   . GLU A 1 93  ? 2.032   -21.196 4.569   1.00 24.22 ? 93  GLU A OE2   1 
ATOM   746  N N     . SER A 1 94  ? 4.446   -20.553 -1.301  1.00 16.27 ? 94  SER A N     1 
ATOM   747  C CA    . SER A 1 94  ? 5.311   -21.587 -1.858  1.00 18.69 ? 94  SER A CA    1 
ATOM   748  C C     . SER A 1 94  ? 6.774   -21.166 -1.739  1.00 17.41 ? 94  SER A C     1 
ATOM   749  O O     . SER A 1 94  ? 7.673   -22.012 -1.718  1.00 18.25 ? 94  SER A O     1 
ATOM   750  C CB    . SER A 1 94  ? 4.965   -21.833 -3.329  1.00 19.65 ? 94  SER A CB    1 
ATOM   751  O OG    . SER A 1 94  ? 5.115   -20.649 -4.090  1.00 25.04 ? 94  SER A OG    1 
ATOM   752  N N     . THR A 1 95  ? 7.009   -19.857 -1.652  1.00 16.48 ? 95  THR A N     1 
ATOM   753  C CA    . THR A 1 95  ? 8.366   -19.333 -1.546  1.00 16.66 ? 95  THR A CA    1 
ATOM   754  C C     . THR A 1 95  ? 8.584   -18.455 -0.310  1.00 14.13 ? 95  THR A C     1 
ATOM   755  O O     . THR A 1 95  ? 9.706   -18.341 0.181   1.00 14.80 ? 95  THR A O     1 
ATOM   756  C CB    . THR A 1 95  ? 8.749   -18.528 -2.807  1.00 20.09 ? 95  THR A CB    1 
ATOM   757  O OG1   . THR A 1 95  ? 7.841   -17.435 -2.976  1.00 25.86 ? 95  THR A OG1   1 
ATOM   758  C CG2   . THR A 1 95  ? 8.690   -19.418 -4.041  1.00 22.97 ? 95  THR A CG2   1 
ATOM   759  N N     . PHE A 1 96  ? 7.520   -17.827 0.186   1.00 12.96 ? 96  PHE A N     1 
ATOM   760  C CA    . PHE A 1 96  ? 7.635   -16.980 1.373   1.00 12.28 ? 96  PHE A CA    1 
ATOM   761  C C     . PHE A 1 96  ? 6.701   -17.439 2.489   1.00 11.43 ? 96  PHE A C     1 
ATOM   762  O O     . PHE A 1 96  ? 5.483   -17.314 2.362   1.00 12.50 ? 96  PHE A O     1 
ATOM   763  C CB    . PHE A 1 96  ? 7.311   -15.516 1.037   1.00 12.89 ? 96  PHE A CB    1 
ATOM   764  C CG    . PHE A 1 96  ? 8.278   -14.876 0.085   1.00 13.29 ? 96  PHE A CG    1 
ATOM   765  C CD1   . PHE A 1 96  ? 8.027   -14.866 -1.284  1.00 15.66 ? 96  PHE A CD1   1 
ATOM   766  C CD2   . PHE A 1 96  ? 9.443   -14.278 0.556   1.00 15.09 ? 96  PHE A CD2   1 
ATOM   767  C CE1   . PHE A 1 96  ? 8.921   -14.265 -2.174  1.00 17.12 ? 96  PHE A CE1   1 
ATOM   768  C CE2   . PHE A 1 96  ? 10.344  -13.678 -0.325  1.00 15.80 ? 96  PHE A CE2   1 
ATOM   769  C CZ    . PHE A 1 96  ? 10.080  -13.671 -1.691  1.00 16.71 ? 96  PHE A CZ    1 
ATOM   770  N N     . ASN A 1 97  ? 7.257   -17.972 3.578   1.00 12.56 ? 97  ASN A N     1 
ATOM   771  C CA    . ASN A 1 97  ? 6.413   -18.397 4.690   1.00 11.98 ? 97  ASN A CA    1 
ATOM   772  C C     . ASN A 1 97  ? 5.842   -17.153 5.371   1.00 13.32 ? 97  ASN A C     1 
ATOM   773  O O     . ASN A 1 97  ? 6.257   -16.030 5.066   1.00 11.49 ? 97  ASN A O     1 
ATOM   774  C CB    . ASN A 1 97  ? 7.186   -19.280 5.692   1.00 12.78 ? 97  ASN A CB    1 
ATOM   775  C CG    . ASN A 1 97  ? 8.406   -18.597 6.280   1.00 14.60 ? 97  ASN A CG    1 
ATOM   776  O OD1   . ASN A 1 97  ? 8.341   -17.456 6.724   1.00 16.78 ? 97  ASN A OD1   1 
ATOM   777  N ND2   . ASN A 1 97  ? 9.527   -19.315 6.312   1.00 17.58 ? 97  ASN A ND2   1 
ATOM   778  N N     . GLN A 1 98  ? 4.896   -17.342 6.284   1.00 13.61 ? 98  GLN A N     1 
ATOM   779  C CA    . GLN A 1 98  ? 4.253   -16.209 6.946   1.00 12.83 ? 98  GLN A CA    1 
ATOM   780  C C     . GLN A 1 98  ? 5.202   -15.184 7.557   1.00 11.90 ? 98  GLN A C     1 
ATOM   781  O O     . GLN A 1 98  ? 4.996   -13.980 7.402   1.00 13.14 ? 98  GLN A O     1 
ATOM   782  C CB    . GLN A 1 98  ? 3.279   -16.684 8.024   1.00 15.44 ? 98  GLN A CB    1 
ATOM   783  C CG    . GLN A 1 98  ? 2.331   -15.581 8.465   1.00 16.05 ? 98  GLN A CG    1 
ATOM   784  C CD    . GLN A 1 98  ? 1.550   -15.935 9.712   1.00 18.01 ? 98  GLN A CD    1 
ATOM   785  O OE1   . GLN A 1 98  ? 0.874   -16.957 9.763   1.00 17.38 ? 98  GLN A OE1   1 
ATOM   786  N NE2   . GLN A 1 98  ? 1.634   -15.079 10.727  1.00 20.20 ? 98  GLN A NE2   1 
ATOM   787  N N     . ALA A 1 99  ? 6.230   -15.646 8.258   1.00 12.20 ? 99  ALA A N     1 
ATOM   788  C CA    . ALA A 1 99  ? 7.183   -14.732 8.880   1.00 11.61 ? 99  ALA A CA    1 
ATOM   789  C C     . ALA A 1 99  ? 7.934   -13.907 7.839   1.00 12.77 ? 99  ALA A C     1 
ATOM   790  O O     . ALA A 1 99  ? 8.104   -12.697 7.995   1.00 13.05 ? 99  ALA A O     1 
ATOM   791  C CB    . ALA A 1 99  ? 8.173   -15.513 9.733   1.00 14.14 ? 99  ALA A CB    1 
ATOM   792  N N     . ALA A 1 100 ? 8.384   -14.566 6.776   1.00 11.15 ? 100 ALA A N     1 
ATOM   793  C CA    . ALA A 1 100 ? 9.132   -13.893 5.717   1.00 10.91 ? 100 ALA A CA    1 
ATOM   794  C C     . ALA A 1 100 ? 8.268   -12.901 4.948   1.00 11.76 ? 100 ALA A C     1 
ATOM   795  O O     . ALA A 1 100 ? 8.747   -11.853 4.519   1.00 13.04 ? 100 ALA A O     1 
ATOM   796  C CB    . ALA A 1 100 ? 9.725   -14.925 4.759   1.00 12.12 ? 100 ALA A CB    1 
ATOM   797  N N     . TYR A 1 101 ? 6.998   -13.244 4.775   1.00 10.28 ? 101 TYR A N     1 
ATOM   798  C CA    . TYR A 1 101 ? 6.053   -12.397 4.056   1.00 10.66 ? 101 TYR A CA    1 
ATOM   799  C C     . TYR A 1 101 ? 5.842   -11.068 4.783   1.00 10.82 ? 101 TYR A C     1 
ATOM   800  O O     . TYR A 1 101 ? 5.908   -10.002 4.174   1.00 10.52 ? 101 TYR A O     1 
ATOM   801  C CB    . TYR A 1 101 ? 4.718   -13.140 3.909   1.00 10.89 ? 101 TYR A CB    1 
ATOM   802  C CG    . TYR A 1 101 ? 3.588   -12.329 3.314   1.00 9.67  ? 101 TYR A CG    1 
ATOM   803  C CD1   . TYR A 1 101 ? 3.495   -12.111 1.935   1.00 10.49 ? 101 TYR A CD1   1 
ATOM   804  C CD2   . TYR A 1 101 ? 2.596   -11.800 4.135   1.00 9.55  ? 101 TYR A CD2   1 
ATOM   805  C CE1   . TYR A 1 101 ? 2.427   -11.385 1.394   1.00 10.04 ? 101 TYR A CE1   1 
ATOM   806  C CE2   . TYR A 1 101 ? 1.534   -11.074 3.609   1.00 10.30 ? 101 TYR A CE2   1 
ATOM   807  C CZ    . TYR A 1 101 ? 1.453   -10.873 2.241   1.00 9.83  ? 101 TYR A CZ    1 
ATOM   808  O OH    . TYR A 1 101 ? 0.387   -10.160 1.737   1.00 12.49 ? 101 TYR A OH    1 
ATOM   809  N N     . PHE A 1 102 ? 5.587   -11.120 6.086   1.00 9.89  ? 102 PHE A N     1 
ATOM   810  C CA    . PHE A 1 102 ? 5.372   -9.887  6.833   1.00 10.02 ? 102 PHE A CA    1 
ATOM   811  C C     . PHE A 1 102 ? 6.656   -9.089  6.988   1.00 11.34 ? 102 PHE A C     1 
ATOM   812  O O     . PHE A 1 102 ? 6.634   -7.856  7.002   1.00 11.29 ? 102 PHE A O     1 
ATOM   813  C CB    . PHE A 1 102 ? 4.742   -10.178 8.202   1.00 10.32 ? 102 PHE A CB    1 
ATOM   814  C CG    . PHE A 1 102 ? 3.267   -10.433 8.134   1.00 10.80 ? 102 PHE A CG    1 
ATOM   815  C CD1   . PHE A 1 102 ? 2.771   -11.719 7.959   1.00 10.71 ? 102 PHE A CD1   1 
ATOM   816  C CD2   . PHE A 1 102 ? 2.370   -9.370  8.186   1.00 12.39 ? 102 PHE A CD2   1 
ATOM   817  C CE1   . PHE A 1 102 ? 1.405   -11.940 7.833   1.00 11.06 ? 102 PHE A CE1   1 
ATOM   818  C CE2   . PHE A 1 102 ? 1.003   -9.581  8.059   1.00 12.07 ? 102 PHE A CE2   1 
ATOM   819  C CZ    . PHE A 1 102 ? 0.518   -10.870 7.880   1.00 11.94 ? 102 PHE A CZ    1 
ATOM   820  N N     . LYS A 1 103 ? 7.782   -9.783  7.100   1.00 11.60 ? 103 LYS A N     1 
ATOM   821  C CA    . LYS A 1 103 ? 9.063   -9.098  7.217   1.00 12.16 ? 103 LYS A CA    1 
ATOM   822  C C     . LYS A 1 103 ? 9.330   -8.355  5.910   1.00 12.79 ? 103 LYS A C     1 
ATOM   823  O O     . LYS A 1 103 ? 9.829   -7.229  5.911   1.00 12.56 ? 103 LYS A O     1 
ATOM   824  C CB    . LYS A 1 103 ? 10.178  -10.111 7.488   1.00 14.65 ? 103 LYS A CB    1 
ATOM   825  C CG    . LYS A 1 103 ? 11.593  -9.556  7.389   1.00 19.12 ? 103 LYS A CG    1 
ATOM   826  C CD    . LYS A 1 103 ? 11.890  -8.519  8.454   1.00 22.35 ? 103 LYS A CD    1 
ATOM   827  C CE    . LYS A 1 103 ? 13.348  -8.079  8.378   1.00 25.52 ? 103 LYS A CE    1 
ATOM   828  N NZ    . LYS A 1 103 ? 13.642  -6.956  9.308   1.00 28.56 ? 103 LYS A NZ    1 
ATOM   829  N N     . LEU A 1 104 ? 8.981   -8.982  4.792   1.00 11.56 ? 104 LEU A N     1 
ATOM   830  C CA    . LEU A 1 104 ? 9.186   -8.376  3.481   1.00 11.68 ? 104 LEU A CA    1 
ATOM   831  C C     . LEU A 1 104 ? 8.418   -7.056  3.367   1.00 11.48 ? 104 LEU A C     1 
ATOM   832  O O     . LEU A 1 104 ? 8.962   -6.044  2.914   1.00 10.35 ? 104 LEU A O     1 
ATOM   833  C CB    . LEU A 1 104 ? 8.733   -9.348  2.388   1.00 15.85 ? 104 LEU A CB    1 
ATOM   834  C CG    . LEU A 1 104 ? 9.072   -9.003  0.938   1.00 19.27 ? 104 LEU A CG    1 
ATOM   835  C CD1   . LEU A 1 104 ? 10.570  -8.751  0.798   1.00 21.23 ? 104 LEU A CD1   1 
ATOM   836  C CD2   . LEU A 1 104 ? 8.638   -10.158 0.039   1.00 18.92 ? 104 LEU A CD2   1 
ATOM   837  N N     . ALA A 1 105 ? 7.157   -7.063  3.791   1.00 9.75  ? 105 ALA A N     1 
ATOM   838  C CA    . ALA A 1 105 ? 6.335   -5.858  3.733   1.00 9.73  ? 105 ALA A CA    1 
ATOM   839  C C     . ALA A 1 105 ? 6.927   -4.742  4.590   1.00 11.08 ? 105 ALA A C     1 
ATOM   840  O O     . ALA A 1 105 ? 6.917   -3.576  4.196   1.00 10.98 ? 105 ALA A O     1 
ATOM   841  C CB    . ALA A 1 105 ? 4.915   -6.170  4.189   1.00 10.34 ? 105 ALA A CB    1 
ATOM   842  N N     . VAL A 1 106 ? 7.426   -5.094  5.771   1.00 10.95 ? 106 VAL A N     1 
ATOM   843  C CA    . VAL A 1 106 ? 8.033   -4.104  6.655   1.00 11.96 ? 106 VAL A CA    1 
ATOM   844  C C     . VAL A 1 106 ? 9.281   -3.507  6.013   1.00 12.81 ? 106 VAL A C     1 
ATOM   845  O O     . VAL A 1 106 ? 9.457   -2.287  6.008   1.00 12.89 ? 106 VAL A O     1 
ATOM   846  C CB    . VAL A 1 106 ? 8.407   -4.730  8.016   1.00 13.73 ? 106 VAL A CB    1 
ATOM   847  C CG1   . VAL A 1 106 ? 9.259   -3.761  8.829   1.00 16.63 ? 106 VAL A CG1   1 
ATOM   848  C CG2   . VAL A 1 106 ? 7.145   -5.081  8.778   1.00 15.25 ? 106 VAL A CG2   1 
ATOM   849  N N     . ASP A 1 107 ? 10.149  -4.358  5.470   1.00 12.04 ? 107 ASP A N     1 
ATOM   850  C CA    . ASP A 1 107 ? 11.362  -3.870  4.824   1.00 14.14 ? 107 ASP A CA    1 
ATOM   851  C C     . ASP A 1 107 ? 11.017  -2.977  3.632   1.00 13.71 ? 107 ASP A C     1 
ATOM   852  O O     . ASP A 1 107 ? 11.668  -1.961  3.400   1.00 14.32 ? 107 ASP A O     1 
ATOM   853  C CB    . ASP A 1 107 ? 12.244  -5.035  4.358   1.00 16.20 ? 107 ASP A CB    1 
ATOM   854  C CG    . ASP A 1 107 ? 12.922  -5.760  5.510   1.00 17.17 ? 107 ASP A CG    1 
ATOM   855  O OD1   . ASP A 1 107 ? 12.955  -5.219  6.638   1.00 19.38 ? 107 ASP A OD1   1 
ATOM   856  O OD2   . ASP A 1 107 ? 13.439  -6.872  5.275   1.00 20.63 ? 107 ASP A OD2   1 
ATOM   857  N N     . MET A 1 108 ? 9.993   -3.354  2.870   1.00 11.60 ? 108 MET A N     1 
ATOM   858  C CA    . MET A 1 108 ? 9.598   -2.546  1.722   1.00 11.18 ? 108 MET A CA    1 
ATOM   859  C C     . MET A 1 108 ? 9.138   -1.160  2.164   1.00 11.66 ? 108 MET A C     1 
ATOM   860  O O     . MET A 1 108 ? 9.488   -0.161  1.534   1.00 12.38 ? 108 MET A O     1 
ATOM   861  C CB    . MET A 1 108 ? 8.483   -3.240  0.939   1.00 10.95 ? 108 MET A CB    1 
ATOM   862  C CG    . MET A 1 108 ? 8.955   -4.428  0.126   1.00 10.96 ? 108 MET A CG    1 
ATOM   863  S SD    . MET A 1 108 ? 7.561   -5.319  -0.572  1.00 11.32 ? 108 MET A SD    1 
ATOM   864  C CE    . MET A 1 108 ? 8.401   -6.463  -1.678  1.00 11.64 ? 108 MET A CE    1 
ATOM   865  N N     . ARG A 1 109 ? 8.365   -1.099  3.243   1.00 9.43  ? 109 ARG A N     1 
ATOM   866  C CA    . ARG A 1 109 ? 7.882   0.181   3.750   1.00 9.90  ? 109 ARG A CA    1 
ATOM   867  C C     . ARG A 1 109 ? 9.025   1.066   4.223   1.00 13.32 ? 109 ARG A C     1 
ATOM   868  O O     . ARG A 1 109 ? 9.037   2.270   3.958   1.00 14.32 ? 109 ARG A O     1 
ATOM   869  C CB    . ARG A 1 109 ? 6.891   -0.021  4.902   1.00 10.34 ? 109 ARG A CB    1 
ATOM   870  C CG    . ARG A 1 109 ? 6.493   1.280   5.611   1.00 11.31 ? 109 ARG A CG    1 
ATOM   871  C CD    . ARG A 1 109 ? 5.823   2.270   4.649   1.00 11.78 ? 109 ARG A CD    1 
ATOM   872  N NE    . ARG A 1 109 ? 5.436   3.520   5.305   1.00 11.30 ? 109 ARG A NE    1 
ATOM   873  C CZ    . ARG A 1 109 ? 6.282   4.493   5.628   1.00 13.16 ? 109 ARG A CZ    1 
ATOM   874  N NH1   . ARG A 1 109 ? 7.577   4.372   5.359   1.00 15.22 ? 109 ARG A NH1   1 
ATOM   875  N NH2   . ARG A 1 109 ? 5.829   5.597   6.211   1.00 15.11 ? 109 ARG A NH2   1 
ATOM   876  N N     . ASN A 1 110 ? 9.989   0.480   4.925   1.00 14.46 ? 110 ASN A N     1 
ATOM   877  C CA    . ASN A 1 110 ? 11.112  1.265   5.415   1.00 16.76 ? 110 ASN A CA    1 
ATOM   878  C C     . ASN A 1 110 ? 12.011  1.770   4.287   1.00 17.36 ? 110 ASN A C     1 
ATOM   879  O O     . ASN A 1 110 ? 12.716  2.765   4.455   1.00 20.45 ? 110 ASN A O     1 
ATOM   880  C CB    . ASN A 1 110 ? 11.940  0.455   6.419   1.00 18.08 ? 110 ASN A CB    1 
ATOM   881  C CG    . ASN A 1 110 ? 11.256  0.324   7.767   1.00 21.18 ? 110 ASN A CG    1 
ATOM   882  O OD1   . ASN A 1 110 ? 10.748  1.303   8.314   1.00 25.74 ? 110 ASN A OD1   1 
ATOM   883  N ND2   . ASN A 1 110 ? 11.252  -0.883  8.318   1.00 24.14 ? 110 ASN A ND2   1 
ATOM   884  N N     . ASN A 1 111 ? 11.972  1.103   3.139   1.00 16.07 ? 111 ASN A N     1 
ATOM   885  C CA    . ASN A 1 111 ? 12.801  1.494   2.001   1.00 18.28 ? 111 ASN A CA    1 
ATOM   886  C C     . ASN A 1 111 ? 12.066  2.255   0.902   1.00 18.24 ? 111 ASN A C     1 
ATOM   887  O O     . ASN A 1 111 ? 12.666  2.622   -0.107  1.00 20.99 ? 111 ASN A O     1 
ATOM   888  C CB    . ASN A 1 111 ? 13.472  0.260   1.398   1.00 21.46 ? 111 ASN A CB    1 
ATOM   889  C CG    . ASN A 1 111 ? 14.553  -0.306  2.298   1.00 25.36 ? 111 ASN A CG    1 
ATOM   890  O OD1   . ASN A 1 111 ? 15.556  0.354   2.572   1.00 28.97 ? 111 ASN A OD1   1 
ATOM   891  N ND2   . ASN A 1 111 ? 14.351  -1.529  2.768   1.00 29.59 ? 111 ASN A ND2   1 
ATOM   892  N N     . TYR A 1 112 ? 10.771  2.486   1.086   1.00 15.24 ? 112 TYR A N     1 
ATOM   893  C CA    . TYR A 1 112 ? 9.993   3.218   0.091   1.00 12.94 ? 112 TYR A CA    1 
ATOM   894  C C     . TYR A 1 112 ? 9.224   4.327   0.807   1.00 13.43 ? 112 TYR A C     1 
ATOM   895  O O     . TYR A 1 112 ? 8.013   4.231   1.006   1.00 13.02 ? 112 TYR A O     1 
ATOM   896  C CB    . TYR A 1 112 ? 9.013   2.277   -0.625  1.00 12.99 ? 112 TYR A CB    1 
ATOM   897  C CG    . TYR A 1 112 ? 8.614   2.734   -2.018  1.00 13.14 ? 112 TYR A CG    1 
ATOM   898  C CD1   . TYR A 1 112 ? 9.342   2.336   -3.142  1.00 11.45 ? 112 TYR A CD1   1 
ATOM   899  C CD2   . TYR A 1 112 ? 7.522   3.580   -2.208  1.00 13.31 ? 112 TYR A CD2   1 
ATOM   900  C CE1   . TYR A 1 112 ? 8.988   2.771   -4.426  1.00 11.96 ? 112 TYR A CE1   1 
ATOM   901  C CE2   . TYR A 1 112 ? 7.162   4.023   -3.485  1.00 13.74 ? 112 TYR A CE2   1 
ATOM   902  C CZ    . TYR A 1 112 ? 7.898   3.615   -4.585  1.00 13.61 ? 112 TYR A CZ    1 
ATOM   903  O OH    . TYR A 1 112 ? 7.541   4.062   -5.842  1.00 15.36 ? 112 TYR A OH    1 
ATOM   904  N N     . ASP A 1 113 ? 9.944   5.376   1.197   1.00 13.69 ? 113 ASP A N     1 
ATOM   905  C CA    . ASP A 1 113 ? 9.361   6.516   1.898   1.00 14.95 ? 113 ASP A CA    1 
ATOM   906  C C     . ASP A 1 113 ? 8.840   7.518   0.875   1.00 14.26 ? 113 ASP A C     1 
ATOM   907  O O     . ASP A 1 113 ? 9.590   8.332   0.340   1.00 14.22 ? 113 ASP A O     1 
ATOM   908  C CB    . ASP A 1 113 ? 10.429  7.146   2.801   1.00 16.51 ? 113 ASP A CB    1 
ATOM   909  C CG    . ASP A 1 113 ? 9.981   8.448   3.433   1.00 19.98 ? 113 ASP A CG    1 
ATOM   910  O OD1   . ASP A 1 113 ? 8.765   8.735   3.458   1.00 19.39 ? 113 ASP A OD1   1 
ATOM   911  O OD2   . ASP A 1 113 ? 10.866  9.186   3.923   1.00 25.09 ? 113 ASP A OD2   1 
ATOM   912  N N     . ILE A 1 114 ? 7.540   7.439   0.611   1.00 11.47 ? 114 ILE A N     1 
ATOM   913  C CA    . ILE A 1 114 ? 6.881   8.290   -0.371  1.00 12.15 ? 114 ILE A CA    1 
ATOM   914  C C     . ILE A 1 114 ? 6.933   9.785   -0.067  1.00 12.24 ? 114 ILE A C     1 
ATOM   915  O O     . ILE A 1 114 ? 7.333   10.575  -0.921  1.00 14.15 ? 114 ILE A O     1 
ATOM   916  C CB    . ILE A 1 114 ? 5.416   7.849   -0.540  1.00 10.46 ? 114 ILE A CB    1 
ATOM   917  C CG1   . ILE A 1 114 ? 5.378   6.405   -1.047  1.00 11.94 ? 114 ILE A CG1   1 
ATOM   918  C CG2   . ILE A 1 114 ? 4.691   8.765   -1.518  1.00 13.70 ? 114 ILE A CG2   1 
ATOM   919  C CD1   . ILE A 1 114 ? 4.010   5.758   -0.931  1.00 11.29 ? 114 ILE A CD1   1 
ATOM   920  N N     . ILE A 1 115 ? 6.530   10.178  1.137   1.00 13.04 ? 115 ILE A N     1 
ATOM   921  C CA    . ILE A 1 115 ? 6.541   11.594  1.496   1.00 15.13 ? 115 ILE A CA    1 
ATOM   922  C C     . ILE A 1 115 ? 7.958   12.159  1.453   1.00 16.73 ? 115 ILE A C     1 
ATOM   923  O O     . ILE A 1 115 ? 8.172   13.289  1.005   1.00 15.96 ? 115 ILE A O     1 
ATOM   924  C CB    . ILE A 1 115 ? 5.951   11.825  2.901   1.00 17.40 ? 115 ILE A CB    1 
ATOM   925  C CG1   . ILE A 1 115 ? 4.519   11.287  2.961   1.00 20.47 ? 115 ILE A CG1   1 
ATOM   926  C CG2   . ILE A 1 115 ? 5.963   13.317  3.231   1.00 18.01 ? 115 ILE A CG2   1 
ATOM   927  C CD1   . ILE A 1 115 ? 3.573   11.931  1.976   1.00 23.32 ? 115 ILE A CD1   1 
ATOM   928  N N     . GLY A 1 116 ? 8.924   11.374  1.917   1.00 16.21 ? 116 GLY A N     1 
ATOM   929  C CA    . GLY A 1 116 ? 10.303  11.824  1.908   1.00 18.57 ? 116 GLY A CA    1 
ATOM   930  C C     . GLY A 1 116 ? 10.817  12.085  0.506   1.00 18.86 ? 116 GLY A C     1 
ATOM   931  O O     . GLY A 1 116 ? 11.680  12.938  0.298   1.00 20.59 ? 116 GLY A O     1 
ATOM   932  N N     . ALA A 1 117 ? 10.281  11.353  -0.464  1.00 17.27 ? 117 ALA A N     1 
ATOM   933  C CA    . ALA A 1 117 ? 10.697  11.504  -1.851  1.00 17.27 ? 117 ALA A CA    1 
ATOM   934  C C     . ALA A 1 117 ? 10.004  12.674  -2.540  1.00 17.02 ? 117 ALA A C     1 
ATOM   935  O O     . ALA A 1 117 ? 10.495  13.180  -3.550  1.00 19.78 ? 117 ALA A O     1 
ATOM   936  C CB    . ALA A 1 117 ? 10.415  10.215  -2.619  1.00 17.00 ? 117 ALA A CB    1 
ATOM   937  N N     . LEU A 1 118 ? 8.871   13.102  -1.996  1.00 15.57 ? 118 LEU A N     1 
ATOM   938  C CA    . LEU A 1 118 ? 8.100   14.192  -2.588  1.00 16.63 ? 118 LEU A CA    1 
ATOM   939  C C     . LEU A 1 118 ? 8.301   15.571  -1.961  1.00 18.27 ? 118 LEU A C     1 
ATOM   940  O O     . LEU A 1 118 ? 8.300   16.583  -2.666  1.00 18.49 ? 118 LEU A O     1 
ATOM   941  C CB    . LEU A 1 118 ? 6.608   13.847  -2.543  1.00 14.95 ? 118 LEU A CB    1 
ATOM   942  C CG    . LEU A 1 118 ? 6.160   12.612  -3.330  1.00 15.54 ? 118 LEU A CG    1 
ATOM   943  C CD1   . LEU A 1 118 ? 4.677   12.373  -3.094  1.00 16.32 ? 118 LEU A CD1   1 
ATOM   944  C CD2   . LEU A 1 118 ? 6.445   12.814  -4.810  1.00 17.04 ? 118 LEU A CD2   1 
ATOM   945  N N     . ARG A 1 119 ? 8.464   15.607  -0.642  1.00 19.79 ? 119 ARG A N     1 
ATOM   946  C CA    . ARG A 1 119 ? 8.624   16.861  0.093   1.00 21.91 ? 119 ARG A CA    1 
ATOM   947  C C     . ARG A 1 119 ? 9.607   17.887  -0.483  1.00 21.65 ? 119 ARG A C     1 
ATOM   948  O O     . ARG A 1 119 ? 9.267   19.063  -0.615  1.00 21.86 ? 119 ARG A O     1 
ATOM   949  C CB    . ARG A 1 119 ? 9.007   16.568  1.549   1.00 24.87 ? 119 ARG A CB    1 
ATOM   950  C CG    . ARG A 1 119 ? 8.902   17.780  2.465   1.00 29.72 ? 119 ARG A CG    1 
ATOM   951  C CD    . ARG A 1 119 ? 9.500   17.524  3.845   1.00 31.52 ? 119 ARG A CD    1 
ATOM   952  N NE    . ARG A 1 119 ? 8.983   16.313  4.475   1.00 33.47 ? 119 ARG A NE    1 
ATOM   953  C CZ    . ARG A 1 119 ? 9.659   15.171  4.565   1.00 34.23 ? 119 ARG A CZ    1 
ATOM   954  N NH1   . ARG A 1 119 ? 10.886  15.081  4.065   1.00 35.16 ? 119 ARG A NH1   1 
ATOM   955  N NH2   . ARG A 1 119 ? 9.111   14.117  5.154   1.00 33.68 ? 119 ARG A NH2   1 
ATOM   956  N N     . PRO A 1 120 ? 10.833  17.461  -0.832  1.00 21.67 ? 120 PRO A N     1 
ATOM   957  C CA    . PRO A 1 120 ? 11.850  18.367  -1.383  1.00 22.24 ? 120 PRO A CA    1 
ATOM   958  C C     . PRO A 1 120 ? 11.469  19.064  -2.684  1.00 21.82 ? 120 PRO A C     1 
ATOM   959  O O     . PRO A 1 120 ? 11.945  20.164  -2.972  1.00 23.00 ? 120 PRO A O     1 
ATOM   960  C CB    . PRO A 1 120 ? 13.062  17.455  -1.573  1.00 23.43 ? 120 PRO A CB    1 
ATOM   961  C CG    . PRO A 1 120 ? 12.854  16.382  -0.545  1.00 24.19 ? 120 PRO A CG    1 
ATOM   962  C CD    . PRO A 1 120 ? 11.384  16.103  -0.682  1.00 22.56 ? 120 PRO A CD    1 
ATOM   963  N N     . HIS A 1 121 ? 10.611  18.423  -3.467  1.00 20.29 ? 121 HIS A N     1 
ATOM   964  C CA    . HIS A 1 121 ? 10.198  18.977  -4.749  1.00 19.53 ? 121 HIS A CA    1 
ATOM   965  C C     . HIS A 1 121 ? 8.860   19.699  -4.665  1.00 18.70 ? 121 HIS A C     1 
ATOM   966  O O     . HIS A 1 121 ? 8.202   19.921  -5.682  1.00 20.04 ? 121 HIS A O     1 
ATOM   967  C CB    . HIS A 1 121 ? 10.124  17.855  -5.785  1.00 19.80 ? 121 HIS A CB    1 
ATOM   968  C CG    . HIS A 1 121 ? 11.321  16.956  -5.777  1.00 23.48 ? 121 HIS A CG    1 
ATOM   969  N ND1   . HIS A 1 121 ? 12.599  17.414  -6.019  1.00 22.82 ? 121 HIS A ND1   1 
ATOM   970  C CD2   . HIS A 1 121 ? 11.438  15.630  -5.531  1.00 23.32 ? 121 HIS A CD2   1 
ATOM   971  C CE1   . HIS A 1 121 ? 13.451  16.409  -5.921  1.00 25.75 ? 121 HIS A CE1   1 
ATOM   972  N NE2   . HIS A 1 121 ? 12.772  15.315  -5.625  1.00 25.87 ? 121 HIS A NE2   1 
ATOM   973  N N     . ALA A 1 122 ? 8.465   20.063  -3.448  1.00 19.66 ? 122 ALA A N     1 
ATOM   974  C CA    . ALA A 1 122 ? 7.212   20.768  -3.216  1.00 20.76 ? 122 ALA A CA    1 
ATOM   975  C C     . ALA A 1 122 ? 6.016   19.970  -3.718  1.00 21.51 ? 122 ALA A C     1 
ATOM   976  O O     . ALA A 1 122 ? 5.042   20.540  -4.211  1.00 22.18 ? 122 ALA A O     1 
ATOM   977  C CB    . ALA A 1 122 ? 7.252   22.137  -3.897  1.00 21.90 ? 122 ALA A CB    1 
ATOM   978  N N     . ALA A 1 123 ? 6.089   18.649  -3.580  1.00 18.93 ? 123 ALA A N     1 
ATOM   979  C CA    . ALA A 1 123 ? 5.009   17.778  -4.033  1.00 20.30 ? 123 ALA A CA    1 
ATOM   980  C C     . ALA A 1 123 ? 4.357   17.012  -2.886  1.00 20.38 ? 123 ALA A C     1 
ATOM   981  O O     . ALA A 1 123 ? 3.621   16.048  -3.113  1.00 20.34 ? 123 ALA A O     1 
ATOM   982  C CB    . ALA A 1 123 ? 5.531   16.807  -5.080  1.00 20.70 ? 123 ALA A CB    1 
ATOM   983  N N     . GLY A 1 124 ? 4.628   17.437  -1.656  1.00 19.91 ? 124 GLY A N     1 
ATOM   984  C CA    . GLY A 1 124 ? 4.040   16.777  -0.504  1.00 19.91 ? 124 GLY A CA    1 
ATOM   985  C C     . GLY A 1 124 ? 2.548   17.048  -0.423  1.00 20.31 ? 124 GLY A C     1 
ATOM   986  O O     . GLY A 1 124 ? 2.037   17.901  -1.147  1.00 19.89 ? 124 GLY A O     1 
ATOM   987  N N     . PRO A 1 125 ? 1.817   16.338  0.448   1.00 20.35 ? 125 PRO A N     1 
ATOM   988  C CA    . PRO A 1 125 ? 0.371   16.544  0.580   1.00 21.41 ? 125 PRO A CA    1 
ATOM   989  C C     . PRO A 1 125 ? 0.003   17.892  1.195   1.00 23.06 ? 125 PRO A C     1 
ATOM   990  O O     . PRO A 1 125 ? 0.581   18.309  2.198   1.00 25.02 ? 125 PRO A O     1 
ATOM   991  C CB    . PRO A 1 125 ? -0.062  15.366  1.449   1.00 22.22 ? 125 PRO A CB    1 
ATOM   992  C CG    . PRO A 1 125 ? 1.132   15.147  2.320   1.00 21.34 ? 125 PRO A CG    1 
ATOM   993  C CD    . PRO A 1 125 ? 2.277   15.260  1.340   1.00 20.36 ? 125 PRO A CD    1 
ATOM   994  N N     . ASN A 1 126 ? -0.963  18.569  0.584   1.00 24.34 ? 126 ASN A N     1 
ATOM   995  C CA    . ASN A 1 126 ? -1.416  19.868  1.072   1.00 25.22 ? 126 ASN A CA    1 
ATOM   996  C C     . ASN A 1 126 ? -2.880  20.122  0.723   1.00 25.67 ? 126 ASN A C     1 
ATOM   997  O O     . ASN A 1 126 ? -3.375  21.239  0.866   1.00 26.74 ? 126 ASN A O     1 
ATOM   998  C CB    . ASN A 1 126 ? -0.547  20.987  0.492   1.00 26.90 ? 126 ASN A CB    1 
ATOM   999  C CG    . ASN A 1 126 ? -0.393  20.887  -1.010  1.00 28.54 ? 126 ASN A CG    1 
ATOM   1000 O OD1   . ASN A 1 126 ? -1.362  20.650  -1.728  1.00 29.48 ? 126 ASN A OD1   1 
ATOM   1001 N ND2   . ASN A 1 126 ? 0.830   21.073  -1.495  1.00 32.45 ? 126 ASN A ND2   1 
ATOM   1002 N N     . GLY A 1 127 ? -3.567  19.082  0.263   1.00 24.69 ? 127 GLY A N     1 
ATOM   1003 C CA    . GLY A 1 127 ? -4.970  19.221  -0.083  1.00 24.32 ? 127 GLY A CA    1 
ATOM   1004 C C     . GLY A 1 127 ? -5.226  19.959  -1.384  1.00 23.86 ? 127 GLY A C     1 
ATOM   1005 O O     . GLY A 1 127 ? -6.349  20.387  -1.645  1.00 24.91 ? 127 GLY A O     1 
ATOM   1006 N N     . ARG A 1 128 ? -4.189  20.112  -2.202  1.00 23.60 ? 128 ARG A N     1 
ATOM   1007 C CA    . ARG A 1 128 ? -4.328  20.800  -3.481  1.00 24.24 ? 128 ARG A CA    1 
ATOM   1008 C C     . ARG A 1 128 ? -4.122  19.846  -4.652  1.00 23.50 ? 128 ARG A C     1 
ATOM   1009 O O     . ARG A 1 128 ? -3.715  18.696  -4.470  1.00 22.30 ? 128 ARG A O     1 
ATOM   1010 C CB    . ARG A 1 128 ? -3.338  21.964  -3.571  1.00 27.34 ? 128 ARG A CB    1 
ATOM   1011 C CG    . ARG A 1 128 ? -3.556  23.032  -2.509  1.00 32.48 ? 128 ARG A CG    1 
ATOM   1012 C CD    . ARG A 1 128 ? -2.572  24.181  -2.663  1.00 36.46 ? 128 ARG A CD    1 
ATOM   1013 N NE    . ARG A 1 128 ? -2.722  25.176  -1.604  1.00 40.84 ? 128 ARG A NE    1 
ATOM   1014 C CZ    . ARG A 1 128 ? -3.832  25.874  -1.382  1.00 42.67 ? 128 ARG A CZ    1 
ATOM   1015 N NH1   . ARG A 1 128 ? -4.901  25.690  -2.149  1.00 44.06 ? 128 ARG A NH1   1 
ATOM   1016 N NH2   . ARG A 1 128 ? -3.876  26.756  -0.394  1.00 43.78 ? 128 ARG A NH2   1 
ATOM   1017 N N     . THR A 1 129 ? -4.401  20.332  -5.856  1.00 22.01 ? 129 THR A N     1 
ATOM   1018 C CA    . THR A 1 129 ? -4.282  19.526  -7.063  1.00 21.61 ? 129 THR A CA    1 
ATOM   1019 C C     . THR A 1 129 ? -2.852  19.176  -7.445  1.00 21.20 ? 129 THR A C     1 
ATOM   1020 O O     . THR A 1 129 ? -1.958  20.022  -7.406  1.00 21.75 ? 129 THR A O     1 
ATOM   1021 C CB    . THR A 1 129 ? -4.949  20.237  -8.256  1.00 23.80 ? 129 THR A CB    1 
ATOM   1022 O OG1   . THR A 1 129 ? -6.292  20.584  -7.904  1.00 26.01 ? 129 THR A OG1   1 
ATOM   1023 C CG2   . THR A 1 129 ? -4.975  19.332  -9.478  1.00 23.86 ? 129 THR A CG2   1 
ATOM   1024 N N     . LYS A 1 130 ? -2.651  17.912  -7.814  1.00 17.85 ? 130 LYS A N     1 
ATOM   1025 C CA    . LYS A 1 130 ? -1.346  17.414  -8.232  1.00 17.37 ? 130 LYS A CA    1 
ATOM   1026 C C     . LYS A 1 130 ? -1.483  16.761  -9.603  1.00 16.76 ? 130 LYS A C     1 
ATOM   1027 O O     . LYS A 1 130 ? -2.568  16.321  -9.990  1.00 16.26 ? 130 LYS A O     1 
ATOM   1028 C CB    . LYS A 1 130 ? -0.816  16.372  -7.241  1.00 18.68 ? 130 LYS A CB    1 
ATOM   1029 C CG    . LYS A 1 130 ? -0.531  16.884  -5.836  1.00 19.56 ? 130 LYS A CG    1 
ATOM   1030 C CD    . LYS A 1 130 ? 0.597   17.904  -5.828  1.00 22.29 ? 130 LYS A CD    1 
ATOM   1031 C CE    . LYS A 1 130 ? 1.114   18.151  -4.416  1.00 23.09 ? 130 LYS A CE    1 
ATOM   1032 N NZ    . LYS A 1 130 ? 0.070   18.704  -3.510  1.00 22.36 ? 130 LYS A NZ    1 
ATOM   1033 N N     . SER A 1 131 ? -0.374  16.697  -10.330 1.00 15.86 ? 131 SER A N     1 
ATOM   1034 C CA    . SER A 1 131 ? -0.350  16.082  -11.648 1.00 16.24 ? 131 SER A CA    1 
ATOM   1035 C C     . SER A 1 131 ? 0.139   14.640  -11.542 1.00 15.58 ? 131 SER A C     1 
ATOM   1036 O O     . SER A 1 131 ? 1.135   14.362  -10.878 1.00 16.32 ? 131 SER A O     1 
ATOM   1037 C CB    . SER A 1 131 ? 0.583   16.864  -12.577 1.00 17.34 ? 131 SER A CB    1 
ATOM   1038 O OG    . SER A 1 131 ? 0.948   16.086  -13.705 1.00 22.16 ? 131 SER A OG    1 
ATOM   1039 N N     . ARG A 1 132 ? -0.571  13.728  -12.195 1.00 14.75 ? 132 ARG A N     1 
ATOM   1040 C CA    . ARG A 1 132 ? -0.201  12.319  -12.188 1.00 15.18 ? 132 ARG A CA    1 
ATOM   1041 C C     . ARG A 1 132 ? 1.211   12.142  -12.741 1.00 15.69 ? 132 ARG A C     1 
ATOM   1042 O O     . ARG A 1 132 ? 2.022   11.404  -12.183 1.00 14.39 ? 132 ARG A O     1 
ATOM   1043 C CB    . ARG A 1 132 ? -1.196  11.523  -13.033 1.00 16.03 ? 132 ARG A CB    1 
ATOM   1044 C CG    . ARG A 1 132 ? -0.937  10.025  -13.076 1.00 19.51 ? 132 ARG A CG    1 
ATOM   1045 C CD    . ARG A 1 132 ? -1.950  9.336   -13.975 1.00 22.42 ? 132 ARG A CD    1 
ATOM   1046 N NE    . ARG A 1 132 ? -1.796  9.734   -15.373 1.00 24.36 ? 132 ARG A NE    1 
ATOM   1047 C CZ    . ARG A 1 132 ? -2.701  9.505   -16.319 1.00 27.22 ? 132 ARG A CZ    1 
ATOM   1048 N NH1   . ARG A 1 132 ? -3.833  8.881   -16.021 1.00 26.86 ? 132 ARG A NH1   1 
ATOM   1049 N NH2   . ARG A 1 132 ? -2.472  9.897   -17.565 1.00 27.65 ? 132 ARG A NH2   1 
ATOM   1050 N N     . GLN A 1 133 ? 1.506   12.827  -13.842 1.00 15.63 ? 133 GLN A N     1 
ATOM   1051 C CA    . GLN A 1 133 ? 2.824   12.738  -14.459 1.00 17.52 ? 133 GLN A CA    1 
ATOM   1052 C C     . GLN A 1 133 ? 3.922   13.242  -13.531 1.00 15.60 ? 133 GLN A C     1 
ATOM   1053 O O     . GLN A 1 133 ? 5.002   12.654  -13.457 1.00 16.66 ? 133 GLN A O     1 
ATOM   1054 C CB    . GLN A 1 133 ? 2.855   13.546  -15.763 1.00 20.39 ? 133 GLN A CB    1 
ATOM   1055 C CG    . GLN A 1 133 ? 1.955   12.998  -16.858 1.00 28.64 ? 133 GLN A CG    1 
ATOM   1056 C CD    . GLN A 1 133 ? 1.997   13.836  -18.122 1.00 32.59 ? 133 GLN A CD    1 
ATOM   1057 O OE1   . GLN A 1 133 ? 3.057   14.025  -18.724 1.00 35.16 ? 133 GLN A OE1   1 
ATOM   1058 N NE2   . GLN A 1 133 ? 0.841   14.347  -18.532 1.00 35.36 ? 133 GLN A NE2   1 
ATOM   1059 N N     . ALA A 1 134 ? 3.651   14.333  -12.823 1.00 14.92 ? 134 ALA A N     1 
ATOM   1060 C CA    . ALA A 1 134 ? 4.638   14.902  -11.916 1.00 15.14 ? 134 ALA A CA    1 
ATOM   1061 C C     . ALA A 1 134 ? 4.963   13.960  -10.764 1.00 14.23 ? 134 ALA A C     1 
ATOM   1062 O O     . ALA A 1 134 ? 6.131   13.699  -10.478 1.00 15.13 ? 134 ALA A O     1 
ATOM   1063 C CB    . ALA A 1 134 ? 4.144   16.235  -11.374 1.00 16.10 ? 134 ALA A CB    1 
ATOM   1064 N N     . ILE A 1 135 ? 3.926   13.447  -10.108 1.00 13.75 ? 135 ILE A N     1 
ATOM   1065 C CA    . ILE A 1 135 ? 4.119   12.545  -8.979  1.00 14.70 ? 135 ILE A CA    1 
ATOM   1066 C C     . ILE A 1 135 ? 4.827   11.261  -9.394  1.00 14.41 ? 135 ILE A C     1 
ATOM   1067 O O     . ILE A 1 135 ? 5.739   10.801  -8.711  1.00 15.49 ? 135 ILE A O     1 
ATOM   1068 C CB    . ILE A 1 135 ? 2.775   12.199  -8.311  1.00 15.12 ? 135 ILE A CB    1 
ATOM   1069 C CG1   . ILE A 1 135 ? 2.112   13.475  -7.788  1.00 17.69 ? 135 ILE A CG1   1 
ATOM   1070 C CG2   . ILE A 1 135 ? 3.000   11.220  -7.160  1.00 14.66 ? 135 ILE A CG2   1 
ATOM   1071 C CD1   . ILE A 1 135 ? 2.972   14.273  -6.821  1.00 18.50 ? 135 ILE A CD1   1 
ATOM   1072 N N     . LYS A 1 136 ? 4.417   10.681  -10.515 1.00 13.60 ? 136 LYS A N     1 
ATOM   1073 C CA    . LYS A 1 136 ? 5.062   9.461   -10.981 1.00 14.27 ? 136 LYS A CA    1 
ATOM   1074 C C     . LYS A 1 136 ? 6.519   9.762   -11.320 1.00 13.98 ? 136 LYS A C     1 
ATOM   1075 O O     . LYS A 1 136 ? 7.402   8.954   -11.056 1.00 14.96 ? 136 LYS A O     1 
ATOM   1076 C CB    . LYS A 1 136 ? 4.325   8.899   -12.200 1.00 16.76 ? 136 LYS A CB    1 
ATOM   1077 C CG    . LYS A 1 136 ? 2.961   8.298   -11.846 1.00 19.41 ? 136 LYS A CG    1 
ATOM   1078 C CD    . LYS A 1 136 ? 2.131   7.985   -13.085 1.00 23.73 ? 136 LYS A CD    1 
ATOM   1079 C CE    . LYS A 1 136 ? 2.603   6.726   -13.798 1.00 25.96 ? 136 LYS A CE    1 
ATOM   1080 N NZ    . LYS A 1 136 ? 2.240   5.485   -13.064 1.00 29.26 ? 136 LYS A NZ    1 
ATOM   1081 N N     . GLY A 1 137 ? 6.761   10.943  -11.884 1.00 14.18 ? 137 GLY A N     1 
ATOM   1082 C CA    . GLY A 1 137 ? 8.116   11.327  -12.242 1.00 14.54 ? 137 GLY A CA    1 
ATOM   1083 C C     . GLY A 1 137 ? 9.048   11.493  -11.050 1.00 14.28 ? 137 GLY A C     1 
ATOM   1084 O O     . GLY A 1 137 ? 10.206  11.081  -11.107 1.00 16.13 ? 137 GLY A O     1 
ATOM   1085 N N     . PHE A 1 138 ? 8.550   12.098  -9.975  1.00 13.56 ? 138 PHE A N     1 
ATOM   1086 C CA    . PHE A 1 138 ? 9.359   12.303  -8.779  1.00 15.19 ? 138 PHE A CA    1 
ATOM   1087 C C     . PHE A 1 138 ? 9.721   10.970  -8.134  1.00 15.60 ? 138 PHE A C     1 
ATOM   1088 O O     . PHE A 1 138 ? 10.856  10.762  -7.701  1.00 16.55 ? 138 PHE A O     1 
ATOM   1089 C CB    . PHE A 1 138 ? 8.607   13.175  -7.772  1.00 15.17 ? 138 PHE A CB    1 
ATOM   1090 C CG    . PHE A 1 138 ? 8.456   14.612  -8.196  1.00 17.56 ? 138 PHE A CG    1 
ATOM   1091 C CD1   . PHE A 1 138 ? 7.261   15.290  -7.979  1.00 17.33 ? 138 PHE A CD1   1 
ATOM   1092 C CD2   . PHE A 1 138 ? 9.517   15.293  -8.792  1.00 18.27 ? 138 PHE A CD2   1 
ATOM   1093 C CE1   . PHE A 1 138 ? 7.118   16.629  -8.351  1.00 19.58 ? 138 PHE A CE1   1 
ATOM   1094 C CE2   . PHE A 1 138 ? 9.385   16.630  -9.165  1.00 20.40 ? 138 PHE A CE2   1 
ATOM   1095 C CZ    . PHE A 1 138 ? 8.183   17.298  -8.945  1.00 18.80 ? 138 PHE A CZ    1 
ATOM   1096 N N     . LEU A 1 139 ? 8.755   10.060  -8.076  1.00 15.18 ? 139 LEU A N     1 
ATOM   1097 C CA    . LEU A 1 139 ? 9.007   8.758   -7.478  1.00 14.76 ? 139 LEU A CA    1 
ATOM   1098 C C     . LEU A 1 139 ? 9.943   7.914   -8.345  1.00 15.78 ? 139 LEU A C     1 
ATOM   1099 O O     . LEU A 1 139 ? 10.776  7.174   -7.822  1.00 16.01 ? 139 LEU A O     1 
ATOM   1100 C CB    . LEU A 1 139 ? 7.682   8.026   -7.221  1.00 14.27 ? 139 LEU A CB    1 
ATOM   1101 C CG    . LEU A 1 139 ? 6.786   8.712   -6.180  1.00 15.52 ? 139 LEU A CG    1 
ATOM   1102 C CD1   . LEU A 1 139 ? 5.484   7.946   -6.026  1.00 17.78 ? 139 LEU A CD1   1 
ATOM   1103 C CD2   . LEU A 1 139 ? 7.510   8.796   -4.845  1.00 19.36 ? 139 LEU A CD2   1 
ATOM   1104 N N     . LYS A 1 140 ? 9.825   8.029   -9.666  1.00 15.82 ? 140 LYS A N     1 
ATOM   1105 C CA    . LYS A 1 140 ? 10.705  7.267   -10.547 1.00 17.38 ? 140 LYS A CA    1 
ATOM   1106 C C     . LYS A 1 140 ? 12.142  7.752   -10.408 1.00 18.34 ? 140 LYS A C     1 
ATOM   1107 O O     . LYS A 1 140 ? 13.079  6.958   -10.474 1.00 18.57 ? 140 LYS A O     1 
ATOM   1108 C CB    . LYS A 1 140 ? 10.293  7.399   -12.015 1.00 19.92 ? 140 LYS A CB    1 
ATOM   1109 C CG    . LYS A 1 140 ? 11.356  6.824   -12.951 1.00 24.19 ? 140 LYS A CG    1 
ATOM   1110 C CD    . LYS A 1 140 ? 11.033  7.029   -14.411 1.00 27.68 ? 140 LYS A CD    1 
ATOM   1111 C CE    . LYS A 1 140 ? 12.214  6.641   -15.284 1.00 29.38 ? 140 LYS A CE    1 
ATOM   1112 N NZ    . LYS A 1 140 ? 12.706  5.270   -14.978 1.00 32.01 ? 140 LYS A NZ    1 
ATOM   1113 N N     . ALA A 1 141 ? 12.307  9.058   -10.227 1.00 17.89 ? 141 ALA A N     1 
ATOM   1114 C CA    . ALA A 1 141 ? 13.639  9.637   -10.082 1.00 19.76 ? 141 ALA A CA    1 
ATOM   1115 C C     . ALA A 1 141 ? 14.310  9.144   -8.805  1.00 20.40 ? 141 ALA A C     1 
ATOM   1116 O O     . ALA A 1 141 ? 15.508  8.850   -8.792  1.00 20.87 ? 141 ALA A O     1 
ATOM   1117 C CB    . ALA A 1 141 ? 13.546  11.159  -10.070 1.00 19.35 ? 141 ALA A CB    1 
ATOM   1118 N N     . LYS A 1 142 ? 13.531  9.047   -7.734  1.00 19.20 ? 142 LYS A N     1 
ATOM   1119 C CA    . LYS A 1 142 ? 14.054  8.605   -6.449  1.00 19.07 ? 142 LYS A CA    1 
ATOM   1120 C C     . LYS A 1 142 ? 14.265  7.099   -6.335  1.00 18.13 ? 142 LYS A C     1 
ATOM   1121 O O     . LYS A 1 142 ? 15.293  6.650   -5.831  1.00 19.87 ? 142 LYS A O     1 
ATOM   1122 C CB    . LYS A 1 142 ? 13.120  9.065   -5.325  1.00 22.04 ? 142 LYS A CB    1 
ATOM   1123 C CG    . LYS A 1 142 ? 13.539  8.620   -3.929  1.00 25.64 ? 142 LYS A CG    1 
ATOM   1124 C CD    . LYS A 1 142 ? 14.863  9.244   -3.516  1.00 28.86 ? 142 LYS A CD    1 
ATOM   1125 C CE    . LYS A 1 142 ? 15.281  8.771   -2.130  1.00 31.74 ? 142 LYS A CE    1 
ATOM   1126 N NZ    . LYS A 1 142 ? 16.581  9.362   -1.702  1.00 34.18 ? 142 LYS A NZ    1 
ATOM   1127 N N     . PHE A 1 143 ? 13.302  6.319   -6.814  1.00 16.87 ? 143 PHE A N     1 
ATOM   1128 C CA    . PHE A 1 143 ? 13.391  4.868   -6.700  1.00 15.72 ? 143 PHE A CA    1 
ATOM   1129 C C     . PHE A 1 143 ? 13.819  4.085   -7.939  1.00 15.09 ? 143 PHE A C     1 
ATOM   1130 O O     . PHE A 1 143 ? 14.162  2.904   -7.840  1.00 17.14 ? 143 PHE A O     1 
ATOM   1131 C CB    . PHE A 1 143 ? 12.066  4.340   -6.143  1.00 14.78 ? 143 PHE A CB    1 
ATOM   1132 C CG    . PHE A 1 143 ? 11.719  4.921   -4.803  1.00 15.84 ? 143 PHE A CG    1 
ATOM   1133 C CD1   . PHE A 1 143 ? 10.676  5.831   -4.669  1.00 15.49 ? 143 PHE A CD1   1 
ATOM   1134 C CD2   . PHE A 1 143 ? 12.473  4.597   -3.678  1.00 17.80 ? 143 PHE A CD2   1 
ATOM   1135 C CE1   . PHE A 1 143 ? 10.390  6.412   -3.433  1.00 16.23 ? 143 PHE A CE1   1 
ATOM   1136 C CE2   . PHE A 1 143 ? 12.195  5.174   -2.440  1.00 17.60 ? 143 PHE A CE2   1 
ATOM   1137 C CZ    . PHE A 1 143 ? 11.152  6.084   -2.320  1.00 16.89 ? 143 PHE A CZ    1 
ATOM   1138 N N     . GLY A 1 144 ? 13.797  4.732   -9.101  1.00 15.65 ? 144 GLY A N     1 
ATOM   1139 C CA    . GLY A 1 144 ? 14.242  4.074   -10.319 1.00 16.31 ? 144 GLY A CA    1 
ATOM   1140 C C     . GLY A 1 144 ? 13.208  3.495   -11.265 1.00 14.73 ? 144 GLY A C     1 
ATOM   1141 O O     . GLY A 1 144 ? 13.519  3.224   -12.424 1.00 16.52 ? 144 GLY A O     1 
ATOM   1142 N N     . LYS A 1 145 ? 11.981  3.305   -10.787 1.00 13.21 ? 145 LYS A N     1 
ATOM   1143 C CA    . LYS A 1 145 ? 10.917  2.737   -11.610 1.00 11.72 ? 145 LYS A CA    1 
ATOM   1144 C C     . LYS A 1 145 ? 9.617   3.483   -11.345 1.00 10.85 ? 145 LYS A C     1 
ATOM   1145 O O     . LYS A 1 145 ? 9.471   4.134   -10.311 1.00 12.58 ? 145 LYS A O     1 
ATOM   1146 C CB    . LYS A 1 145 ? 10.718  1.255   -11.278 1.00 11.77 ? 145 LYS A CB    1 
ATOM   1147 C CG    . LYS A 1 145 ? 11.948  0.387   -11.499 1.00 13.77 ? 145 LYS A CG    1 
ATOM   1148 C CD    . LYS A 1 145 ? 12.284  0.278   -12.979 1.00 15.03 ? 145 LYS A CD    1 
ATOM   1149 C CE    . LYS A 1 145 ? 13.450  -0.676  -13.203 1.00 19.88 ? 145 LYS A CE    1 
ATOM   1150 N NZ    . LYS A 1 145 ? 13.763  -0.853  -14.648 1.00 24.37 ? 145 LYS A NZ    1 
ATOM   1151 N N     . PHE A 1 146 ? 8.674   3.369   -12.273 1.00 10.98 ? 146 PHE A N     1 
ATOM   1152 C CA    . PHE A 1 146 ? 7.384   4.037   -12.139 1.00 11.83 ? 146 PHE A CA    1 
ATOM   1153 C C     . PHE A 1 146 ? 6.456   3.342   -11.148 1.00 10.02 ? 146 PHE A C     1 
ATOM   1154 O O     . PHE A 1 146 ? 6.317   2.119   -11.153 1.00 11.00 ? 146 PHE A O     1 
ATOM   1155 C CB    . PHE A 1 146 ? 6.665   4.106   -13.489 1.00 13.27 ? 146 PHE A CB    1 
ATOM   1156 C CG    . PHE A 1 146 ? 7.312   5.023   -14.486 1.00 16.17 ? 146 PHE A CG    1 
ATOM   1157 C CD1   . PHE A 1 146 ? 7.957   4.508   -15.606 1.00 18.86 ? 146 PHE A CD1   1 
ATOM   1158 C CD2   . PHE A 1 146 ? 7.261   6.400   -14.316 1.00 18.87 ? 146 PHE A CD2   1 
ATOM   1159 C CE1   . PHE A 1 146 ? 8.541   5.355   -16.547 1.00 20.02 ? 146 PHE A CE1   1 
ATOM   1160 C CE2   . PHE A 1 146 ? 7.844   7.259   -15.254 1.00 19.97 ? 146 PHE A CE2   1 
ATOM   1161 C CZ    . PHE A 1 146 ? 8.482   6.731   -16.368 1.00 20.28 ? 146 PHE A CZ    1 
ATOM   1162 N N     . PRO A 1 147 ? 5.816   4.120   -10.271 1.00 9.92  ? 147 PRO A N     1 
ATOM   1163 C CA    . PRO A 1 147 ? 4.893   3.546   -9.295  1.00 10.03 ? 147 PRO A CA    1 
ATOM   1164 C C     . PRO A 1 147 ? 3.512   3.524   -9.937  1.00 10.09 ? 147 PRO A C     1 
ATOM   1165 O O     . PRO A 1 147 ? 3.321   4.045   -11.039 1.00 11.32 ? 147 PRO A O     1 
ATOM   1166 C CB    . PRO A 1 147 ? 4.950   4.547   -8.152  1.00 10.76 ? 147 PRO A CB    1 
ATOM   1167 C CG    . PRO A 1 147 ? 5.015   5.852   -8.908  1.00 11.62 ? 147 PRO A CG    1 
ATOM   1168 C CD    . PRO A 1 147 ? 6.045   5.552   -9.995  1.00 10.65 ? 147 PRO A CD    1 
ATOM   1169 N N     . GLY A 1 148 ? 2.564   2.894   -9.257  1.00 8.74  ? 148 GLY A N     1 
ATOM   1170 C CA    . GLY A 1 148 ? 1.196   2.878   -9.734  1.00 8.30  ? 148 GLY A CA    1 
ATOM   1171 C C     . GLY A 1 148 ? 0.440   3.814   -8.802  1.00 7.84  ? 148 GLY A C     1 
ATOM   1172 O O     . GLY A 1 148 ? 0.673   3.796   -7.596  1.00 9.94  ? 148 GLY A O     1 
ATOM   1173 N N     . LEU A 1 149 ? -0.444  4.649   -9.335  1.00 8.60  ? 149 LEU A N     1 
ATOM   1174 C CA    . LEU A 1 149 ? -1.195  5.568   -8.485  1.00 8.61  ? 149 LEU A CA    1 
ATOM   1175 C C     . LEU A 1 149 ? -2.671  5.184   -8.513  1.00 9.52  ? 149 LEU A C     1 
ATOM   1176 O O     . LEU A 1 149 ? -3.244  4.982   -9.581  1.00 11.57 ? 149 LEU A O     1 
ATOM   1177 C CB    . LEU A 1 149 ? -1.009  7.014   -8.968  1.00 9.69  ? 149 LEU A CB    1 
ATOM   1178 C CG    . LEU A 1 149 ? 0.423   7.577   -8.999  1.00 11.74 ? 149 LEU A CG    1 
ATOM   1179 C CD1   . LEU A 1 149 ? 0.394   9.024   -9.477  1.00 14.63 ? 149 LEU A CD1   1 
ATOM   1180 C CD2   . LEU A 1 149 ? 1.046   7.499   -7.614  1.00 13.05 ? 149 LEU A CD2   1 
ATOM   1181 N N     . ARG A 1 150 ? -3.282  5.083   -7.337  1.00 8.82  ? 150 ARG A N     1 
ATOM   1182 C CA    . ARG A 1 150 ? -4.686  4.710   -7.244  1.00 8.77  ? 150 ARG A CA    1 
ATOM   1183 C C     . ARG A 1 150 ? -5.488  5.821   -6.593  1.00 8.89  ? 150 ARG A C     1 
ATOM   1184 O O     . ARG A 1 150 ? -5.105  6.353   -5.555  1.00 9.70  ? 150 ARG A O     1 
ATOM   1185 C CB    . ARG A 1 150 ? -4.823  3.397   -6.468  1.00 10.10 ? 150 ARG A CB    1 
ATOM   1186 C CG    . ARG A 1 150 ? -4.270  2.210   -7.260  1.00 11.04 ? 150 ARG A CG    1 
ATOM   1187 C CD    . ARG A 1 150 ? -3.982  1.000   -6.388  1.00 15.18 ? 150 ARG A CD    1 
ATOM   1188 N NE    . ARG A 1 150 ? -5.180  0.430   -5.778  1.00 17.99 ? 150 ARG A NE    1 
ATOM   1189 C CZ    . ARG A 1 150 ? -6.067  -0.326  -6.417  1.00 20.57 ? 150 ARG A CZ    1 
ATOM   1190 N NH1   . ARG A 1 150 ? -5.904  -0.613  -7.701  1.00 22.89 ? 150 ARG A NH1   1 
ATOM   1191 N NH2   . ARG A 1 150 ? -7.116  -0.807  -5.765  1.00 23.18 ? 150 ARG A NH2   1 
ATOM   1192 N N     . CYS A 1 151 ? -6.610  6.152   -7.221  1.00 8.91  ? 151 CYS A N     1 
ATOM   1193 C CA    . CYS A 1 151 ? -7.475  7.232   -6.775  1.00 9.30  ? 151 CYS A CA    1 
ATOM   1194 C C     . CYS A 1 151 ? -8.906  6.774   -6.559  1.00 10.78 ? 151 CYS A C     1 
ATOM   1195 O O     . CYS A 1 151 ? -9.317  5.716   -7.033  1.00 12.54 ? 151 CYS A O     1 
ATOM   1196 C CB    . CYS A 1 151 ? -7.484  8.344   -7.832  1.00 8.56  ? 151 CYS A CB    1 
ATOM   1197 S SG    . CYS A 1 151 ? -5.996  9.388   -7.925  1.00 11.59 ? 151 CYS A SG    1 
ATOM   1198 N N     . ARG A 1 152 ? -9.661  7.587   -5.830  1.00 11.21 ? 152 ARG A N     1 
ATOM   1199 C CA    . ARG A 1 152 ? -11.070 7.315   -5.595  1.00 12.65 ? 152 ARG A CA    1 
ATOM   1200 C C     . ARG A 1 152 ? -11.802 8.641   -5.751  1.00 12.75 ? 152 ARG A C     1 
ATOM   1201 O O     . ARG A 1 152 ? -11.291 9.691   -5.368  1.00 12.36 ? 152 ARG A O     1 
ATOM   1202 C CB    . ARG A 1 152 ? -11.299 6.735   -4.199  1.00 15.59 ? 152 ARG A CB    1 
ATOM   1203 C CG    . ARG A 1 152 ? -10.896 5.274   -4.071  1.00 18.91 ? 152 ARG A CG    1 
ATOM   1204 C CD    . ARG A 1 152 ? -11.162 4.754   -2.667  1.00 24.04 ? 152 ARG A CD    1 
ATOM   1205 N NE    . ARG A 1 152 ? -12.577 4.826   -2.314  1.00 28.40 ? 152 ARG A NE    1 
ATOM   1206 C CZ    . ARG A 1 152 ? -13.059 4.543   -1.107  1.00 29.88 ? 152 ARG A CZ    1 
ATOM   1207 N NH1   . ARG A 1 152 ? -12.236 4.169   -0.136  1.00 31.42 ? 152 ARG A NH1   1 
ATOM   1208 N NH2   . ARG A 1 152 ? -14.360 4.634   -0.871  1.00 30.17 ? 152 ARG A NH2   1 
ATOM   1209 N N     . THR A 1 153 ? -12.997 8.588   -6.327  1.00 14.25 ? 153 THR A N     1 
ATOM   1210 C CA    . THR A 1 153 ? -13.788 9.791   -6.548  1.00 16.28 ? 153 THR A CA    1 
ATOM   1211 C C     . THR A 1 153 ? -14.836 9.983   -5.462  1.00 17.45 ? 153 THR A C     1 
ATOM   1212 O O     . THR A 1 153 ? -15.573 9.055   -5.134  1.00 17.83 ? 153 THR A O     1 
ATOM   1213 C CB    . THR A 1 153 ? -14.499 9.724   -7.909  1.00 16.37 ? 153 THR A CB    1 
ATOM   1214 O OG1   . THR A 1 153 ? -13.521 9.617   -8.948  1.00 18.46 ? 153 THR A OG1   1 
ATOM   1215 C CG2   . THR A 1 153 ? -15.351 10.970  -8.131  1.00 17.60 ? 153 THR A CG2   1 
ATOM   1216 N N     . ASP A 1 154 ? -14.894 11.190  -4.907  1.00 17.47 ? 154 ASP A N     1 
ATOM   1217 C CA    . ASP A 1 154 ? -15.865 11.501  -3.864  1.00 20.39 ? 154 ASP A CA    1 
ATOM   1218 C C     . ASP A 1 154 ? -17.255 11.525  -4.497  1.00 21.58 ? 154 ASP A C     1 
ATOM   1219 O O     . ASP A 1 154 ? -17.485 12.224  -5.484  1.00 20.60 ? 154 ASP A O     1 
ATOM   1220 C CB    . ASP A 1 154 ? -15.551 12.857  -3.230  1.00 21.48 ? 154 ASP A CB    1 
ATOM   1221 C CG    . ASP A 1 154 ? -16.437 13.163  -2.040  1.00 24.44 ? 154 ASP A CG    1 
ATOM   1222 O OD1   . ASP A 1 154 ? -17.659 13.339  -2.231  1.00 26.67 ? 154 ASP A OD1   1 
ATOM   1223 O OD2   . ASP A 1 154 ? -15.913 13.221  -0.909  1.00 26.48 ? 154 ASP A OD2   1 
ATOM   1224 N N     . PRO A 1 155 ? -18.197 10.753  -3.938  1.00 23.59 ? 155 PRO A N     1 
ATOM   1225 C CA    . PRO A 1 155 ? -19.572 10.671  -4.441  1.00 24.74 ? 155 PRO A CA    1 
ATOM   1226 C C     . PRO A 1 155 ? -20.337 11.995  -4.472  1.00 25.39 ? 155 PRO A C     1 
ATOM   1227 O O     . PRO A 1 155 ? -21.191 12.196  -5.334  1.00 26.98 ? 155 PRO A O     1 
ATOM   1228 C CB    . PRO A 1 155 ? -20.223 9.657   -3.499  1.00 25.78 ? 155 PRO A CB    1 
ATOM   1229 C CG    . PRO A 1 155 ? -19.073 8.780   -3.100  1.00 26.25 ? 155 PRO A CG    1 
ATOM   1230 C CD    . PRO A 1 155 ? -17.990 9.793   -2.838  1.00 24.12 ? 155 PRO A CD    1 
ATOM   1231 N N     . GLN A 1 156 ? -20.029 12.894  -3.541  1.00 25.25 ? 156 GLN A N     1 
ATOM   1232 C CA    . GLN A 1 156 ? -20.719 14.183  -3.463  1.00 25.64 ? 156 GLN A CA    1 
ATOM   1233 C C     . GLN A 1 156 ? -20.185 15.297  -4.364  1.00 25.86 ? 156 GLN A C     1 
ATOM   1234 O O     . GLN A 1 156 ? -20.964 15.998  -5.014  1.00 25.53 ? 156 GLN A O     1 
ATOM   1235 C CB    . GLN A 1 156 ? -20.733 14.686  -2.014  1.00 27.50 ? 156 GLN A CB    1 
ATOM   1236 C CG    . GLN A 1 156 ? -21.816 14.071  -1.135  1.00 29.79 ? 156 GLN A CG    1 
ATOM   1237 C CD    . GLN A 1 156 ? -21.672 12.573  -0.981  1.00 32.36 ? 156 GLN A CD    1 
ATOM   1238 O OE1   . GLN A 1 156 ? -20.672 12.084  -0.457  1.00 33.00 ? 156 GLN A OE1   1 
ATOM   1239 N NE2   . GLN A 1 156 ? -22.678 11.832  -1.437  1.00 32.56 ? 156 GLN A NE2   1 
ATOM   1240 N N     . THR A 1 157 ? -18.867 15.467  -4.400  1.00 23.09 ? 157 THR A N     1 
ATOM   1241 C CA    . THR A 1 157 ? -18.255 16.521  -5.205  1.00 22.79 ? 157 THR A CA    1 
ATOM   1242 C C     . THR A 1 157 ? -17.698 16.043  -6.541  1.00 21.56 ? 157 THR A C     1 
ATOM   1243 O O     . THR A 1 157 ? -17.443 16.849  -7.438  1.00 22.54 ? 157 THR A O     1 
ATOM   1244 C CB    . THR A 1 157 ? -17.110 17.199  -4.436  1.00 23.46 ? 157 THR A CB    1 
ATOM   1245 O OG1   . THR A 1 157 ? -16.084 16.234  -4.165  1.00 24.63 ? 157 THR A OG1   1 
ATOM   1246 C CG2   . THR A 1 157 ? -17.615 17.774  -3.123  1.00 24.40 ? 157 THR A CG2   1 
ATOM   1247 N N     . LYS A 1 158 ? -17.499 14.735  -6.661  1.00 21.23 ? 158 LYS A N     1 
ATOM   1248 C CA    . LYS A 1 158 ? -16.964 14.130  -7.877  1.00 20.41 ? 158 LYS A CA    1 
ATOM   1249 C C     . LYS A 1 158 ? -15.491 14.470  -8.091  1.00 20.20 ? 158 LYS A C     1 
ATOM   1250 O O     . LYS A 1 158 ? -14.962 14.328  -9.196  1.00 20.96 ? 158 LYS A O     1 
ATOM   1251 C CB    . LYS A 1 158 ? -17.786 14.557  -9.097  1.00 22.67 ? 158 LYS A CB    1 
ATOM   1252 C CG    . LYS A 1 158 ? -19.267 14.218  -8.988  1.00 24.58 ? 158 LYS A CG    1 
ATOM   1253 C CD    . LYS A 1 158 ? -19.492 12.729  -8.762  1.00 28.55 ? 158 LYS A CD    1 
ATOM   1254 C CE    . LYS A 1 158 ? -20.972 12.422  -8.578  1.00 31.07 ? 158 LYS A CE    1 
ATOM   1255 N NZ    . LYS A 1 158 ? -21.226 10.985  -8.280  1.00 33.10 ? 158 LYS A NZ    1 
ATOM   1256 N N     . VAL A 1 159 ? -14.832 14.925  -7.028  1.00 18.81 ? 159 VAL A N     1 
ATOM   1257 C CA    . VAL A 1 159 ? -13.415 15.255  -7.101  1.00 17.82 ? 159 VAL A CA    1 
ATOM   1258 C C     . VAL A 1 159 ? -12.635 13.972  -6.813  1.00 15.75 ? 159 VAL A C     1 
ATOM   1259 O O     . VAL A 1 159 ? -13.040 13.168  -5.974  1.00 16.13 ? 159 VAL A O     1 
ATOM   1260 C CB    . VAL A 1 159 ? -13.037 16.337  -6.068  1.00 18.40 ? 159 VAL A CB    1 
ATOM   1261 C CG1   . VAL A 1 159 ? -11.534 16.573  -6.081  1.00 21.81 ? 159 VAL A CG1   1 
ATOM   1262 C CG2   . VAL A 1 159 ? -13.768 17.633  -6.388  1.00 20.13 ? 159 VAL A CG2   1 
ATOM   1263 N N     . SER A 1 160 ? -11.533 13.784  -7.530  1.00 14.62 ? 160 SER A N     1 
ATOM   1264 C CA    . SER A 1 160 ? -10.692 12.598  -7.381  1.00 14.25 ? 160 SER A CA    1 
ATOM   1265 C C     . SER A 1 160 ? -9.570  12.838  -6.377  1.00 13.86 ? 160 SER A C     1 
ATOM   1266 O O     . SER A 1 160 ? -8.918  13.881  -6.400  1.00 14.20 ? 160 SER A O     1 
ATOM   1267 C CB    . SER A 1 160 ? -10.104 12.224  -8.746  1.00 15.06 ? 160 SER A CB    1 
ATOM   1268 O OG    . SER A 1 160 ? -9.273  11.079  -8.667  1.00 16.74 ? 160 SER A OG    1 
ATOM   1269 N N     . TYR A 1 161 ? -9.351  11.862  -5.497  1.00 12.01 ? 161 TYR A N     1 
ATOM   1270 C CA    . TYR A 1 161 ? -8.310  11.952  -4.478  1.00 11.65 ? 161 TYR A CA    1 
ATOM   1271 C C     . TYR A 1 161 ? -7.351  10.776  -4.562  1.00 9.77  ? 161 TYR A C     1 
ATOM   1272 O O     . TYR A 1 161 ? -7.764  9.652   -4.824  1.00 12.14 ? 161 TYR A O     1 
ATOM   1273 C CB    . TYR A 1 161 ? -8.910  11.936  -3.067  1.00 13.38 ? 161 TYR A CB    1 
ATOM   1274 C CG    . TYR A 1 161 ? -9.724  13.150  -2.699  1.00 15.06 ? 161 TYR A CG    1 
ATOM   1275 C CD1   . TYR A 1 161 ? -11.029 13.303  -3.160  1.00 16.63 ? 161 TYR A CD1   1 
ATOM   1276 C CD2   . TYR A 1 161 ? -9.188  14.146  -1.890  1.00 17.24 ? 161 TYR A CD2   1 
ATOM   1277 C CE1   . TYR A 1 161 ? -11.783 14.423  -2.819  1.00 17.98 ? 161 TYR A CE1   1 
ATOM   1278 C CE2   . TYR A 1 161 ? -9.930  15.268  -1.545  1.00 19.51 ? 161 TYR A CE2   1 
ATOM   1279 C CZ    . TYR A 1 161 ? -11.225 15.399  -2.012  1.00 18.71 ? 161 TYR A CZ    1 
ATOM   1280 O OH    . TYR A 1 161 ? -11.962 16.510  -1.664  1.00 20.15 ? 161 TYR A OH    1 
ATOM   1281 N N     . LEU A 1 162 ? -6.072  11.042  -4.325  1.00 10.03 ? 162 LEU A N     1 
ATOM   1282 C CA    . LEU A 1 162 ? -5.081  9.974   -4.323  1.00 8.50  ? 162 LEU A CA    1 
ATOM   1283 C C     . LEU A 1 162 ? -5.275  9.222   -3.012  1.00 9.75  ? 162 LEU A C     1 
ATOM   1284 O O     . LEU A 1 162 ? -5.338  9.840   -1.948  1.00 10.63 ? 162 LEU A O     1 
ATOM   1285 C CB    . LEU A 1 162 ? -3.668  10.553  -4.364  1.00 10.30 ? 162 LEU A CB    1 
ATOM   1286 C CG    . LEU A 1 162 ? -2.538  9.525   -4.262  1.00 9.62  ? 162 LEU A CG    1 
ATOM   1287 C CD1   . LEU A 1 162 ? -2.520  8.663   -5.512  1.00 11.82 ? 162 LEU A CD1   1 
ATOM   1288 C CD2   . LEU A 1 162 ? -1.199  10.243  -4.101  1.00 13.62 ? 162 LEU A CD2   1 
ATOM   1289 N N     . VAL A 1 163 ? -5.391  7.898   -3.079  1.00 8.36  ? 163 VAL A N     1 
ATOM   1290 C CA    . VAL A 1 163 ? -5.567  7.115   -1.860  1.00 8.53  ? 163 VAL A CA    1 
ATOM   1291 C C     . VAL A 1 163 ? -4.476  6.077   -1.635  1.00 9.51  ? 163 VAL A C     1 
ATOM   1292 O O     . VAL A 1 163 ? -4.143  5.775   -0.491  1.00 9.59  ? 163 VAL A O     1 
ATOM   1293 C CB    . VAL A 1 163 ? -6.945  6.396   -1.818  1.00 11.34 ? 163 VAL A CB    1 
ATOM   1294 C CG1   . VAL A 1 163 ? -8.064  7.428   -1.775  1.00 14.41 ? 163 VAL A CG1   1 
ATOM   1295 C CG2   . VAL A 1 163 ? -7.111  5.480   -3.017  1.00 14.49 ? 163 VAL A CG2   1 
ATOM   1296 N N     . GLN A 1 164 ? -3.924  5.530   -2.716  1.00 7.71  ? 164 GLN A N     1 
ATOM   1297 C CA    . GLN A 1 164 ? -2.877  4.516   -2.597  1.00 8.10  ? 164 GLN A CA    1 
ATOM   1298 C C     . GLN A 1 164 ? -1.777  4.704   -3.631  1.00 7.47  ? 164 GLN A C     1 
ATOM   1299 O O     . GLN A 1 164 ? -2.011  5.224   -4.728  1.00 8.33  ? 164 GLN A O     1 
ATOM   1300 C CB    . GLN A 1 164 ? -3.472  3.115   -2.775  1.00 9.79  ? 164 GLN A CB    1 
ATOM   1301 C CG    . GLN A 1 164 ? -4.567  2.788   -1.778  1.00 10.83 ? 164 GLN A CG    1 
ATOM   1302 C CD    . GLN A 1 164 ? -5.358  1.556   -2.158  1.00 15.21 ? 164 GLN A CD    1 
ATOM   1303 O OE1   . GLN A 1 164 ? -5.706  1.362   -3.320  1.00 18.50 ? 164 GLN A OE1   1 
ATOM   1304 N NE2   . GLN A 1 164 ? -5.665  0.727   -1.175  1.00 16.92 ? 164 GLN A NE2   1 
ATOM   1305 N N     . VAL A 1 165 ? -0.573  4.274   -3.261  1.00 7.00  ? 165 VAL A N     1 
ATOM   1306 C CA    . VAL A 1 165 ? 0.582   4.319   -4.147  1.00 6.48  ? 165 VAL A CA    1 
ATOM   1307 C C     . VAL A 1 165 ? 1.124   2.899   -4.153  1.00 7.35  ? 165 VAL A C     1 
ATOM   1308 O O     . VAL A 1 165 ? 1.307   2.285   -3.097  1.00 7.99  ? 165 VAL A O     1 
ATOM   1309 C CB    . VAL A 1 165 ? 1.682   5.286   -3.650  1.00 7.70  ? 165 VAL A CB    1 
ATOM   1310 C CG1   . VAL A 1 165 ? 2.926   5.158   -4.535  1.00 10.58 ? 165 VAL A CG1   1 
ATOM   1311 C CG2   . VAL A 1 165 ? 1.169   6.714   -3.682  1.00 9.79  ? 165 VAL A CG2   1 
ATOM   1312 N N     . VAL A 1 166 ? 1.373   2.383   -5.350  1.00 7.32  ? 166 VAL A N     1 
ATOM   1313 C CA    . VAL A 1 166 ? 1.866   1.025   -5.519  1.00 8.06  ? 166 VAL A CA    1 
ATOM   1314 C C     . VAL A 1 166 ? 3.292   0.993   -6.024  1.00 7.82  ? 166 VAL A C     1 
ATOM   1315 O O     . VAL A 1 166 ? 3.651   1.744   -6.930  1.00 8.68  ? 166 VAL A O     1 
ATOM   1316 C CB    . VAL A 1 166 ? 1.018   0.252   -6.553  1.00 8.67  ? 166 VAL A CB    1 
ATOM   1317 C CG1   . VAL A 1 166 ? 1.499   -1.200  -6.651  1.00 10.72 ? 166 VAL A CG1   1 
ATOM   1318 C CG2   . VAL A 1 166 ? -0.454  0.335   -6.195  1.00 10.02 ? 166 VAL A CG2   1 
ATOM   1319 N N     . ALA A 1 167 ? 4.104   0.129   -5.422  1.00 7.71  ? 167 ALA A N     1 
ATOM   1320 C CA    . ALA A 1 167 ? 5.481   -0.087  -5.853  1.00 8.44  ? 167 ALA A CA    1 
ATOM   1321 C C     . ALA A 1 167 ? 5.427   -1.524  -6.375  1.00 8.62  ? 167 ALA A C     1 
ATOM   1322 O O     . ALA A 1 167 ? 4.932   -2.415  -5.688  1.00 9.65  ? 167 ALA A O     1 
ATOM   1323 C CB    . ALA A 1 167 ? 6.446   0.017   -4.670  1.00 10.83 ? 167 ALA A CB    1 
ATOM   1324 N N     . CYS A 1 168 ? 5.917   -1.744  -7.590  1.00 7.54  ? 168 CYS A N     1 
ATOM   1325 C CA    . CYS A 1 168 ? 5.881   -3.076  -8.191  1.00 7.98  ? 168 CYS A CA    1 
ATOM   1326 C C     . CYS A 1 168 ? 7.230   -3.750  -8.080  1.00 8.12  ? 168 CYS A C     1 
ATOM   1327 O O     . CYS A 1 168 ? 8.257   -3.123  -8.329  1.00 9.18  ? 168 CYS A O     1 
ATOM   1328 C CB    . CYS A 1 168 ? 5.433   -2.964  -9.661  1.00 8.28  ? 168 CYS A CB    1 
ATOM   1329 S SG    . CYS A 1 168 ? 3.707   -2.375  -9.729  1.00 10.30 ? 168 CYS A SG    1 
ATOM   1330 N N     . PHE A 1 169 ? 7.216   -5.017  -7.669  1.00 9.17  ? 169 PHE A N     1 
ATOM   1331 C CA    . PHE A 1 169 ? 8.435   -5.804  -7.501  1.00 9.30  ? 169 PHE A CA    1 
ATOM   1332 C C     . PHE A 1 169 ? 8.409   -7.100  -8.297  1.00 10.89 ? 169 PHE A C     1 
ATOM   1333 O O     . PHE A 1 169 ? 7.346   -7.660  -8.559  1.00 11.52 ? 169 PHE A O     1 
ATOM   1334 C CB    . PHE A 1 169 ? 8.647   -6.176  -6.026  1.00 9.70  ? 169 PHE A CB    1 
ATOM   1335 C CG    . PHE A 1 169 ? 9.001   -5.018  -5.142  1.00 10.32 ? 169 PHE A CG    1 
ATOM   1336 C CD1   . PHE A 1 169 ? 8.009   -4.232  -4.562  1.00 10.61 ? 169 PHE A CD1   1 
ATOM   1337 C CD2   . PHE A 1 169 ? 10.334  -4.716  -4.882  1.00 10.80 ? 169 PHE A CD2   1 
ATOM   1338 C CE1   . PHE A 1 169 ? 8.342   -3.159  -3.730  1.00 12.08 ? 169 PHE A CE1   1 
ATOM   1339 C CE2   . PHE A 1 169 ? 10.678  -3.646  -4.054  1.00 12.75 ? 169 PHE A CE2   1 
ATOM   1340 C CZ    . PHE A 1 169 ? 9.683   -2.868  -3.478  1.00 12.45 ? 169 PHE A CZ    1 
ATOM   1341 N N     . ALA A 1 170 ? 9.596   -7.576  -8.666  1.00 12.08 ? 170 ALA A N     1 
ATOM   1342 C CA    . ALA A 1 170 ? 9.722   -8.834  -9.393  1.00 14.01 ? 170 ALA A CA    1 
ATOM   1343 C C     . ALA A 1 170 ? 9.422   -9.956  -8.401  1.00 15.51 ? 170 ALA A C     1 
ATOM   1344 O O     . ALA A 1 170 ? 9.253   -9.705  -7.207  1.00 13.84 ? 170 ALA A O     1 
ATOM   1345 C CB    . ALA A 1 170 ? 11.132  -8.978  -9.952  1.00 13.77 ? 170 ALA A CB    1 
ATOM   1346 N N     . GLN A 1 171 ? 9.380   -11.195 -8.883  1.00 16.74 ? 171 GLN A N     1 
ATOM   1347 C CA    . GLN A 1 171 ? 9.057   -12.319 -8.010  1.00 19.75 ? 171 GLN A CA    1 
ATOM   1348 C C     . GLN A 1 171 ? 10.039  -12.564 -6.869  1.00 19.34 ? 171 GLN A C     1 
ATOM   1349 O O     . GLN A 1 171 ? 9.723   -13.299 -5.934  1.00 20.47 ? 171 GLN A O     1 
ATOM   1350 C CB    . GLN A 1 171 ? 8.891   -13.604 -8.827  1.00 22.33 ? 171 GLN A CB    1 
ATOM   1351 C CG    . GLN A 1 171 ? 10.134  -14.069 -9.548  1.00 27.62 ? 171 GLN A CG    1 
ATOM   1352 C CD    . GLN A 1 171 ? 9.976   -15.473 -10.102 1.00 31.14 ? 171 GLN A CD    1 
ATOM   1353 O OE1   . GLN A 1 171 ? 9.063   -15.747 -10.882 1.00 33.22 ? 171 GLN A OE1   1 
ATOM   1354 N NE2   . GLN A 1 171 ? 10.865  -16.374 -9.694  1.00 33.41 ? 171 GLN A NE2   1 
ATOM   1355 N N     . ASP A 1 172 ? 11.221  -11.958 -6.932  1.00 18.96 ? 172 ASP A N     1 
ATOM   1356 C CA    . ASP A 1 172 ? 12.201  -12.138 -5.864  1.00 19.54 ? 172 ASP A CA    1 
ATOM   1357 C C     . ASP A 1 172 ? 11.882  -11.264 -4.654  1.00 20.36 ? 172 ASP A C     1 
ATOM   1358 O O     . ASP A 1 172 ? 12.516  -11.378 -3.606  1.00 21.75 ? 172 ASP A O     1 
ATOM   1359 C CB    . ASP A 1 172 ? 13.621  -11.839 -6.367  1.00 18.92 ? 172 ASP A CB    1 
ATOM   1360 C CG    . ASP A 1 172 ? 13.772  -10.431 -6.914  1.00 20.71 ? 172 ASP A CG    1 
ATOM   1361 O OD1   . ASP A 1 172 ? 12.816  -9.633  -6.811  1.00 18.99 ? 172 ASP A OD1   1 
ATOM   1362 O OD2   . ASP A 1 172 ? 14.859  -10.121 -7.445  1.00 21.27 ? 172 ASP A OD2   1 
ATOM   1363 N N     . GLY A 1 173 ? 10.890  -10.391 -4.807  1.00 18.53 ? 173 GLY A N     1 
ATOM   1364 C CA    . GLY A 1 173 ? 10.488  -9.510  -3.725  1.00 19.04 ? 173 GLY A CA    1 
ATOM   1365 C C     . GLY A 1 173 ? 11.487  -8.432  -3.344  1.00 19.02 ? 173 GLY A C     1 
ATOM   1366 O O     . GLY A 1 173 ? 11.362  -7.824  -2.281  1.00 20.19 ? 173 GLY A O     1 
ATOM   1367 N N     . SER A 1 174 ? 12.472  -8.177  -4.201  1.00 18.50 ? 174 SER A N     1 
ATOM   1368 C CA    . SER A 1 174 ? 13.477  -7.160  -3.904  1.00 18.88 ? 174 SER A CA    1 
ATOM   1369 C C     . SER A 1 174 ? 13.790  -6.254  -5.089  1.00 17.73 ? 174 SER A C     1 
ATOM   1370 O O     . SER A 1 174 ? 14.181  -5.101  -4.909  1.00 19.52 ? 174 SER A O     1 
ATOM   1371 C CB    . SER A 1 174 ? 14.769  -7.823  -3.422  1.00 20.06 ? 174 SER A CB    1 
ATOM   1372 O OG    . SER A 1 174 ? 15.286  -8.705  -4.402  1.00 24.43 ? 174 SER A OG    1 
ATOM   1373 N N     . THR A 1 175 ? 13.612  -6.775  -6.298  1.00 15.28 ? 175 THR A N     1 
ATOM   1374 C CA    . THR A 1 175 ? 13.889  -6.001  -7.502  1.00 15.07 ? 175 THR A CA    1 
ATOM   1375 C C     . THR A 1 175 ? 12.684  -5.174  -7.942  1.00 13.24 ? 175 THR A C     1 
ATOM   1376 O O     . THR A 1 175 ? 11.643  -5.719  -8.298  1.00 13.79 ? 175 THR A O     1 
ATOM   1377 C CB    . THR A 1 175 ? 14.301  -6.921  -8.673  1.00 15.93 ? 175 THR A CB    1 
ATOM   1378 O OG1   . THR A 1 175 ? 15.443  -7.701  -8.294  1.00 18.67 ? 175 THR A OG1   1 
ATOM   1379 C CG2   . THR A 1 175 ? 14.651  -6.094  -9.904  1.00 18.62 ? 175 THR A CG2   1 
ATOM   1380 N N     . LEU A 1 176 ? 12.833  -3.855  -7.908  1.00 12.46 ? 176 LEU A N     1 
ATOM   1381 C CA    . LEU A 1 176 ? 11.765  -2.956  -8.332  1.00 12.82 ? 176 LEU A CA    1 
ATOM   1382 C C     . LEU A 1 176 ? 11.592  -3.002  -9.847  1.00 12.82 ? 176 LEU A C     1 
ATOM   1383 O O     . LEU A 1 176 ? 12.572  -3.083  -10.593 1.00 14.11 ? 176 LEU A O     1 
ATOM   1384 C CB    . LEU A 1 176 ? 12.085  -1.512  -7.926  1.00 14.97 ? 176 LEU A CB    1 
ATOM   1385 C CG    . LEU A 1 176 ? 11.642  -0.969  -6.567  1.00 18.96 ? 176 LEU A CG    1 
ATOM   1386 C CD1   . LEU A 1 176 ? 12.155  0.460   -6.406  1.00 21.45 ? 176 LEU A CD1   1 
ATOM   1387 C CD2   . LEU A 1 176 ? 10.118  -0.988  -6.472  1.00 17.20 ? 176 LEU A CD2   1 
ATOM   1388 N N     . ILE A 1 177 ? 10.341  -2.971  -10.296 1.00 10.97 ? 177 ILE A N     1 
ATOM   1389 C CA    . ILE A 1 177 ? 10.038  -2.945  -11.724 1.00 11.60 ? 177 ILE A CA    1 
ATOM   1390 C C     . ILE A 1 177 ? 8.956   -1.885  -11.932 1.00 11.11 ? 177 ILE A C     1 
ATOM   1391 O O     . ILE A 1 177 ? 8.326   -1.432  -10.970 1.00 10.62 ? 177 ILE A O     1 
ATOM   1392 C CB    . ILE A 1 177 ? 9.537   -4.318  -12.254 1.00 12.07 ? 177 ILE A CB    1 
ATOM   1393 C CG1   . ILE A 1 177 ? 8.238   -4.726  -11.555 1.00 13.02 ? 177 ILE A CG1   1 
ATOM   1394 C CG2   . ILE A 1 177 ? 10.622  -5.378  -12.050 1.00 12.44 ? 177 ILE A CG2   1 
ATOM   1395 C CD1   . ILE A 1 177 ? 7.636   -6.017  -12.105 1.00 16.27 ? 177 ILE A CD1   1 
ATOM   1396 N N     . ASP A 1 178 ? 8.756   -1.461  -13.177 1.00 11.59 ? 178 ASP A N     1 
ATOM   1397 C CA    . ASP A 1 178 ? 7.737   -0.455  -13.456 1.00 10.78 ? 178 ASP A CA    1 
ATOM   1398 C C     . ASP A 1 178 ? 6.342   -1.020  -13.271 1.00 12.67 ? 178 ASP A C     1 
ATOM   1399 O O     . ASP A 1 178 ? 6.077   -2.177  -13.602 1.00 15.09 ? 178 ASP A O     1 
ATOM   1400 C CB    . ASP A 1 178 ? 7.824   0.059   -14.904 1.00 11.43 ? 178 ASP A CB    1 
ATOM   1401 C CG    . ASP A 1 178 ? 9.073   0.869   -15.180 1.00 13.71 ? 178 ASP A CG    1 
ATOM   1402 O OD1   . ASP A 1 178 ? 9.432   1.745   -14.370 1.00 14.64 ? 178 ASP A OD1   1 
ATOM   1403 O OD2   . ASP A 1 178 ? 9.691   0.633   -16.240 1.00 19.30 ? 178 ASP A OD2   1 
ATOM   1404 N N     . CYS A 1 179 ? 5.453   -0.200  -12.729 1.00 11.95 ? 179 CYS A N     1 
ATOM   1405 C CA    . CYS A 1 179 ? 4.068   -0.599  -12.582 1.00 12.17 ? 179 CYS A CA    1 
ATOM   1406 C C     . CYS A 1 179 ? 3.427   -0.182  -13.902 1.00 14.51 ? 179 CYS A C     1 
ATOM   1407 O O     . CYS A 1 179 ? 3.968   0.676   -14.599 1.00 15.96 ? 179 CYS A O     1 
ATOM   1408 C CB    . CYS A 1 179 ? 3.413   0.156   -11.444 1.00 10.60 ? 179 CYS A CB    1 
ATOM   1409 S SG    . CYS A 1 179 ? 3.876   -0.350  -9.761  1.00 10.22 ? 179 CYS A SG    1 
ATOM   1410 N N     . THR A 1 180 ? 2.277   -0.753  -14.238 1.00 16.34 ? 180 THR A N     1 
ATOM   1411 C CA    . THR A 1 180 ? 1.641   -0.423  -15.509 1.00 21.39 ? 180 THR A CA    1 
ATOM   1412 C C     . THR A 1 180 ? 0.183   0.007   -15.443 1.00 23.19 ? 180 THR A C     1 
ATOM   1413 O O     . THR A 1 180 ? -0.414  0.316   -16.473 1.00 26.14 ? 180 THR A O     1 
ATOM   1414 C CB    . THR A 1 180 ? 1.724   -1.614  -16.477 1.00 22.66 ? 180 THR A CB    1 
ATOM   1415 O OG1   . THR A 1 180 ? 1.020   -2.727  -15.918 1.00 25.25 ? 180 THR A OG1   1 
ATOM   1416 C CG2   . THR A 1 180 ? 3.167   -2.011  -16.710 1.00 25.83 ? 180 THR A CG2   1 
ATOM   1417 N N     . ARG A 1 181 ? -0.400  0.022   -14.250 1.00 22.69 ? 181 ARG A N     1 
ATOM   1418 C CA    . ARG A 1 181 ? -1.797  0.411   -14.129 1.00 24.12 ? 181 ARG A CA    1 
ATOM   1419 C C     . ARG A 1 181 ? -2.075  1.444   -13.052 1.00 22.23 ? 181 ARG A C     1 
ATOM   1420 O O     . ARG A 1 181 ? -1.672  1.287   -11.898 1.00 23.75 ? 181 ARG A O     1 
ATOM   1421 C CB    . ARG A 1 181 ? -2.669  -0.824  -13.884 1.00 26.65 ? 181 ARG A CB    1 
ATOM   1422 C CG    . ARG A 1 181 ? -2.737  -1.772  -15.075 1.00 32.68 ? 181 ARG A CG    1 
ATOM   1423 C CD    . ARG A 1 181 ? -3.830  -2.816  -14.899 1.00 36.77 ? 181 ARG A CD    1 
ATOM   1424 N NE    . ARG A 1 181 ? -3.594  -3.686  -13.752 1.00 40.89 ? 181 ARG A NE    1 
ATOM   1425 C CZ    . ARG A 1 181 ? -4.406  -4.673  -13.385 1.00 42.34 ? 181 ARG A CZ    1 
ATOM   1426 N NH1   . ARG A 1 181 ? -5.512  -4.915  -14.077 1.00 44.03 ? 181 ARG A NH1   1 
ATOM   1427 N NH2   . ARG A 1 181 ? -4.112  -5.421  -12.330 1.00 43.10 ? 181 ARG A NH2   1 
ATOM   1428 N N     . ASP A 1 182 ? -2.770  2.506   -13.448 1.00 19.61 ? 182 ASP A N     1 
ATOM   1429 C CA    . ASP A 1 182 ? -3.153  3.579   -12.539 1.00 17.19 ? 182 ASP A CA    1 
ATOM   1430 C C     . ASP A 1 182 ? -4.664  3.700   -12.590 1.00 17.33 ? 182 ASP A C     1 
ATOM   1431 O O     . ASP A 1 182 ? -5.269  3.448   -13.632 1.00 19.31 ? 182 ASP A O     1 
ATOM   1432 C CB    . ASP A 1 182 ? -2.588  4.928   -12.990 1.00 16.36 ? 182 ASP A CB    1 
ATOM   1433 C CG    . ASP A 1 182 ? -1.088  4.930   -13.109 1.00 20.02 ? 182 ASP A CG    1 
ATOM   1434 O OD1   . ASP A 1 182 ? -0.414  4.595   -12.120 1.00 17.93 ? 182 ASP A OD1   1 
ATOM   1435 O OD2   . ASP A 1 182 ? -0.584  5.285   -14.195 1.00 21.38 ? 182 ASP A OD2   1 
ATOM   1436 N N     . THR A 1 183 ? -5.283  4.072   -11.477 1.00 15.29 ? 183 THR A N     1 
ATOM   1437 C CA    . THR A 1 183 ? -6.725  4.283   -11.498 1.00 14.73 ? 183 THR A CA    1 
ATOM   1438 C C     . THR A 1 183 ? -6.959  5.788   -11.383 1.00 16.63 ? 183 THR A C     1 
ATOM   1439 O O     . THR A 1 183 ? -8.096  6.250   -11.323 1.00 21.07 ? 183 THR A O     1 
ATOM   1440 C CB    . THR A 1 183 ? -7.464  3.547   -10.359 1.00 15.67 ? 183 THR A CB    1 
ATOM   1441 O OG1   . THR A 1 183 ? -6.904  3.917   -9.095  1.00 16.27 ? 183 THR A OG1   1 
ATOM   1442 C CG2   . THR A 1 183 ? -7.364  2.041   -10.553 1.00 18.27 ? 183 THR A CG2   1 
ATOM   1443 N N     . CYS A 1 184 ? -5.866  6.548   -11.366 1.00 14.93 ? 184 CYS A N     1 
ATOM   1444 C CA    . CYS A 1 184 ? -5.934  8.008   -11.292 1.00 14.26 ? 184 CYS A CA    1 
ATOM   1445 C C     . CYS A 1 184 ? -5.958  8.652   -12.670 1.00 16.15 ? 184 CYS A C     1 
ATOM   1446 O O     . CYS A 1 184 ? -5.344  8.148   -13.613 1.00 17.17 ? 184 CYS A O     1 
ATOM   1447 C CB    . CYS A 1 184 ? -4.724  8.587   -10.561 1.00 14.25 ? 184 CYS A CB    1 
ATOM   1448 S SG    . CYS A 1 184 ? -4.588  8.209   -8.792  1.00 11.99 ? 184 CYS A SG    1 
ATOM   1449 N N     . GLY A 1 185 ? -6.655  9.780   -12.767 1.00 16.08 ? 185 GLY A N     1 
ATOM   1450 C CA    . GLY A 1 185 ? -6.719  10.518  -14.014 1.00 16.67 ? 185 GLY A CA    1 
ATOM   1451 C C     . GLY A 1 185 ? -5.500  11.423  -14.065 1.00 17.37 ? 185 GLY A C     1 
ATOM   1452 O O     . GLY A 1 185 ? -4.575  11.260  -13.268 1.00 17.77 ? 185 GLY A O     1 
ATOM   1453 N N     . ALA A 1 186 ? -5.500  12.391  -14.977 1.00 17.50 ? 186 ALA A N     1 
ATOM   1454 C CA    . ALA A 1 186 ? -4.369  13.303  -15.128 1.00 17.56 ? 186 ALA A CA    1 
ATOM   1455 C C     . ALA A 1 186 ? -4.100  14.172  -13.901 1.00 17.26 ? 186 ALA A C     1 
ATOM   1456 O O     . ALA A 1 186 ? -2.961  14.575  -13.657 1.00 18.10 ? 186 ALA A O     1 
ATOM   1457 C CB    . ALA A 1 186 ? -4.584  14.188  -16.351 1.00 18.62 ? 186 ALA A CB    1 
ATOM   1458 N N     . ASN A 1 187 ? -5.150  14.466  -13.140 1.00 17.89 ? 187 ASN A N     1 
ATOM   1459 C CA    . ASN A 1 187 ? -5.029  15.297  -11.947 1.00 18.80 ? 187 ASN A CA    1 
ATOM   1460 C C     . ASN A 1 187 ? -5.854  14.729  -10.802 1.00 17.57 ? 187 ASN A C     1 
ATOM   1461 O O     . ASN A 1 187 ? -6.837  14.022  -11.020 1.00 18.14 ? 187 ASN A O     1 
ATOM   1462 C CB    . ASN A 1 187 ? -5.497  16.727  -12.243 1.00 22.52 ? 187 ASN A CB    1 
ATOM   1463 C CG    . ASN A 1 187 ? -4.638  17.421  -13.284 1.00 25.42 ? 187 ASN A CG    1 
ATOM   1464 O OD1   . ASN A 1 187 ? -3.458  17.690  -13.056 1.00 28.19 ? 187 ASN A OD1   1 
ATOM   1465 N ND2   . ASN A 1 187 ? -5.227  17.710  -14.437 1.00 27.96 ? 187 ASN A ND2   1 
ATOM   1466 N N     . PHE A 1 188 ? -5.450  15.054  -9.579  1.00 15.40 ? 188 PHE A N     1 
ATOM   1467 C CA    . PHE A 1 188 ? -6.138  14.590  -8.383  1.00 15.50 ? 188 PHE A CA    1 
ATOM   1468 C C     . PHE A 1 188 ? -5.694  15.418  -7.188  1.00 14.76 ? 188 PHE A C     1 
ATOM   1469 O O     . PHE A 1 188 ? -4.687  16.122  -7.252  1.00 16.24 ? 188 PHE A O     1 
ATOM   1470 C CB    . PHE A 1 188 ? -5.829  13.105  -8.145  1.00 14.88 ? 188 PHE A CB    1 
ATOM   1471 C CG    . PHE A 1 188 ? -4.359  12.772  -8.192  1.00 13.21 ? 188 PHE A CG    1 
ATOM   1472 C CD1   . PHE A 1 188 ? -3.517  13.101  -7.133  1.00 14.48 ? 188 PHE A CD1   1 
ATOM   1473 C CD2   . PHE A 1 188 ? -3.817  12.146  -9.307  1.00 15.28 ? 188 PHE A CD2   1 
ATOM   1474 C CE1   . PHE A 1 188 ? -2.153  12.807  -7.191  1.00 15.20 ? 188 PHE A CE1   1 
ATOM   1475 C CE2   . PHE A 1 188 ? -2.457  11.851  -9.373  1.00 16.39 ? 188 PHE A CE2   1 
ATOM   1476 C CZ    . PHE A 1 188 ? -1.626  12.183  -8.311  1.00 15.86 ? 188 PHE A CZ    1 
ATOM   1477 N N     . ILE A 1 189 ? -6.451  15.343  -6.100  1.00 15.11 ? 189 ILE A N     1 
ATOM   1478 C CA    . ILE A 1 189 ? -6.097  16.085  -4.901  1.00 16.89 ? 189 ILE A CA    1 
ATOM   1479 C C     . ILE A 1 189 ? -5.206  15.239  -4.000  1.00 16.90 ? 189 ILE A C     1 
ATOM   1480 O O     . ILE A 1 189 ? -5.440  14.045  -3.822  1.00 15.55 ? 189 ILE A O     1 
ATOM   1481 C CB    . ILE A 1 189 ? -7.352  16.499  -4.098  1.00 18.79 ? 189 ILE A CB    1 
ATOM   1482 C CG1   . ILE A 1 189 ? -8.165  17.525  -4.892  1.00 20.04 ? 189 ILE A CG1   1 
ATOM   1483 C CG2   . ILE A 1 189 ? -6.940  17.069  -2.747  1.00 20.79 ? 189 ILE A CG2   1 
ATOM   1484 C CD1   . ILE A 1 189 ? -9.346  18.090  -4.136  1.00 26.23 ? 189 ILE A CD1   1 
ATOM   1485 N N     . PHE A 1 190 ? -4.172  15.870  -3.454  1.00 16.62 ? 190 PHE A N     1 
ATOM   1486 C CA    . PHE A 1 190 ? -3.247  15.217  -2.533  1.00 17.08 ? 190 PHE A CA    1 
ATOM   1487 C C     . PHE A 1 190 ? -2.643  16.284  -1.626  1.00 17.50 ? 190 PHE A C     1 
ATOM   1488 O O     . PHE A 1 190 ? -1.762  17.033  -2.101  1.00 18.77 ? 190 PHE A O     1 
ATOM   1489 C CB    . PHE A 1 190 ? -2.133  14.482  -3.287  1.00 17.45 ? 190 PHE A CB    1 
ATOM   1490 C CG    . PHE A 1 190 ? -1.144  13.785  -2.383  1.00 17.29 ? 190 PHE A CG    1 
ATOM   1491 C CD1   . PHE A 1 190 ? -1.581  12.893  -1.408  1.00 18.77 ? 190 PHE A CD1   1 
ATOM   1492 C CD2   . PHE A 1 190 ? 0.221   14.020  -2.510  1.00 18.95 ? 190 PHE A CD2   1 
ATOM   1493 C CE1   . PHE A 1 190 ? -0.669  12.245  -0.568  1.00 18.81 ? 190 PHE A CE1   1 
ATOM   1494 C CE2   . PHE A 1 190 ? 1.142   13.377  -1.675  1.00 19.89 ? 190 PHE A CE2   1 
ATOM   1495 C CZ    . PHE A 1 190 ? 0.692   12.489  -0.703  1.00 19.59 ? 190 PHE A CZ    1 
ATOM   1496 O OXT   . PHE A 1 190 ? -3.075  16.369  -0.460  1.00 18.98 ? 190 PHE A OXT   1 
HETATM 1497 O "O5'" . U2P B 2 .   ? -14.178 -4.876  6.186   1.00 44.94 ? 400 U2P A "O5'" 1 
HETATM 1498 C "C5'" . U2P B 2 .   ? -13.352 -3.792  5.691   1.00 42.94 ? 400 U2P A "C5'" 1 
HETATM 1499 C "C4'" . U2P B 2 .   ? -12.654 -4.222  4.394   1.00 41.82 ? 400 U2P A "C4'" 1 
HETATM 1500 O "O4'" . U2P B 2 .   ? -11.798 -3.097  3.877   1.00 39.60 ? 400 U2P A "O4'" 1 
HETATM 1501 C "C1'" . U2P B 2 .   ? -10.315 -3.388  3.800   1.00 38.02 ? 400 U2P A "C1'" 1 
HETATM 1502 N N1    . U2P B 2 .   ? -9.416  -2.590  4.704   1.00 31.25 ? 400 U2P A N1    1 
HETATM 1503 C C6    . U2P B 2 .   ? -8.690  -1.678  4.025   1.00 29.61 ? 400 U2P A C6    1 
HETATM 1504 C C5    . U2P B 2 .   ? -7.785  -0.817  4.671   1.00 24.06 ? 400 U2P A C5    1 
HETATM 1505 C C4    . U2P B 2 .   ? -7.632  -0.918  6.126   1.00 24.39 ? 400 U2P A C4    1 
HETATM 1506 O O4    . U2P B 2 .   ? -6.867  -0.204  6.755   1.00 19.67 ? 400 U2P A O4    1 
HETATM 1507 N N3    . U2P B 2 .   ? -8.427  -1.896  6.756   1.00 24.62 ? 400 U2P A N3    1 
HETATM 1508 C C2    . U2P B 2 .   ? -9.331  -2.761  6.125   1.00 29.71 ? 400 U2P A C2    1 
HETATM 1509 O O2    . U2P B 2 .   ? -9.964  -3.568  6.791   1.00 29.32 ? 400 U2P A O2    1 
HETATM 1510 C "C2'" . U2P B 2 .   ? -10.346 -4.923  3.780   1.00 41.19 ? 400 U2P A "C2'" 1 
HETATM 1511 O "O2'" . U2P B 2 .   ? -10.624 -5.380  2.430   1.00 44.55 ? 400 U2P A "O2'" 1 
HETATM 1512 P P     . U2P B 2 .   ? -9.528  -5.466  1.301   1.00 47.61 ? 400 U2P A P     1 
HETATM 1513 O O1P   . U2P B 2 .   ? -8.820  -6.633  0.781   1.00 47.58 ? 400 U2P A O1P   1 
HETATM 1514 O O2P   . U2P B 2 .   ? -9.647  -4.300  0.381   1.00 47.64 ? 400 U2P A O2P   1 
HETATM 1515 O O3P   . U2P B 2 .   ? -10.596 -6.132  0.558   1.00 48.75 ? 400 U2P A O3P   1 
HETATM 1516 C "C3'" . U2P B 2 .   ? -11.559 -5.281  4.654   1.00 41.95 ? 400 U2P A "C3'" 1 
HETATM 1517 O "O3'" . U2P B 2 .   ? -12.040 -6.612  4.233   1.00 43.35 ? 400 U2P A "O3'" 1 
HETATM 1518 O O     . HOH C 3 .   ? 7.482   0.424   -9.070  1.00 10.12 ? 200 HOH A O     1 
HETATM 1519 O O     . HOH C 3 .   ? -2.326  0.603   7.103   1.00 13.07 ? 201 HOH A O     1 
HETATM 1520 O O     . HOH C 3 .   ? 4.064   1.525   -2.080  1.00 13.18 ? 202 HOH A O     1 
HETATM 1521 O O     . HOH C 3 .   ? 8.611   2.771   -7.955  1.00 13.98 ? 203 HOH A O     1 
HETATM 1522 O O     . HOH C 3 .   ? 5.911   5.565   2.509   1.00 12.47 ? 204 HOH A O     1 
HETATM 1523 O O     . HOH C 3 .   ? -5.577  12.557  -1.346  1.00 15.18 ? 205 HOH A O     1 
HETATM 1524 O O     . HOH C 3 .   ? 3.667   -15.418 1.210   1.00 12.39 ? 206 HOH A O     1 
HETATM 1525 O O     . HOH C 3 .   ? 11.525  -11.472 3.995   1.00 18.53 ? 207 HOH A O     1 
HETATM 1526 O O     . HOH C 3 .   ? -23.691 16.384  -4.564  1.00 18.63 ? 208 HOH A O     1 
HETATM 1527 O O     . HOH C 3 .   ? -15.373 8.287   9.504   1.00 20.87 ? 209 HOH A O     1 
HETATM 1528 O O     . HOH C 3 .   ? -12.800 4.244   2.762   1.00 27.16 ? 210 HOH A O     1 
HETATM 1529 O O     . HOH C 3 .   ? -7.196  1.831   0.934   1.00 21.92 ? 211 HOH A O     1 
HETATM 1530 O O     . HOH C 3 .   ? -10.854 8.839   -8.854  1.00 23.42 ? 212 HOH A O     1 
HETATM 1531 O O     . HOH C 3 .   ? -2.629  -10.975 -4.467  1.00 23.00 ? 213 HOH A O     1 
HETATM 1532 O O     . HOH C 3 .   ? -1.363  -8.214  1.949   1.00 20.83 ? 214 HOH A O     1 
HETATM 1533 O O     . HOH C 3 .   ? -7.868  11.466  -11.007 1.00 22.55 ? 215 HOH A O     1 
HETATM 1534 O O     . HOH C 3 .   ? 4.129   -20.202 6.424   1.00 29.31 ? 216 HOH A O     1 
HETATM 1535 O O     . HOH C 3 .   ? 12.969  22.259  -1.588  1.00 22.22 ? 217 HOH A O     1 
HETATM 1536 O O     . HOH C 3 .   ? -8.545  2.937   -7.012  1.00 23.36 ? 218 HOH A O     1 
HETATM 1537 O O     . HOH C 3 .   ? 4.402   -4.470  -12.974 1.00 23.87 ? 219 HOH A O     1 
HETATM 1538 O O     . HOH C 3 .   ? 0.935   -19.445 8.873   1.00 35.66 ? 220 HOH A O     1 
HETATM 1539 O O     . HOH C 3 .   ? -0.501  14.323  -15.496 1.00 23.90 ? 221 HOH A O     1 
HETATM 1540 O O     . HOH C 3 .   ? -10.581 11.674  7.090   1.00 23.56 ? 222 HOH A O     1 
HETATM 1541 O O     . HOH C 3 .   ? 8.266   14.865  -12.186 1.00 25.63 ? 223 HOH A O     1 
HETATM 1542 O O     . HOH C 3 .   ? 15.090  -2.096  -10.252 1.00 28.13 ? 224 HOH A O     1 
HETATM 1543 O O     . HOH C 3 .   ? -21.594 12.755  6.672   1.00 22.60 ? 225 HOH A O     1 
HETATM 1544 O O     . HOH C 3 .   ? -6.691  -18.547 1.595   1.00 27.96 ? 226 HOH A O     1 
HETATM 1545 O O     . HOH C 3 .   ? 9.863   -18.974 3.006   1.00 24.27 ? 227 HOH A O     1 
HETATM 1546 O O     . HOH C 3 .   ? 1.827   -3.820  -12.643 1.00 32.09 ? 228 HOH A O     1 
HETATM 1547 O O     . HOH C 3 .   ? 9.480   -11.324 -12.100 1.00 28.25 ? 229 HOH A O     1 
HETATM 1548 O O     . HOH C 3 .   ? 15.330  0.646   -9.519  1.00 30.99 ? 230 HOH A O     1 
HETATM 1549 O O     . HOH C 3 .   ? -13.957 5.934   -7.261  1.00 26.88 ? 231 HOH A O     1 
HETATM 1550 O O     . HOH C 3 .   ? 6.296   -18.608 9.159   1.00 25.54 ? 232 HOH A O     1 
HETATM 1551 O O     . HOH C 3 .   ? -5.330  -6.627  17.246  1.00 39.03 ? 233 HOH A O     1 
HETATM 1552 O O     . HOH C 3 .   ? -3.677  -6.149  -9.753  1.00 31.83 ? 234 HOH A O     1 
HETATM 1553 O O     . HOH C 3 .   ? 12.926  5.904   1.055   1.00 26.73 ? 235 HOH A O     1 
HETATM 1554 O O     . HOH C 3 .   ? 8.750   -5.653  16.996  1.00 30.08 ? 236 HOH A O     1 
HETATM 1555 O O     . HOH C 3 .   ? 11.433  3.135   -15.678 1.00 26.76 ? 237 HOH A O     1 
HETATM 1556 O O     . HOH C 3 .   ? -16.693 19.627  -7.439  1.00 32.52 ? 238 HOH A O     1 
HETATM 1557 O O     . HOH C 3 .   ? 9.433   -13.296 19.317  1.00 25.60 ? 239 HOH A O     1 
HETATM 1558 O O     . HOH C 3 .   ? -5.929  0.771   14.205  1.00 26.79 ? 240 HOH A O     1 
HETATM 1559 O O     . HOH C 3 .   ? 12.380  8.614   0.275   1.00 29.14 ? 241 HOH A O     1 
HETATM 1560 O O     . HOH C 3 .   ? 1.136   9.859   -16.400 1.00 32.14 ? 242 HOH A O     1 
HETATM 1561 O O     . HOH C 3 .   ? -14.108 2.354   13.296  1.00 28.31 ? 243 HOH A O     1 
HETATM 1562 O O     . HOH C 3 .   ? 1.602   18.529  -9.578  1.00 31.90 ? 244 HOH A O     1 
HETATM 1563 O O     . HOH C 3 .   ? -5.226  -3.247  17.344  1.00 31.18 ? 245 HOH A O     1 
HETATM 1564 O O     . HOH C 3 .   ? -14.403 3.329   8.968   1.00 31.06 ? 246 HOH A O     1 
HETATM 1565 O O     . HOH C 3 .   ? 7.248   -3.770  -15.780 1.00 29.98 ? 247 HOH A O     1 
HETATM 1566 O O     . HOH C 3 .   ? -7.682  12.514  -16.839 1.00 36.96 ? 248 HOH A O     1 
HETATM 1567 O O     . HOH C 3 .   ? -17.806 8.351   0.576   1.00 32.33 ? 249 HOH A O     1 
HETATM 1568 O O     . HOH C 3 .   ? -0.080  -21.760 10.579  1.00 37.18 ? 250 HOH A O     1 
HETATM 1569 O O     . HOH C 3 .   ? -10.637 15.574  -9.664  1.00 33.11 ? 251 HOH A O     1 
HETATM 1570 O O     . HOH C 3 .   ? 12.963  -9.116  3.852   1.00 27.82 ? 252 HOH A O     1 
HETATM 1571 O O     . HOH C 3 .   ? -7.603  -0.970  -2.572  1.00 31.72 ? 253 HOH A O     1 
HETATM 1572 O O     . HOH C 3 .   ? -0.182  -0.527  -10.173 1.00 34.49 ? 254 HOH A O     1 
HETATM 1573 O O     . HOH C 3 .   ? -3.112  -16.521 15.411  1.00 30.04 ? 255 HOH A O     1 
HETATM 1574 O O     . HOH C 3 .   ? 16.332  4.735   -3.860  1.00 30.57 ? 256 HOH A O     1 
HETATM 1575 O O     . HOH C 3 .   ? 15.337  -2.680  -6.967  1.00 34.69 ? 257 HOH A O     1 
HETATM 1576 O O     . HOH C 3 .   ? 4.185   -14.331 -16.215 1.00 33.28 ? 258 HOH A O     1 
HETATM 1577 O O     . HOH C 3 .   ? 1.693   -9.726  -13.319 1.00 28.16 ? 259 HOH A O     1 
HETATM 1578 O O     . HOH C 3 .   ? 0.611   -18.662 -6.443  1.00 37.94 ? 260 HOH A O     1 
HETATM 1579 O O     . HOH C 3 .   ? -8.269  2.464   -4.397  1.00 38.37 ? 261 HOH A O     1 
HETATM 1580 O O     . HOH C 3 .   ? -14.808 16.356  -1.688  1.00 38.56 ? 262 HOH A O     1 
HETATM 1581 O O     . HOH C 3 .   ? 12.433  -6.029  -0.642  1.00 45.32 ? 263 HOH A O     1 
HETATM 1582 O O     . HOH C 3 .   ? 5.494   8.194   3.526   1.00 19.72 ? 264 HOH A O     1 
HETATM 1583 O O     . HOH C 3 .   ? 15.269  21.728  0.095   1.00 36.56 ? 265 HOH A O     1 
HETATM 1584 O O     . HOH C 3 .   ? -17.749 14.954  2.768   1.00 29.68 ? 266 HOH A O     1 
HETATM 1585 O O     . HOH C 3 .   ? -15.100 13.510  4.096   1.00 28.67 ? 267 HOH A O     1 
HETATM 1586 O O     . HOH C 3 .   ? 11.035  14.547  -12.202 1.00 34.02 ? 268 HOH A O     1 
HETATM 1587 O O     . HOH C 3 .   ? -9.353  3.357   -0.435  1.00 38.19 ? 269 HOH A O     1 
HETATM 1588 O O     . HOH C 3 .   ? 2.730   14.278  6.557   1.00 42.50 ? 270 HOH A O     1 
HETATM 1589 O O     . HOH C 3 .   ? -5.817  14.093  0.745   1.00 36.06 ? 271 HOH A O     1 
HETATM 1590 O O     . HOH C 3 .   ? 0.810   1.923   -12.732 1.00 55.52 ? 272 HOH A O     1 
HETATM 1591 O O     . HOH C 3 .   ? 0.309   -7.318  -12.297 1.00 33.10 ? 273 HOH A O     1 
HETATM 1592 O O     . HOH C 3 .   ? -13.611 12.277  0.114   1.00 35.15 ? 274 HOH A O     1 
HETATM 1593 O O     . HOH C 3 .   ? -6.464  22.668  -5.774  1.00 38.73 ? 275 HOH A O     1 
HETATM 1594 O O     . HOH C 3 .   ? 6.099   -16.004 -15.187 1.00 36.66 ? 276 HOH A O     1 
HETATM 1595 O O     . HOH C 3 .   ? 11.590  10.996  -13.610 1.00 33.94 ? 277 HOH A O     1 
HETATM 1596 O O     . HOH C 3 .   ? -9.608  -16.983 1.520   1.00 43.28 ? 278 HOH A O     1 
HETATM 1597 O O     . HOH C 3 .   ? 6.444   20.493  -7.775  1.00 34.82 ? 279 HOH A O     1 
HETATM 1598 O O     . HOH C 3 .   ? -2.374  -5.239  17.936  1.00 48.38 ? 280 HOH A O     1 
HETATM 1599 O O     . HOH C 3 .   ? -13.701 14.994  1.479   1.00 36.94 ? 281 HOH A O     1 
HETATM 1600 O O     . HOH C 3 .   ? -4.452  -10.253 20.874  1.00 47.79 ? 282 HOH A O     1 
HETATM 1601 O O     . HOH C 3 .   ? 12.463  -3.081  -0.619  1.00 35.67 ? 283 HOH A O     1 
HETATM 1602 O O     . HOH C 3 .   ? -6.866  -15.366 12.326  1.00 40.64 ? 284 HOH A O     1 
HETATM 1603 O O     . HOH C 3 .   ? -11.174 13.394  0.431   1.00 49.68 ? 285 HOH A O     1 
HETATM 1604 O O     . HOH C 3 .   ? 3.526   8.676   -16.727 1.00 41.60 ? 286 HOH A O     1 
HETATM 1605 O O     . HOH C 3 .   ? -6.465  7.880   15.116  1.00 43.10 ? 287 HOH A O     1 
HETATM 1606 O O     . HOH C 3 .   ? 6.179   19.578  -0.244  1.00 35.21 ? 288 HOH A O     1 
HETATM 1607 O O     . HOH C 3 .   ? -1.795  0.813   15.535  1.00 41.36 ? 289 HOH A O     1 
HETATM 1608 O O     . HOH C 3 .   ? 8.034   17.761  -12.574 1.00 47.76 ? 290 HOH A O     1 
HETATM 1609 O O     . HOH C 3 .   ? -1.907  6.239   -16.278 1.00 44.55 ? 291 HOH A O     1 
HETATM 1610 O O     . HOH C 3 .   ? -6.075  5.958   -15.276 1.00 41.51 ? 292 HOH A O     1 
HETATM 1611 O O     . HOH C 3 .   ? 14.583  -10.520 -10.299 1.00 37.10 ? 293 HOH A O     1 
HETATM 1612 O O     . HOH C 3 .   ? 2.329   15.620  -20.801 1.00 42.89 ? 294 HOH A O     1 
HETATM 1613 O O     . HOH C 3 .   ? 0.482   -23.441 1.382   1.00 45.80 ? 295 HOH A O     1 
HETATM 1614 O O     . HOH C 3 .   ? 13.233  -2.789  7.854   1.00 41.08 ? 296 HOH A O     1 
HETATM 1615 O O     . HOH C 3 .   ? 0.158   21.360  -4.926  1.00 43.47 ? 297 HOH A O     1 
HETATM 1616 O O     . HOH C 3 .   ? -8.151  14.759  -14.119 1.00 41.33 ? 298 HOH A O     1 
HETATM 1617 O O     . HOH C 3 .   ? 5.589   23.230  -8.063  1.00 40.79 ? 299 HOH A O     1 
HETATM 1618 O O     . HOH C 3 .   ? 2.561   -19.824 -3.581  1.00 33.41 ? 300 HOH A O     1 
HETATM 1619 O O     . HOH C 3 .   ? 6.269   10.954  -15.500 1.00 39.44 ? 301 HOH A O     1 
HETATM 1620 O O     . HOH C 3 .   ? -9.827  -16.823 12.568  1.00 46.89 ? 302 HOH A O     1 
HETATM 1621 O O     . HOH C 3 .   ? -15.529 6.529   -4.013  1.00 43.52 ? 303 HOH A O     1 
HETATM 1622 O O     . HOH C 3 .   ? -1.364  -4.861  -16.309 1.00 45.72 ? 304 HOH A O     1 
HETATM 1623 O O     . HOH C 3 .   ? -14.711 -7.360  14.812  1.00 49.48 ? 305 HOH A O     1 
HETATM 1624 O O     . HOH C 3 .   ? -2.328  -23.910 -2.622  1.00 34.04 ? 306 HOH A O     1 
HETATM 1625 O O     . HOH C 3 .   ? -12.868 0.877   15.756  1.00 35.04 ? 307 HOH A O     1 
HETATM 1626 O O     . HOH C 3 .   ? -6.833  -3.514  19.611  1.00 45.80 ? 308 HOH A O     1 
HETATM 1627 O O     . HOH C 3 .   ? 14.352  -3.523  -2.380  1.00 43.49 ? 309 HOH A O     1 
HETATM 1628 O O     . HOH C 3 .   ? 12.883  0.665   -2.619  1.00 43.37 ? 310 HOH A O     1 
HETATM 1629 O O     . HOH C 3 .   ? 15.358  1.768   -5.609  1.00 45.38 ? 311 HOH A O     1 
HETATM 1630 O O     . HOH C 3 .   ? -10.879 15.415  2.370   1.00 44.81 ? 312 HOH A O     1 
HETATM 1631 O O     . HOH C 3 .   ? 0.809   -24.622 3.783   1.00 50.87 ? 313 HOH A O     1 
HETATM 1632 O O     . HOH C 3 .   ? 5.652   -4.618  -17.651 1.00 39.23 ? 314 HOH A O     1 
HETATM 1633 O O     . HOH C 3 .   ? 16.180  3.754   -13.212 1.00 52.45 ? 315 HOH A O     1 
HETATM 1634 O O     . HOH C 3 .   ? 7.098   -17.816 -8.264  1.00 45.81 ? 316 HOH A O     1 
HETATM 1635 O O     . HOH C 3 .   ? -13.521 -1.085  2.723   1.00 45.36 ? 317 HOH A O     1 
HETATM 1636 O O     . HOH C 3 .   ? 3.464   22.724  -3.380  1.00 44.84 ? 318 HOH A O     1 
HETATM 1637 O O     . HOH C 3 .   ? 13.612  13.289  -4.014  1.00 40.76 ? 319 HOH A O     1 
HETATM 1638 O O     . HOH C 3 .   ? -13.040 13.074  -10.949 1.00 48.04 ? 320 HOH A O     1 
HETATM 1639 O O     . HOH C 3 .   ? 14.233  -13.428 -2.287  1.00 46.95 ? 321 HOH A O     1 
HETATM 1640 O O     . HOH C 3 .   ? 14.253  2.069   -15.402 1.00 46.38 ? 322 HOH A O     1 
HETATM 1641 O O     . HOH C 3 .   ? 13.754  5.056   3.543   1.00 41.20 ? 323 HOH A O     1 
HETATM 1642 O O     . HOH C 3 .   ? -17.295 6.272   -1.951  1.00 47.95 ? 324 HOH A O     1 
HETATM 1643 O O     . HOH C 3 .   ? 10.521  -15.840 -5.392  1.00 42.57 ? 325 HOH A O     1 
HETATM 1644 O O     . HOH C 3 .   ? 0.062   -7.143  18.404  1.00 46.04 ? 326 HOH A O     1 
HETATM 1645 O O     . HOH C 3 .   ? -17.244 5.096   -6.748  1.00 44.34 ? 327 HOH A O     1 
HETATM 1646 O O     . HOH C 3 .   ? 13.292  -10.931 -1.020  1.00 44.05 ? 328 HOH A O     1 
HETATM 1647 O O     . HOH C 3 .   ? -9.090  -21.266 -0.849  1.00 44.16 ? 329 HOH A O     1 
HETATM 1648 O O     . HOH C 3 .   ? -17.497 15.736  0.037   1.00 36.98 ? 330 HOH A O     1 
HETATM 1649 O O     . HOH C 3 .   ? 6.013   -21.303 8.637   1.00 47.93 ? 331 HOH A O     1 
HETATM 1650 O O     . HOH C 3 .   ? 1.710   -9.445  18.874  1.00 42.83 ? 332 HOH A O     1 
HETATM 1651 O O     . HOH C 3 .   ? 0.476   -1.798  -12.275 1.00 44.18 ? 333 HOH A O     1 
HETATM 1652 O O     . HOH C 3 .   ? -4.147  0.161   -10.015 1.00 29.59 ? 334 HOH A O     1 
HETATM 1653 O O     . HOH C 3 .   ? 1.727   -19.783 6.618   1.00 62.30 ? 335 HOH A O     1 
HETATM 1654 O O     . HOH C 3 .   ? -6.399  -5.550  0.864   1.00 43.08 ? 336 HOH A O     1 
HETATM 1655 O O     . HOH C 3 .   ? 2.945   3.056   -13.755 1.00 52.56 ? 337 HOH A O     1 
HETATM 1656 O O     . HOH C 3 .   ? 6.048   -2.671  10.004  1.00 54.13 ? 338 HOH A O     1 
# 
